data_1BVP
#
_entry.id   1BVP
#
_cell.length_a   83.600
_cell.length_b   110.200
_cell.length_c   129.800
_cell.angle_alpha   90.00
_cell.angle_beta   103.10
_cell.angle_gamma   90.00
#
_symmetry.space_group_name_H-M   'P 1 21 1'
#
_entity_poly.entity_id   1
_entity_poly.type   'polypeptide(L)'
_entity_poly.pdbx_seq_one_letter_code
;MDTIAARALTVMRACATLQEARIVLEANVMEILGIAINRYNGLTLRGVTMRPTSLAQRNEMFFMCLDMMLSAAGINVGPI
SPDYTQHMATIGVLATPEIPFTTEAANEIARVTGETSTWGPARQPYGFFLETEETFQPGRWFMRAAQAVTAVVCGPDMIQ
VSLNAGARGDVQQIFQGRNDPMMIYLVWRRIENFAMAQGNSQQTQAGVTVSVGGVDMRAGRIIAWDGQAALHVHNPTQQN
AMVQIQVVFYISMDKTLNQYPALTAEIFNVYSFRDHTWHGLRTAILNRTTLPNMLPPIFPPNDRDSILTLLLLSTLADVY
TVLRPEFAIHGVNPMPGPLTRAIARAAYV
;
_entity_poly.pdbx_strand_id   1,2,3,4,5,6
#
# COMPACT_ATOMS: atom_id res chain seq x y z
N MET A 1 6.73 -61.41 40.03
CA MET A 1 7.19 -59.96 39.96
C MET A 1 6.05 -58.88 39.95
N ASP A 2 4.95 -59.18 39.25
CA ASP A 2 3.84 -58.29 39.27
C ASP A 2 3.21 -58.43 40.67
N THR A 3 3.23 -59.65 41.19
CA THR A 3 2.71 -59.97 42.53
C THR A 3 3.54 -59.26 43.58
N ILE A 4 4.84 -59.21 43.38
CA ILE A 4 5.71 -58.49 44.31
C ILE A 4 5.26 -57.03 44.40
N ALA A 5 5.01 -56.41 43.26
CA ALA A 5 4.60 -55.01 43.28
C ALA A 5 3.22 -54.86 43.93
N ALA A 6 2.30 -55.75 43.58
CA ALA A 6 0.94 -55.77 44.16
C ALA A 6 1.01 -55.87 45.71
N ARG A 7 1.95 -56.67 46.22
CA ARG A 7 2.13 -56.78 47.67
C ARG A 7 2.67 -55.52 48.32
N ALA A 8 3.73 -54.95 47.74
CA ALA A 8 4.31 -53.72 48.30
C ALA A 8 3.25 -52.62 48.38
N LEU A 9 2.49 -52.49 47.29
CA LEU A 9 1.41 -51.52 47.18
C LEU A 9 0.34 -51.74 48.25
N THR A 10 -0.07 -53.00 48.40
CA THR A 10 -1.07 -53.40 49.41
C THR A 10 -0.61 -53.03 50.81
N VAL A 11 0.62 -53.38 51.15
CA VAL A 11 1.16 -53.06 52.47
C VAL A 11 1.27 -51.59 52.75
N MET A 12 1.76 -50.83 51.75
CA MET A 12 1.92 -49.39 51.93
C MET A 12 0.58 -48.69 52.07
N ARG A 13 -0.42 -49.09 51.30
CA ARG A 13 -1.73 -48.44 51.43
C ARG A 13 -2.35 -48.76 52.80
N ALA A 14 -2.05 -49.94 53.36
CA ALA A 14 -2.55 -50.35 54.67
C ALA A 14 -1.89 -49.48 55.74
N CYS A 15 -0.59 -49.24 55.60
CA CYS A 15 0.08 -48.42 56.59
C CYS A 15 -0.46 -46.98 56.60
N ALA A 16 -0.94 -46.49 55.45
CA ALA A 16 -1.46 -45.12 55.37
C ALA A 16 -2.77 -45.01 56.12
N THR A 17 -3.26 -46.13 56.59
CA THR A 17 -4.50 -46.22 57.34
C THR A 17 -4.28 -45.83 58.81
N LEU A 18 -3.06 -46.06 59.31
CA LEU A 18 -2.68 -45.76 60.68
C LEU A 18 -2.62 -44.29 61.02
N GLN A 19 -3.73 -43.59 60.79
CA GLN A 19 -3.80 -42.17 61.03
C GLN A 19 -3.63 -41.81 62.49
N GLU A 20 -4.18 -42.61 63.37
CA GLU A 20 -4.06 -42.26 64.77
C GLU A 20 -3.81 -43.48 65.67
N ALA A 21 -3.62 -43.21 66.95
CA ALA A 21 -3.31 -44.23 67.93
C ALA A 21 -4.42 -45.21 68.34
N ARG A 22 -5.58 -44.69 68.75
CA ARG A 22 -6.65 -45.55 69.21
C ARG A 22 -7.76 -46.01 68.25
N ILE A 23 -7.72 -45.56 67.00
CA ILE A 23 -8.72 -45.94 66.00
C ILE A 23 -8.86 -47.45 65.81
N VAL A 24 -9.99 -47.92 65.30
CA VAL A 24 -10.11 -49.36 65.10
C VAL A 24 -9.99 -49.69 63.62
N LEU A 25 -9.11 -50.65 63.36
CA LEU A 25 -8.86 -51.06 62.01
C LEU A 25 -9.89 -51.95 61.39
N GLU A 26 -10.05 -51.79 60.08
CA GLU A 26 -10.95 -52.62 59.30
C GLU A 26 -10.17 -53.99 59.42
N ALA A 27 -10.89 -55.11 59.53
CA ALA A 27 -10.23 -56.42 59.71
C ALA A 27 -9.20 -56.79 58.65
N ASN A 28 -9.61 -56.55 57.42
CA ASN A 28 -8.82 -56.77 56.24
C ASN A 28 -7.37 -56.22 56.44
N VAL A 29 -7.27 -54.99 56.94
CA VAL A 29 -5.99 -54.34 57.20
C VAL A 29 -5.12 -55.06 58.20
N MET A 30 -5.71 -55.47 59.33
CA MET A 30 -4.95 -56.16 60.35
C MET A 30 -4.46 -57.52 59.89
N GLU A 31 -5.27 -58.21 59.09
CA GLU A 31 -4.88 -59.51 58.58
C GLU A 31 -3.61 -59.40 57.73
N ILE A 32 -3.56 -58.36 56.88
CA ILE A 32 -2.43 -58.10 55.99
C ILE A 32 -1.18 -57.60 56.73
N LEU A 33 -1.34 -56.56 57.56
CA LEU A 33 -0.22 -56.02 58.32
C LEU A 33 0.38 -57.07 59.20
N GLY A 34 -0.47 -57.89 59.80
CA GLY A 34 -0.01 -58.95 60.66
C GLY A 34 0.98 -59.84 59.96
N ILE A 35 0.55 -60.45 58.86
CA ILE A 35 1.42 -61.34 58.10
C ILE A 35 2.66 -60.66 57.55
N ALA A 36 2.46 -59.50 56.93
CA ALA A 36 3.54 -58.76 56.33
C ALA A 36 4.59 -58.35 57.33
N ILE A 37 4.15 -57.74 58.43
CA ILE A 37 5.09 -57.29 59.43
C ILE A 37 5.83 -58.44 60.08
N ASN A 38 5.14 -59.55 60.25
CA ASN A 38 5.77 -60.72 60.83
C ASN A 38 6.88 -61.22 59.86
N ARG A 39 6.57 -61.44 58.57
CA ARG A 39 7.62 -61.91 57.63
C ARG A 39 8.77 -60.93 57.59
N TYR A 40 8.44 -59.66 57.49
CA TYR A 40 9.41 -58.62 57.42
C TYR A 40 10.36 -58.62 58.62
N ASN A 41 9.82 -58.51 59.84
CA ASN A 41 10.66 -58.51 61.04
C ASN A 41 11.52 -59.79 61.13
N GLY A 42 10.97 -60.91 60.66
CA GLY A 42 11.73 -62.13 60.71
C GLY A 42 12.95 -62.21 59.83
N LEU A 43 12.81 -61.85 58.56
CA LEU A 43 13.91 -61.90 57.60
C LEU A 43 14.87 -60.72 57.68
N THR A 44 14.44 -59.68 58.37
CA THR A 44 15.15 -58.42 58.49
C THR A 44 15.75 -58.12 59.86
N LEU A 45 15.08 -58.61 60.90
CA LEU A 45 15.48 -58.41 62.28
C LEU A 45 15.16 -57.02 62.77
N ARG A 46 14.20 -56.39 62.12
CA ARG A 46 13.78 -55.09 62.59
C ARG A 46 12.60 -55.34 63.53
N GLY A 47 12.08 -54.32 64.20
CA GLY A 47 11.00 -54.59 65.12
C GLY A 47 9.85 -53.65 64.89
N VAL A 48 9.24 -53.80 63.72
CA VAL A 48 8.13 -52.94 63.35
C VAL A 48 6.90 -53.37 64.20
N THR A 49 6.14 -52.42 64.73
CA THR A 49 4.93 -52.71 65.51
C THR A 49 3.77 -52.51 64.56
N MET A 50 2.62 -53.14 64.83
CA MET A 50 1.44 -52.94 64.00
C MET A 50 0.77 -51.61 64.30
N ARG A 51 0.89 -51.09 65.51
CA ARG A 51 0.27 -49.82 65.82
C ARG A 51 1.32 -48.92 66.46
N PRO A 52 2.06 -48.16 65.63
CA PRO A 52 3.12 -47.25 66.05
C PRO A 52 2.61 -46.04 66.83
N THR A 53 3.29 -45.66 67.89
CA THR A 53 2.90 -44.49 68.68
C THR A 53 4.06 -43.48 68.74
N SER A 54 5.22 -43.94 69.20
CA SER A 54 6.38 -43.08 69.27
C SER A 54 6.98 -42.79 67.88
N LEU A 55 7.79 -41.76 67.81
CA LEU A 55 8.48 -41.38 66.59
C LEU A 55 9.36 -42.53 66.13
N ALA A 56 10.02 -43.18 67.08
CA ALA A 56 10.89 -44.27 66.71
C ALA A 56 10.15 -45.41 66.01
N GLN A 57 8.90 -45.63 66.44
CA GLN A 57 8.09 -46.69 65.85
C GLN A 57 7.57 -46.33 64.47
N ARG A 58 7.27 -45.05 64.30
CA ARG A 58 6.81 -44.52 63.03
C ARG A 58 7.93 -44.59 62.00
N ASN A 59 9.14 -44.19 62.40
CA ASN A 59 10.28 -44.25 61.50
C ASN A 59 10.50 -45.68 61.03
N GLU A 60 10.45 -46.59 62.00
CA GLU A 60 10.68 -47.99 61.72
C GLU A 60 9.65 -48.55 60.72
N MET A 61 8.38 -48.16 60.86
CA MET A 61 7.35 -48.63 59.93
C MET A 61 7.57 -48.00 58.56
N PHE A 62 7.91 -46.71 58.56
CA PHE A 62 8.19 -46.01 57.32
C PHE A 62 9.37 -46.68 56.60
N PHE A 63 10.41 -47.05 57.35
CA PHE A 63 11.54 -47.70 56.73
C PHE A 63 11.15 -49.02 56.11
N MET A 64 10.14 -49.67 56.68
CA MET A 64 9.67 -50.95 56.15
C MET A 64 9.04 -50.68 54.79
N CYS A 65 8.28 -49.60 54.71
CA CYS A 65 7.62 -49.22 53.47
C CYS A 65 8.66 -48.81 52.42
N LEU A 66 9.66 -48.03 52.85
CA LEU A 66 10.73 -47.62 51.96
C LEU A 66 11.42 -48.87 51.39
N ASP A 67 11.71 -49.84 52.24
CA ASP A 67 12.36 -51.07 51.78
C ASP A 67 11.53 -51.78 50.75
N MET A 68 10.24 -51.85 51.01
CA MET A 68 9.31 -52.53 50.13
C MET A 68 9.15 -51.83 48.80
N MET A 69 9.10 -50.50 48.83
CA MET A 69 9.00 -49.69 47.61
C MET A 69 10.29 -49.93 46.77
N LEU A 70 11.47 -49.79 47.38
CA LEU A 70 12.70 -49.99 46.62
C LEU A 70 12.83 -51.38 46.06
N SER A 71 12.45 -52.39 46.83
CA SER A 71 12.56 -53.77 46.32
C SER A 71 11.62 -54.03 45.16
N ALA A 72 10.40 -53.52 45.24
CA ALA A 72 9.44 -53.74 44.16
C ALA A 72 9.87 -52.99 42.89
N ALA A 73 10.50 -51.82 43.06
CA ALA A 73 10.95 -50.99 41.95
C ALA A 73 12.28 -51.46 41.37
N GLY A 74 12.99 -52.30 42.11
CA GLY A 74 14.26 -52.83 41.64
C GLY A 74 15.42 -51.88 41.82
N ILE A 75 15.27 -50.93 42.71
CA ILE A 75 16.27 -49.91 42.99
C ILE A 75 17.12 -50.18 44.22
N ASN A 76 18.38 -49.78 44.17
CA ASN A 76 19.27 -49.91 45.28
C ASN A 76 19.76 -48.46 45.53
N VAL A 77 19.22 -47.77 46.53
CA VAL A 77 19.57 -46.38 46.80
C VAL A 77 20.98 -46.05 47.19
N GLY A 78 21.66 -46.99 47.84
CA GLY A 78 23.01 -46.68 48.27
C GLY A 78 22.95 -46.02 49.64
N PRO A 79 24.10 -45.68 50.21
CA PRO A 79 24.13 -45.04 51.53
C PRO A 79 23.66 -43.61 51.56
N ILE A 80 22.36 -43.41 51.64
CA ILE A 80 21.83 -42.05 51.66
C ILE A 80 21.58 -41.56 53.06
N SER A 81 21.68 -42.45 54.03
CA SER A 81 21.34 -42.04 55.38
C SER A 81 22.01 -42.76 56.51
N PRO A 82 22.32 -42.02 57.57
CA PRO A 82 22.97 -42.60 58.76
C PRO A 82 21.90 -43.30 59.63
N ASP A 83 20.63 -43.02 59.34
CA ASP A 83 19.51 -43.55 60.08
C ASP A 83 18.83 -44.71 59.42
N TYR A 84 18.97 -44.81 58.11
CA TYR A 84 18.31 -45.89 57.37
C TYR A 84 19.29 -46.64 56.51
N THR A 85 19.16 -47.95 56.54
CA THR A 85 19.99 -48.81 55.72
C THR A 85 19.05 -49.76 54.99
N GLN A 86 19.10 -49.76 53.68
CA GLN A 86 18.23 -50.62 52.91
C GLN A 86 18.54 -52.10 53.13
N HIS A 87 17.48 -52.89 53.33
CA HIS A 87 17.59 -54.33 53.55
C HIS A 87 17.18 -55.06 52.32
N MET A 88 18.17 -55.57 51.63
CA MET A 88 17.99 -56.31 50.39
C MET A 88 17.13 -57.58 50.53
N ALA A 89 17.09 -58.14 51.74
CA ALA A 89 16.28 -59.34 51.98
C ALA A 89 14.77 -59.10 51.79
N THR A 90 14.35 -57.83 51.73
CA THR A 90 12.95 -57.47 51.58
C THR A 90 12.31 -58.13 50.35
N ILE A 91 13.11 -58.38 49.33
CA ILE A 91 12.59 -59.03 48.13
C ILE A 91 12.03 -60.41 48.49
N GLY A 92 12.67 -61.09 49.46
CA GLY A 92 12.23 -62.40 49.91
C GLY A 92 10.91 -62.26 50.65
N VAL A 93 10.78 -61.19 51.41
CA VAL A 93 9.53 -60.94 52.11
C VAL A 93 8.40 -60.80 51.09
N LEU A 94 8.59 -59.92 50.11
CA LEU A 94 7.58 -59.67 49.09
C LEU A 94 7.25 -60.85 48.16
N ALA A 95 8.16 -61.83 48.07
CA ALA A 95 7.89 -63.00 47.21
C ALA A 95 7.19 -64.13 47.97
N THR A 96 6.85 -63.92 49.24
CA THR A 96 6.18 -64.90 50.10
C THR A 96 4.69 -64.98 49.70
N PRO A 97 4.26 -66.12 49.15
CA PRO A 97 2.87 -66.28 48.73
C PRO A 97 1.82 -66.17 49.80
N GLU A 98 2.23 -66.10 51.06
CA GLU A 98 1.26 -66.00 52.12
C GLU A 98 0.82 -64.58 52.39
N ILE A 99 1.58 -63.58 51.93
CA ILE A 99 1.16 -62.18 52.12
C ILE A 99 0.15 -61.91 51.01
N PRO A 100 -1.10 -61.60 51.39
CA PRO A 100 -2.10 -61.34 50.35
C PRO A 100 -2.04 -59.90 49.78
N PHE A 101 -2.53 -59.73 48.56
CA PHE A 101 -2.59 -58.40 47.95
C PHE A 101 -4.07 -58.13 47.66
N THR A 102 -4.47 -56.87 47.67
CA THR A 102 -5.86 -56.53 47.43
C THR A 102 -6.26 -56.50 45.94
N THR A 103 -7.55 -56.59 45.70
CA THR A 103 -8.12 -56.50 44.36
C THR A 103 -7.67 -55.17 43.69
N GLU A 104 -7.68 -54.05 44.43
CA GLU A 104 -7.25 -52.74 43.92
C GLU A 104 -5.80 -52.81 43.45
N ALA A 105 -4.91 -53.26 44.33
CA ALA A 105 -3.52 -53.30 43.94
C ALA A 105 -3.29 -54.24 42.73
N ALA A 106 -3.97 -55.35 42.73
CA ALA A 106 -3.80 -56.33 41.66
C ALA A 106 -4.19 -55.71 40.34
N ASN A 107 -5.37 -55.10 40.33
CA ASN A 107 -5.89 -54.47 39.14
C ASN A 107 -5.05 -53.29 38.64
N GLU A 108 -4.49 -52.56 39.58
CA GLU A 108 -3.63 -51.46 39.23
C GLU A 108 -2.33 -51.96 38.54
N ILE A 109 -1.73 -53.02 39.07
CA ILE A 109 -0.54 -53.57 38.45
C ILE A 109 -0.86 -54.18 37.10
N ALA A 110 -2.01 -54.80 36.95
CA ALA A 110 -2.39 -55.40 35.66
C ALA A 110 -2.45 -54.31 34.60
N ARG A 111 -2.97 -53.15 35.02
CA ARG A 111 -3.02 -52.04 34.12
C ARG A 111 -1.62 -51.60 33.71
N VAL A 112 -0.76 -51.32 34.69
CA VAL A 112 0.58 -50.90 34.37
C VAL A 112 1.22 -51.90 33.40
N THR A 113 1.08 -53.17 33.69
CA THR A 113 1.69 -54.13 32.81
C THR A 113 1.03 -54.20 31.44
N GLY A 114 -0.29 -54.24 31.42
CA GLY A 114 -0.98 -54.34 30.16
C GLY A 114 -0.74 -53.20 29.20
N GLU A 115 -0.88 -51.94 29.65
CA GLU A 115 -0.70 -50.84 28.71
C GLU A 115 0.72 -50.61 28.27
N THR A 116 1.63 -50.77 29.21
CA THR A 116 3.05 -50.56 29.02
C THR A 116 3.70 -51.52 28.06
N SER A 117 3.14 -52.70 27.94
CA SER A 117 3.77 -53.70 27.10
C SER A 117 3.24 -53.72 25.66
N THR A 118 2.31 -52.84 25.34
CA THR A 118 1.76 -52.77 24.00
C THR A 118 1.72 -51.33 23.52
N TRP A 119 0.95 -51.07 22.46
CA TRP A 119 0.83 -49.74 21.86
C TRP A 119 -0.61 -49.53 21.52
N GLY A 120 -1.02 -48.27 21.47
CA GLY A 120 -2.39 -47.95 21.13
C GLY A 120 -2.47 -46.49 20.73
N PRO A 121 -3.46 -46.12 19.93
CA PRO A 121 -3.63 -44.72 19.49
C PRO A 121 -3.98 -43.76 20.61
N ALA A 122 -3.38 -42.57 20.58
CA ALA A 122 -3.65 -41.55 21.57
C ALA A 122 -3.47 -40.12 21.02
N ARG A 123 -4.38 -39.20 21.39
CA ARG A 123 -4.29 -37.78 21.00
C ARG A 123 -2.98 -37.25 21.59
N GLN A 124 -2.07 -36.78 20.73
CA GLN A 124 -0.79 -36.20 21.16
C GLN A 124 -1.05 -34.78 21.69
N PRO A 125 -0.24 -34.32 22.65
CA PRO A 125 -0.31 -33.01 23.32
C PRO A 125 0.00 -31.69 22.63
N TYR A 126 1.02 -31.70 21.78
CA TYR A 126 1.44 -30.48 21.13
C TYR A 126 1.05 -30.32 19.68
N GLY A 127 1.36 -29.14 19.14
CA GLY A 127 1.03 -28.84 17.76
C GLY A 127 1.74 -29.78 16.81
N PHE A 128 1.04 -30.16 15.75
CA PHE A 128 1.60 -31.07 14.76
C PHE A 128 2.94 -30.58 14.21
N PHE A 129 3.10 -29.26 14.10
CA PHE A 129 4.32 -28.65 13.56
C PHE A 129 5.16 -27.96 14.59
N LEU A 130 5.10 -28.41 15.83
CA LEU A 130 5.90 -27.81 16.86
C LEU A 130 7.40 -27.83 16.54
N GLU A 131 7.87 -28.87 15.90
CA GLU A 131 9.30 -28.92 15.66
C GLU A 131 9.73 -28.50 14.28
N THR A 132 9.45 -27.24 13.96
CA THR A 132 9.80 -26.64 12.68
C THR A 132 10.79 -25.50 12.94
N GLU A 133 11.77 -25.35 12.05
CA GLU A 133 12.77 -24.30 12.24
C GLU A 133 12.36 -22.95 11.70
N GLU A 134 11.46 -22.95 10.72
CA GLU A 134 11.01 -21.73 10.07
C GLU A 134 9.51 -21.65 10.08
N THR A 135 9.00 -20.44 10.09
CA THR A 135 7.57 -20.20 10.04
C THR A 135 7.33 -18.94 9.13
N PHE A 136 6.16 -18.87 8.50
CA PHE A 136 5.78 -17.79 7.60
C PHE A 136 4.68 -16.93 8.16
N GLN A 137 4.76 -15.60 8.01
CA GLN A 137 3.69 -14.73 8.52
C GLN A 137 2.32 -15.21 8.08
N PRO A 138 1.43 -15.41 9.04
CA PRO A 138 0.08 -15.87 8.68
C PRO A 138 -0.70 -14.89 7.83
N GLY A 139 -1.31 -15.41 6.78
CA GLY A 139 -2.14 -14.61 5.90
C GLY A 139 -1.45 -13.68 4.93
N ARG A 140 -0.18 -13.93 4.66
CA ARG A 140 0.57 -13.15 3.71
C ARG A 140 0.98 -14.10 2.63
N TRP A 141 0.68 -13.69 1.40
CA TRP A 141 0.94 -14.42 0.19
C TRP A 141 2.42 -14.79 0.03
N PHE A 142 2.64 -15.97 -0.50
CA PHE A 142 4.01 -16.43 -0.73
C PHE A 142 3.98 -17.61 -1.67
N MET A 143 4.61 -17.40 -2.82
CA MET A 143 4.67 -18.39 -3.86
C MET A 143 6.13 -18.65 -4.21
N ARG A 144 6.50 -19.93 -4.19
CA ARG A 144 7.87 -20.33 -4.49
C ARG A 144 8.04 -20.22 -6.01
N ALA A 145 9.18 -19.67 -6.42
CA ALA A 145 9.49 -19.45 -7.85
C ALA A 145 9.20 -20.67 -8.70
N ALA A 146 8.39 -20.46 -9.75
CA ALA A 146 8.02 -21.53 -10.69
C ALA A 146 6.82 -22.40 -10.34
N GLN A 147 6.26 -22.26 -9.15
CA GLN A 147 5.11 -23.07 -8.78
C GLN A 147 3.82 -22.25 -8.85
N ALA A 148 2.68 -22.92 -8.96
CA ALA A 148 1.39 -22.23 -9.01
C ALA A 148 0.65 -22.31 -7.67
N VAL A 149 1.04 -23.30 -6.86
CA VAL A 149 0.49 -23.46 -5.51
C VAL A 149 1.68 -23.67 -4.60
N THR A 150 1.69 -22.96 -3.47
CA THR A 150 2.75 -23.07 -2.48
C THR A 150 2.16 -23.13 -1.07
N ALA A 151 2.44 -24.27 -0.40
CA ALA A 151 2.00 -24.56 0.97
C ALA A 151 3.15 -24.22 1.88
N VAL A 152 2.83 -23.62 3.00
CA VAL A 152 3.89 -23.21 3.91
C VAL A 152 3.35 -23.27 5.37
N VAL A 153 4.23 -23.50 6.37
CA VAL A 153 3.72 -23.54 7.75
C VAL A 153 3.66 -22.16 8.38
N CYS A 154 2.54 -21.84 9.02
CA CYS A 154 2.37 -20.55 9.65
C CYS A 154 2.06 -20.57 11.13
N GLY A 155 2.18 -21.73 11.75
CA GLY A 155 1.90 -21.84 13.17
C GLY A 155 2.31 -23.21 13.59
N PRO A 156 2.26 -23.52 14.89
CA PRO A 156 2.65 -24.85 15.43
C PRO A 156 1.65 -25.90 15.01
N ASP A 157 0.46 -25.47 14.60
CA ASP A 157 -0.62 -26.36 14.20
C ASP A 157 -1.27 -25.94 12.91
N MET A 158 -0.55 -25.16 12.11
CA MET A 158 -1.17 -24.59 10.93
C MET A 158 -0.33 -24.43 9.67
N ILE A 159 -0.99 -24.58 8.52
CA ILE A 159 -0.34 -24.32 7.24
C ILE A 159 -1.32 -23.47 6.43
N GLN A 160 -0.76 -22.73 5.45
CA GLN A 160 -1.57 -21.90 4.54
C GLN A 160 -1.02 -22.20 3.17
N VAL A 161 -1.91 -22.18 2.19
CA VAL A 161 -1.57 -22.47 0.81
C VAL A 161 -1.99 -21.28 -0.04
N SER A 162 -1.07 -20.79 -0.89
CA SER A 162 -1.32 -19.68 -1.83
C SER A 162 -1.60 -20.33 -3.17
N LEU A 163 -2.71 -19.98 -3.80
CA LEU A 163 -3.04 -20.54 -5.12
C LEU A 163 -3.16 -19.43 -6.20
N ASN A 164 -2.48 -19.61 -7.34
CA ASN A 164 -2.61 -18.67 -8.47
C ASN A 164 -4.02 -18.91 -9.06
N ALA A 165 -4.54 -17.93 -9.81
CA ALA A 165 -5.86 -18.10 -10.42
C ALA A 165 -5.86 -19.36 -11.26
N GLY A 166 -6.93 -20.14 -11.11
CA GLY A 166 -7.06 -21.41 -11.84
C GLY A 166 -6.15 -22.57 -11.44
N ALA A 167 -5.24 -22.37 -10.49
CA ALA A 167 -4.29 -23.42 -10.06
C ALA A 167 -4.86 -24.60 -9.23
N ARG A 168 -4.13 -25.71 -9.26
CA ARG A 168 -4.51 -26.93 -8.55
C ARG A 168 -3.23 -27.69 -8.25
N GLY A 169 -3.22 -28.39 -7.10
CA GLY A 169 -2.06 -29.15 -6.70
C GLY A 169 -2.28 -29.97 -5.45
N ASP A 170 -1.33 -30.86 -5.17
CA ASP A 170 -1.38 -31.74 -4.02
C ASP A 170 -0.55 -31.08 -2.92
N VAL A 171 -1.04 -31.17 -1.70
CA VAL A 171 -0.40 -30.51 -0.60
C VAL A 171 0.12 -31.42 0.54
N GLN A 172 -0.18 -32.70 0.47
CA GLN A 172 0.22 -33.64 1.52
C GLN A 172 1.67 -33.72 1.98
N GLN A 173 2.64 -33.56 1.10
CA GLN A 173 4.04 -33.70 1.52
C GLN A 173 4.51 -32.76 2.60
N ILE A 174 3.79 -31.66 2.83
CA ILE A 174 4.19 -30.67 3.86
C ILE A 174 3.99 -31.33 5.24
N PHE A 175 3.03 -32.25 5.29
CA PHE A 175 2.65 -32.99 6.48
C PHE A 175 3.47 -34.26 6.75
N GLN A 176 4.13 -34.78 5.72
CA GLN A 176 4.88 -36.04 5.82
C GLN A 176 6.26 -35.98 6.45
N GLY A 177 6.72 -37.13 6.94
CA GLY A 177 8.04 -37.21 7.56
C GLY A 177 8.18 -36.74 9.00
N ARG A 178 7.16 -36.10 9.54
CA ARG A 178 7.18 -35.62 10.92
C ARG A 178 6.16 -36.42 11.71
N ASN A 179 6.56 -36.81 12.93
CA ASN A 179 5.71 -37.60 13.83
C ASN A 179 5.45 -38.94 13.15
N ASP A 180 4.46 -39.68 13.61
CA ASP A 180 4.24 -40.96 12.95
C ASP A 180 2.77 -41.13 13.22
N PRO A 181 1.97 -40.21 12.66
CA PRO A 181 0.53 -40.21 12.85
C PRO A 181 -0.20 -41.39 12.26
N MET A 182 -1.33 -41.69 12.88
CA MET A 182 -2.22 -42.75 12.46
C MET A 182 -3.41 -42.04 11.85
N MET A 183 -3.72 -40.86 12.37
CA MET A 183 -4.82 -40.08 11.84
C MET A 183 -4.54 -38.62 12.17
N ILE A 184 -4.90 -37.72 11.24
CA ILE A 184 -4.67 -36.29 11.40
C ILE A 184 -6.03 -35.67 11.20
N TYR A 185 -6.44 -34.83 12.15
CA TYR A 185 -7.74 -34.20 12.07
C TYR A 185 -7.57 -32.75 11.68
N LEU A 186 -8.07 -32.48 10.49
CA LEU A 186 -8.01 -31.22 9.81
C LEU A 186 -9.28 -30.42 9.73
N VAL A 187 -9.12 -29.12 9.58
CA VAL A 187 -10.25 -28.24 9.23
C VAL A 187 -9.63 -27.15 8.37
N TRP A 188 -10.20 -26.93 7.19
CA TRP A 188 -9.68 -25.92 6.25
C TRP A 188 -10.59 -24.73 6.11
N ARG A 189 -9.99 -23.56 5.97
CA ARG A 189 -10.76 -22.34 5.84
C ARG A 189 -10.23 -21.48 4.67
N ARG A 190 -11.10 -20.66 4.12
CA ARG A 190 -10.71 -19.70 3.09
C ARG A 190 -10.16 -18.51 3.86
N ILE A 191 -8.97 -18.02 3.52
CA ILE A 191 -8.45 -16.81 4.19
C ILE A 191 -9.10 -15.67 3.38
N GLU A 192 -10.17 -15.11 3.94
CA GLU A 192 -10.98 -14.08 3.31
C GLU A 192 -10.29 -12.77 3.00
N ASN A 193 -9.26 -12.40 3.77
CA ASN A 193 -8.55 -11.13 3.55
C ASN A 193 -7.09 -11.38 3.85
N PHE A 194 -6.24 -11.36 2.82
CA PHE A 194 -4.81 -11.59 3.01
C PHE A 194 -3.93 -10.50 2.38
N ALA A 195 -2.66 -10.52 2.72
CA ALA A 195 -1.70 -9.55 2.24
C ALA A 195 -0.98 -10.07 1.03
N MET A 196 -0.88 -9.23 -0.01
CA MET A 196 -0.16 -9.58 -1.23
C MET A 196 1.31 -9.28 -0.93
N ALA A 197 2.24 -9.80 -1.73
CA ALA A 197 3.66 -9.56 -1.44
C ALA A 197 4.02 -8.08 -1.23
N GLN A 198 3.30 -7.24 -1.96
CA GLN A 198 3.48 -5.80 -1.86
C GLN A 198 2.90 -5.21 -0.60
N GLY A 199 1.87 -5.82 -0.02
CA GLY A 199 1.35 -5.26 1.20
C GLY A 199 -0.10 -4.93 1.13
N ASN A 200 -0.67 -4.97 -0.06
CA ASN A 200 -2.07 -4.63 -0.24
C ASN A 200 -2.98 -5.83 -0.01
N SER A 201 -4.17 -5.58 0.51
CA SER A 201 -5.14 -6.62 0.76
C SER A 201 -5.71 -7.25 -0.50
N GLN A 202 -6.11 -8.50 -0.39
CA GLN A 202 -6.70 -9.24 -1.48
C GLN A 202 -7.75 -10.18 -0.84
N GLN A 203 -8.79 -10.52 -1.58
CA GLN A 203 -9.84 -11.41 -1.09
C GLN A 203 -9.77 -12.76 -1.75
N THR A 204 -10.29 -13.78 -1.07
CA THR A 204 -10.37 -15.11 -1.65
C THR A 204 -11.82 -15.28 -2.04
N GLN A 205 -12.07 -15.51 -3.32
CA GLN A 205 -13.44 -15.68 -3.83
C GLN A 205 -13.96 -17.06 -3.44
N ALA A 206 -15.25 -17.19 -3.24
CA ALA A 206 -15.79 -18.51 -2.91
C ALA A 206 -15.61 -19.38 -4.16
N GLY A 207 -15.42 -20.68 -3.98
CA GLY A 207 -15.27 -21.52 -5.15
C GLY A 207 -14.08 -22.43 -5.04
N VAL A 208 -13.17 -22.09 -4.12
CA VAL A 208 -11.98 -22.89 -3.87
C VAL A 208 -12.42 -24.20 -3.25
N THR A 209 -11.73 -25.28 -3.60
CA THR A 209 -12.07 -26.58 -3.05
C THR A 209 -10.86 -27.33 -2.52
N VAL A 210 -11.12 -28.17 -1.52
CA VAL A 210 -10.12 -29.04 -0.91
C VAL A 210 -10.75 -30.43 -0.99
N SER A 211 -9.98 -31.41 -1.43
CA SER A 211 -10.52 -32.75 -1.53
C SER A 211 -9.50 -33.72 -0.94
N VAL A 212 -10.02 -34.76 -0.29
CA VAL A 212 -9.15 -35.75 0.35
C VAL A 212 -9.41 -37.07 -0.33
N GLY A 213 -8.36 -37.66 -0.90
CA GLY A 213 -8.50 -38.92 -1.61
C GLY A 213 -9.56 -38.87 -2.71
N GLY A 214 -9.69 -37.71 -3.38
CA GLY A 214 -10.66 -37.59 -4.44
C GLY A 214 -12.03 -37.10 -4.04
N VAL A 215 -12.38 -37.20 -2.77
CA VAL A 215 -13.69 -36.74 -2.31
C VAL A 215 -13.64 -35.29 -1.78
N ASP A 216 -14.68 -34.54 -2.10
CA ASP A 216 -14.74 -33.14 -1.71
C ASP A 216 -15.09 -32.89 -0.27
N MET A 217 -14.29 -32.08 0.40
CA MET A 217 -14.53 -31.75 1.80
C MET A 217 -14.92 -30.30 2.04
N ARG A 218 -15.99 -30.07 2.80
CA ARG A 218 -16.44 -28.73 3.15
C ARG A 218 -15.47 -28.03 4.08
N ALA A 219 -15.51 -26.71 4.08
CA ALA A 219 -14.62 -25.96 4.94
C ALA A 219 -15.32 -25.88 6.28
N GLY A 220 -14.53 -25.69 7.33
CA GLY A 220 -15.05 -25.55 8.69
C GLY A 220 -15.67 -26.75 9.36
N ARG A 221 -15.28 -27.94 8.93
CA ARG A 221 -15.78 -29.19 9.49
C ARG A 221 -14.54 -30.06 9.63
N ILE A 222 -14.48 -30.81 10.73
CA ILE A 222 -13.35 -31.71 10.99
C ILE A 222 -13.27 -32.84 9.98
N ILE A 223 -12.06 -33.09 9.51
CA ILE A 223 -11.81 -34.11 8.55
C ILE A 223 -10.82 -35.11 9.15
N ALA A 224 -11.16 -36.38 9.04
CA ALA A 224 -10.31 -37.44 9.52
C ALA A 224 -9.45 -37.85 8.33
N TRP A 225 -8.19 -37.49 8.35
CA TRP A 225 -7.30 -37.81 7.24
C TRP A 225 -6.20 -38.76 7.68
N ASP A 226 -6.00 -39.82 6.92
CA ASP A 226 -4.98 -40.81 7.22
C ASP A 226 -3.57 -40.39 6.97
N GLY A 227 -3.37 -39.21 6.40
CA GLY A 227 -2.02 -38.74 6.14
C GLY A 227 -1.38 -39.29 4.89
N GLN A 228 -2.06 -40.21 4.19
CA GLN A 228 -1.52 -40.81 2.96
C GLN A 228 -2.29 -40.34 1.73
N ALA A 229 -3.63 -40.41 1.80
CA ALA A 229 -4.49 -39.99 0.71
C ALA A 229 -4.14 -38.59 0.27
N ALA A 230 -4.28 -38.32 -1.03
CA ALA A 230 -3.94 -36.99 -1.57
C ALA A 230 -4.83 -35.86 -1.07
N LEU A 231 -4.15 -34.80 -0.67
CA LEU A 231 -4.79 -33.59 -0.15
C LEU A 231 -4.68 -32.61 -1.30
N HIS A 232 -5.77 -32.47 -2.03
CA HIS A 232 -5.80 -31.68 -3.24
C HIS A 232 -6.55 -30.34 -3.18
N VAL A 233 -5.83 -29.25 -3.38
CA VAL A 233 -6.45 -27.93 -3.37
C VAL A 233 -6.65 -27.43 -4.81
N HIS A 234 -7.80 -26.85 -5.09
CA HIS A 234 -8.13 -26.35 -6.41
C HIS A 234 -8.78 -24.96 -6.34
N ASN A 235 -8.18 -24.00 -7.06
CA ASN A 235 -8.69 -22.62 -7.16
C ASN A 235 -9.28 -22.44 -8.56
N PRO A 236 -10.58 -22.67 -8.74
CA PRO A 236 -11.21 -22.51 -10.06
C PRO A 236 -11.48 -21.04 -10.37
N THR A 237 -11.22 -20.21 -9.38
CA THR A 237 -11.41 -18.79 -9.39
C THR A 237 -10.41 -18.05 -10.30
N GLN A 238 -10.82 -16.86 -10.75
CA GLN A 238 -9.99 -16.04 -11.64
C GLN A 238 -9.10 -15.03 -10.92
N GLN A 239 -8.86 -15.26 -9.64
CA GLN A 239 -8.05 -14.39 -8.80
C GLN A 239 -7.21 -15.25 -7.88
N ASN A 240 -6.21 -14.65 -7.23
CA ASN A 240 -5.38 -15.40 -6.29
C ASN A 240 -6.26 -15.80 -5.10
N ALA A 241 -5.90 -16.93 -4.49
CA ALA A 241 -6.62 -17.43 -3.33
C ALA A 241 -5.66 -17.95 -2.27
N MET A 242 -6.12 -17.94 -1.02
CA MET A 242 -5.35 -18.48 0.10
C MET A 242 -6.26 -19.34 1.00
N VAL A 243 -5.78 -20.52 1.37
CA VAL A 243 -6.58 -21.33 2.30
C VAL A 243 -5.72 -21.69 3.48
N GLN A 244 -6.32 -21.75 4.68
CA GLN A 244 -5.57 -22.23 5.85
C GLN A 244 -6.05 -23.62 6.18
N ILE A 245 -5.11 -24.48 6.54
CA ILE A 245 -5.44 -25.84 6.92
C ILE A 245 -4.86 -26.05 8.30
N GLN A 246 -5.77 -26.25 9.26
CA GLN A 246 -5.43 -26.44 10.66
C GLN A 246 -5.45 -27.90 11.09
N VAL A 247 -4.38 -28.33 11.79
CA VAL A 247 -4.34 -29.68 12.35
C VAL A 247 -4.89 -29.51 13.78
N VAL A 248 -6.19 -29.75 13.94
CA VAL A 248 -6.82 -29.59 15.24
C VAL A 248 -6.26 -30.54 16.31
N PHE A 249 -5.89 -31.75 15.92
CA PHE A 249 -5.22 -32.73 16.79
C PHE A 249 -4.92 -33.94 15.95
N TYR A 250 -3.96 -34.73 16.39
CA TYR A 250 -3.62 -35.95 15.66
C TYR A 250 -3.39 -37.09 16.67
N ILE A 251 -3.41 -38.34 16.20
CA ILE A 251 -3.19 -39.49 17.08
C ILE A 251 -2.02 -40.34 16.61
N SER A 252 -1.20 -40.80 17.55
CA SER A 252 -0.10 -41.66 17.20
C SER A 252 0.04 -42.70 18.31
N MET A 253 1.02 -43.59 18.19
CA MET A 253 1.28 -44.60 19.20
C MET A 253 2.37 -44.21 20.21
N ASP A 254 2.57 -42.90 20.38
CA ASP A 254 3.53 -42.46 21.37
C ASP A 254 2.69 -42.35 22.65
N LYS A 255 3.27 -42.71 23.78
CA LYS A 255 2.55 -42.68 25.02
C LYS A 255 2.36 -41.26 25.50
N THR A 256 1.16 -41.00 26.04
CA THR A 256 0.86 -39.70 26.59
C THR A 256 0.64 -39.88 28.08
N LEU A 257 0.31 -38.79 28.77
CA LEU A 257 0.07 -38.81 30.20
C LEU A 257 -1.28 -39.43 30.56
N ASN A 258 -2.05 -39.85 29.56
CA ASN A 258 -3.34 -40.48 29.81
C ASN A 258 -3.23 -41.98 29.59
N GLN A 259 -2.03 -42.56 29.65
CA GLN A 259 -1.86 -44.00 29.45
C GLN A 259 -2.31 -44.81 30.67
N TYR A 260 -2.30 -44.15 31.82
CA TYR A 260 -2.66 -44.74 33.07
C TYR A 260 -3.55 -43.72 33.79
N PRO A 261 -4.68 -44.16 34.39
CA PRO A 261 -5.57 -43.24 35.09
C PRO A 261 -4.91 -42.31 36.08
N ALA A 262 -5.13 -41.01 35.86
CA ALA A 262 -4.57 -39.92 36.65
C ALA A 262 -3.07 -39.94 36.85
N LEU A 263 -2.34 -40.40 35.83
CA LEU A 263 -0.87 -40.43 35.89
C LEU A 263 -0.31 -39.05 36.29
N THR A 264 -0.90 -37.99 35.75
CA THR A 264 -0.46 -36.64 36.04
C THR A 264 -0.55 -36.32 37.53
N ALA A 265 -1.67 -36.67 38.15
CA ALA A 265 -1.85 -36.40 39.57
C ALA A 265 -0.83 -37.18 40.40
N GLU A 266 -0.44 -38.38 39.94
CA GLU A 266 0.57 -39.19 40.65
C GLU A 266 1.94 -38.52 40.54
N ILE A 267 2.29 -38.16 39.31
CA ILE A 267 3.53 -37.45 39.04
C ILE A 267 3.60 -36.19 39.91
N PHE A 268 2.51 -35.44 39.94
CA PHE A 268 2.46 -34.22 40.77
C PHE A 268 2.75 -34.51 42.24
N ASN A 269 2.13 -35.57 42.75
CA ASN A 269 2.30 -35.97 44.12
C ASN A 269 3.77 -36.29 44.42
N VAL A 270 4.41 -37.06 43.55
CA VAL A 270 5.83 -37.44 43.69
C VAL A 270 6.78 -36.24 43.71
N TYR A 271 6.55 -35.27 42.82
CA TYR A 271 7.43 -34.11 42.75
C TYR A 271 7.13 -32.98 43.70
N SER A 272 6.09 -33.11 44.51
CA SER A 272 5.80 -32.08 45.49
C SER A 272 6.92 -32.08 46.52
N PHE A 273 7.08 -30.91 47.11
CA PHE A 273 8.13 -30.69 48.06
C PHE A 273 7.99 -31.42 49.38
N ARG A 274 6.87 -31.15 50.09
CA ARG A 274 6.54 -31.70 51.42
C ARG A 274 7.47 -31.05 52.46
N ASP A 275 8.74 -31.44 52.42
CA ASP A 275 9.74 -30.86 53.30
C ASP A 275 11.09 -31.28 52.75
N HIS A 276 12.15 -30.85 53.41
CA HIS A 276 13.49 -31.18 52.94
C HIS A 276 13.85 -32.62 52.91
N THR A 277 13.31 -33.39 53.83
CA THR A 277 13.62 -34.80 53.89
C THR A 277 12.96 -35.54 52.72
N TRP A 278 11.69 -35.27 52.48
CA TRP A 278 11.02 -35.92 51.37
C TRP A 278 11.69 -35.51 50.07
N HIS A 279 11.95 -34.22 49.96
CA HIS A 279 12.59 -33.69 48.80
C HIS A 279 13.94 -34.39 48.57
N GLY A 280 14.74 -34.50 49.64
CA GLY A 280 16.03 -35.19 49.52
C GLY A 280 15.90 -36.67 49.18
N LEU A 281 14.98 -37.35 49.85
CA LEU A 281 14.74 -38.79 49.66
C LEU A 281 14.25 -39.07 48.24
N ARG A 282 13.24 -38.31 47.81
CA ARG A 282 12.68 -38.48 46.47
C ARG A 282 13.79 -38.28 45.43
N THR A 283 14.54 -37.19 45.56
CA THR A 283 15.65 -36.94 44.66
C THR A 283 16.62 -38.12 44.62
N ALA A 284 17.04 -38.60 45.80
CA ALA A 284 17.97 -39.73 45.89
C ALA A 284 17.42 -41.00 45.23
N ILE A 285 16.15 -41.29 45.41
CA ILE A 285 15.57 -42.47 44.79
C ILE A 285 15.49 -42.29 43.27
N LEU A 286 15.05 -41.12 42.80
CA LEU A 286 14.95 -40.90 41.36
C LEU A 286 16.31 -40.89 40.63
N ASN A 287 17.40 -40.60 41.36
CA ASN A 287 18.76 -40.60 40.76
C ASN A 287 19.17 -41.95 40.26
N ARG A 288 18.47 -42.97 40.69
CA ARG A 288 18.79 -44.34 40.33
C ARG A 288 17.91 -44.78 39.18
N THR A 289 17.21 -43.83 38.57
CA THR A 289 16.30 -44.14 37.46
C THR A 289 16.55 -43.22 36.26
N THR A 290 15.75 -43.39 35.20
CA THR A 290 15.90 -42.57 34.01
C THR A 290 14.95 -41.39 34.05
N LEU A 291 14.31 -41.21 35.20
CA LEU A 291 13.38 -40.13 35.42
C LEU A 291 14.11 -38.94 36.01
N PRO A 292 13.65 -37.72 35.69
CA PRO A 292 14.30 -36.54 36.26
C PRO A 292 14.10 -36.61 37.77
N ASN A 293 15.09 -36.14 38.53
CA ASN A 293 15.03 -36.20 39.96
C ASN A 293 14.25 -35.12 40.70
N MET A 294 13.97 -33.98 40.07
CA MET A 294 13.17 -32.98 40.79
C MET A 294 12.13 -32.19 40.03
N LEU A 295 12.06 -32.41 38.73
CA LEU A 295 11.05 -31.72 37.92
C LEU A 295 10.42 -32.80 37.05
N PRO A 296 9.09 -32.74 36.88
CA PRO A 296 8.38 -33.72 36.06
C PRO A 296 9.01 -33.76 34.68
N PRO A 297 9.03 -34.95 34.07
CA PRO A 297 9.60 -35.10 32.72
C PRO A 297 8.87 -34.24 31.66
N ILE A 298 9.53 -33.94 30.57
CA ILE A 298 8.92 -33.13 29.52
C ILE A 298 8.06 -34.06 28.71
N PHE A 299 8.59 -35.23 28.39
CA PHE A 299 7.83 -36.21 27.63
C PHE A 299 7.44 -37.30 28.56
N PRO A 300 6.21 -37.82 28.39
CA PRO A 300 5.72 -38.91 29.23
C PRO A 300 6.57 -40.16 29.13
N PRO A 301 6.79 -40.84 30.27
CA PRO A 301 7.61 -42.07 30.28
C PRO A 301 6.83 -43.13 29.52
N ASN A 302 7.48 -44.19 29.07
CA ASN A 302 6.72 -45.17 28.31
C ASN A 302 7.00 -46.63 28.61
N ASP A 303 7.82 -46.89 29.63
CA ASP A 303 8.16 -48.24 30.00
C ASP A 303 7.60 -48.57 31.38
N ARG A 304 7.41 -49.87 31.60
CA ARG A 304 6.90 -50.40 32.84
C ARG A 304 7.62 -49.87 34.07
N ASP A 305 8.94 -49.92 34.06
CA ASP A 305 9.71 -49.47 35.22
C ASP A 305 9.44 -48.05 35.69
N SER A 306 9.46 -47.12 34.75
CA SER A 306 9.22 -45.72 35.11
C SER A 306 7.84 -45.53 35.67
N ILE A 307 6.84 -46.09 34.98
CA ILE A 307 5.48 -45.94 35.44
C ILE A 307 5.31 -46.53 36.85
N LEU A 308 5.83 -47.74 37.05
CA LEU A 308 5.74 -48.42 38.32
C LEU A 308 6.38 -47.60 39.43
N THR A 309 7.62 -47.17 39.18
CA THR A 309 8.35 -46.36 40.14
C THR A 309 7.56 -45.11 40.54
N LEU A 310 6.90 -44.46 39.57
CA LEU A 310 6.13 -43.28 39.87
C LEU A 310 4.97 -43.66 40.76
N LEU A 311 4.21 -44.70 40.39
CA LEU A 311 3.07 -45.13 41.21
C LEU A 311 3.48 -45.51 42.63
N LEU A 312 4.52 -46.33 42.71
CA LEU A 312 5.06 -46.77 43.98
C LEU A 312 5.54 -45.58 44.83
N LEU A 313 6.26 -44.64 44.21
CA LEU A 313 6.74 -43.47 44.94
C LEU A 313 5.60 -42.57 45.40
N SER A 314 4.55 -42.44 44.60
CA SER A 314 3.40 -41.62 44.95
C SER A 314 2.73 -42.17 46.21
N THR A 315 2.55 -43.48 46.25
CA THR A 315 1.98 -44.12 47.42
C THR A 315 2.93 -43.90 48.63
N LEU A 316 4.22 -44.11 48.44
CA LEU A 316 5.16 -43.89 49.54
C LEU A 316 5.06 -42.46 50.07
N ALA A 317 4.74 -41.50 49.19
CA ALA A 317 4.61 -40.11 49.62
C ALA A 317 3.41 -39.99 50.54
N ASP A 318 2.34 -40.71 50.20
CA ASP A 318 1.16 -40.68 51.06
C ASP A 318 1.48 -41.29 52.42
N VAL A 319 2.22 -42.40 52.43
CA VAL A 319 2.61 -43.03 53.69
C VAL A 319 3.43 -42.02 54.50
N TYR A 320 4.36 -41.35 53.82
CA TYR A 320 5.22 -40.36 54.48
C TYR A 320 4.35 -39.33 55.15
N THR A 321 3.36 -38.88 54.41
CA THR A 321 2.45 -37.89 54.94
C THR A 321 1.70 -38.34 56.19
N VAL A 322 1.22 -39.60 56.25
CA VAL A 322 0.52 -40.04 57.45
C VAL A 322 1.46 -40.45 58.61
N LEU A 323 2.56 -41.14 58.33
CA LEU A 323 3.51 -41.53 59.39
C LEU A 323 4.38 -40.40 59.95
N ARG A 324 4.58 -39.32 59.19
CA ARG A 324 5.39 -38.17 59.59
C ARG A 324 6.74 -38.56 60.18
N PRO A 325 7.53 -39.39 59.46
CA PRO A 325 8.82 -39.79 60.01
C PRO A 325 9.83 -38.64 60.05
N GLU A 326 10.89 -38.81 60.85
CA GLU A 326 11.95 -37.82 61.01
C GLU A 326 13.26 -38.53 61.05
N PHE A 327 14.07 -38.34 60.03
CA PHE A 327 15.37 -38.96 60.00
C PHE A 327 16.27 -38.08 59.15
N ALA A 328 17.56 -38.41 59.14
CA ALA A 328 18.56 -37.65 58.42
C ALA A 328 18.99 -38.23 57.09
N ILE A 329 19.22 -37.34 56.12
CA ILE A 329 19.69 -37.72 54.78
C ILE A 329 20.98 -36.94 54.52
N HIS A 330 22.00 -37.62 54.01
CA HIS A 330 23.29 -36.98 53.76
C HIS A 330 23.16 -35.78 52.84
N GLY A 331 23.70 -34.65 53.29
CA GLY A 331 23.65 -33.46 52.48
C GLY A 331 22.39 -32.63 52.58
N VAL A 332 21.42 -33.08 53.36
CA VAL A 332 20.18 -32.34 53.54
C VAL A 332 20.22 -31.61 54.86
N ASN A 333 19.87 -30.33 54.83
CA ASN A 333 19.89 -29.50 56.03
C ASN A 333 18.56 -28.79 56.32
N PRO A 334 17.72 -29.36 57.20
CA PRO A 334 16.40 -28.85 57.61
C PRO A 334 16.24 -27.42 58.13
N MET A 335 15.15 -26.82 57.70
CA MET A 335 14.79 -25.48 58.10
C MET A 335 13.45 -25.63 58.78
N PRO A 336 13.42 -25.39 60.09
CA PRO A 336 12.26 -25.45 60.99
C PRO A 336 10.95 -24.84 60.40
N GLY A 337 11.12 -23.81 59.57
CA GLY A 337 9.98 -23.19 58.90
C GLY A 337 9.26 -22.02 59.51
N PRO A 338 7.92 -22.11 59.72
CA PRO A 338 7.11 -23.30 59.41
C PRO A 338 6.94 -23.78 57.92
N LEU A 339 7.83 -23.35 57.01
CA LEU A 339 7.79 -23.77 55.59
C LEU A 339 6.80 -22.97 54.75
N THR A 340 7.35 -22.37 53.70
CA THR A 340 6.60 -21.50 52.84
C THR A 340 6.86 -21.84 51.39
N ARG A 341 6.09 -21.19 50.52
CA ARG A 341 6.26 -21.43 49.10
C ARG A 341 7.66 -20.99 48.66
N ALA A 342 8.14 -19.90 49.24
CA ALA A 342 9.47 -19.37 48.91
C ALA A 342 10.58 -20.37 49.24
N ILE A 343 10.46 -20.98 50.41
CA ILE A 343 11.41 -21.97 50.85
C ILE A 343 11.35 -23.24 49.99
N ALA A 344 10.13 -23.65 49.64
CA ALA A 344 9.92 -24.82 48.80
C ALA A 344 10.58 -24.59 47.44
N ARG A 345 10.25 -23.44 46.83
CA ARG A 345 10.78 -23.09 45.51
C ARG A 345 12.31 -23.07 45.47
N ALA A 346 12.93 -22.57 46.53
CA ALA A 346 14.38 -22.51 46.61
C ALA A 346 15.08 -23.85 46.65
N ALA A 347 14.33 -24.88 47.05
CA ALA A 347 14.90 -26.21 47.17
C ALA A 347 15.09 -26.92 45.87
N TYR A 348 14.47 -26.38 44.81
CA TYR A 348 14.55 -26.99 43.49
C TYR A 348 15.73 -26.50 42.68
N VAL A 349 16.86 -26.41 43.38
CA VAL A 349 18.13 -25.93 42.85
C VAL A 349 17.96 -24.44 42.49
N MET B 1 -30.64 -53.75 36.95
CA MET B 1 -29.72 -53.48 35.77
C MET B 1 -28.37 -52.75 36.12
N ASP B 2 -28.42 -51.81 37.05
CA ASP B 2 -27.21 -51.17 37.48
C ASP B 2 -26.47 -52.22 38.32
N THR B 3 -27.22 -53.01 39.07
CA THR B 3 -26.69 -54.10 39.90
C THR B 3 -26.05 -55.16 39.03
N ILE B 4 -26.67 -55.45 37.89
CA ILE B 4 -26.09 -56.41 36.96
C ILE B 4 -24.69 -55.94 36.56
N ALA B 5 -24.56 -54.66 36.21
CA ALA B 5 -23.26 -54.16 35.78
C ALA B 5 -22.27 -54.18 36.95
N ALA B 6 -22.72 -53.77 38.14
CA ALA B 6 -21.89 -53.79 39.35
C ALA B 6 -21.36 -55.22 39.64
N ARG B 7 -22.19 -56.23 39.39
CA ARG B 7 -21.75 -57.63 39.57
C ARG B 7 -20.71 -58.07 38.55
N ALA B 8 -20.97 -57.79 37.27
CA ALA B 8 -20.00 -58.18 36.22
C ALA B 8 -18.64 -57.57 36.51
N LEU B 9 -18.65 -56.29 36.86
CA LEU B 9 -17.46 -55.53 37.19
C LEU B 9 -16.71 -56.14 38.38
N THR B 10 -17.48 -56.45 39.43
CA THR B 10 -16.93 -57.08 40.64
C THR B 10 -16.25 -58.40 40.33
N VAL B 11 -16.93 -59.26 39.56
CA VAL B 11 -16.36 -60.54 39.19
C VAL B 11 -15.12 -60.45 38.34
N MET B 12 -15.15 -59.55 37.35
CA MET B 12 -13.99 -59.37 36.47
C MET B 12 -12.80 -58.84 37.21
N ARG B 13 -13.01 -57.87 38.12
CA ARG B 13 -11.86 -57.34 38.86
C ARG B 13 -11.26 -58.41 39.79
N ALA B 14 -12.09 -59.32 40.27
CA ALA B 14 -11.66 -60.42 41.14
C ALA B 14 -10.80 -61.39 40.32
N CYS B 15 -11.23 -61.68 39.10
CA CYS B 15 -10.46 -62.60 38.28
C CYS B 15 -9.08 -62.01 37.94
N ALA B 16 -8.96 -60.69 37.87
CA ALA B 16 -7.67 -60.07 37.53
C ALA B 16 -6.70 -60.21 38.67
N THR B 17 -7.19 -60.75 39.78
CA THR B 17 -6.40 -60.99 40.97
C THR B 17 -5.57 -62.27 40.84
N LEU B 18 -6.07 -63.23 40.05
CA LEU B 18 -5.44 -64.52 39.83
C LEU B 18 -4.14 -64.45 39.04
N GLN B 19 -3.20 -63.65 39.53
CA GLN B 19 -1.93 -63.45 38.85
C GLN B 19 -1.12 -64.73 38.78
N GLU B 20 -1.15 -65.52 39.82
CA GLU B 20 -0.33 -66.71 39.78
C GLU B 20 -1.04 -67.93 40.40
N ALA B 21 -0.37 -69.07 40.32
CA ALA B 21 -0.91 -70.33 40.81
C ALA B 21 -1.03 -70.54 42.32
N ARG B 22 0.07 -70.33 43.06
CA ARG B 22 0.04 -70.57 44.50
C ARG B 22 -0.24 -69.42 45.49
N ILE B 23 -0.42 -68.21 44.98
CA ILE B 23 -0.71 -67.06 45.83
C ILE B 23 -1.93 -67.23 46.72
N VAL B 24 -2.02 -66.49 47.82
CA VAL B 24 -3.19 -66.63 48.66
C VAL B 24 -4.13 -65.45 48.48
N LEU B 25 -5.39 -65.80 48.24
CA LEU B 25 -6.40 -64.80 48.01
C LEU B 25 -6.91 -64.10 49.23
N GLU B 26 -7.25 -62.84 49.05
CA GLU B 26 -7.86 -62.03 50.08
C GLU B 26 -9.23 -62.78 50.22
N ALA B 27 -9.76 -62.91 51.43
CA ALA B 27 -11.01 -63.66 51.64
C ALA B 27 -12.20 -63.20 50.82
N ASN B 28 -12.35 -61.89 50.81
CA ASN B 28 -13.36 -61.19 50.07
C ASN B 28 -13.47 -61.76 48.61
N VAL B 29 -12.33 -61.91 47.95
CA VAL B 29 -12.27 -62.44 46.58
C VAL B 29 -12.80 -63.86 46.45
N MET B 30 -12.39 -64.74 47.35
CA MET B 30 -12.85 -66.12 47.30
C MET B 30 -14.34 -66.25 47.55
N GLU B 31 -14.87 -65.42 48.45
CA GLU B 31 -16.29 -65.46 48.74
C GLU B 31 -17.11 -65.13 47.49
N ILE B 32 -16.67 -64.14 46.73
CA ILE B 32 -17.32 -63.68 45.50
C ILE B 32 -17.16 -64.68 44.34
N LEU B 33 -15.92 -65.08 44.06
CA LEU B 33 -15.66 -66.02 42.99
C LEU B 33 -16.39 -67.32 43.21
N GLY B 34 -16.43 -67.74 44.47
CA GLY B 34 -17.10 -68.97 44.83
C GLY B 34 -18.54 -68.95 44.38
N ILE B 35 -19.29 -67.97 44.86
CA ILE B 35 -20.69 -67.84 44.49
C ILE B 35 -20.94 -67.64 43.01
N ALA B 36 -20.19 -66.71 42.44
CA ALA B 36 -20.33 -66.37 41.03
C ALA B 36 -20.03 -67.55 40.14
N ILE B 37 -18.90 -68.20 40.36
CA ILE B 37 -18.53 -69.32 39.51
C ILE B 37 -19.51 -70.48 39.65
N ASN B 38 -20.02 -70.67 40.86
CA ASN B 38 -20.98 -71.73 41.08
C ASN B 38 -22.27 -71.40 40.28
N ARG B 39 -22.84 -70.20 40.42
CA ARG B 39 -24.07 -69.87 39.65
C ARG B 39 -23.81 -70.01 38.16
N TYR B 40 -22.69 -69.46 37.72
CA TYR B 40 -22.32 -69.49 36.35
C TYR B 40 -22.23 -70.90 35.79
N ASN B 41 -21.41 -71.75 36.38
CA ASN B 41 -21.28 -73.14 35.92
C ASN B 41 -22.62 -73.88 35.93
N GLY B 42 -23.47 -73.56 36.90
CA GLY B 42 -24.76 -74.19 36.96
C GLY B 42 -25.73 -73.89 35.85
N LEU B 43 -25.90 -72.61 35.53
CA LEU B 43 -26.83 -72.18 34.47
C LEU B 43 -26.28 -72.30 33.07
N THR B 44 -24.97 -72.48 32.98
CA THR B 44 -24.23 -72.52 31.73
C THR B 44 -23.67 -73.87 31.33
N LEU B 45 -23.34 -74.68 32.33
CA LEU B 45 -22.78 -76.01 32.14
C LEU B 45 -21.34 -75.95 31.73
N ARG B 46 -20.68 -74.85 32.07
CA ARG B 46 -19.27 -74.78 31.77
C ARG B 46 -18.55 -75.24 33.05
N GLY B 47 -17.23 -75.37 33.03
CA GLY B 47 -16.59 -75.86 34.23
C GLY B 47 -15.43 -74.98 34.63
N VAL B 48 -15.78 -73.76 34.98
CA VAL B 48 -14.77 -72.79 35.37
C VAL B 48 -14.21 -73.20 36.76
N THR B 49 -12.90 -73.15 36.96
CA THR B 49 -12.28 -73.46 38.25
C THR B 49 -12.01 -72.13 38.92
N MET B 50 -11.88 -72.11 40.25
CA MET B 50 -11.55 -70.89 40.95
C MET B 50 -10.08 -70.56 40.84
N ARG B 51 -9.22 -71.55 40.67
CA ARG B 51 -7.80 -71.25 40.54
C ARG B 51 -7.28 -71.98 39.30
N PRO B 52 -7.36 -71.31 38.15
CA PRO B 52 -6.92 -71.84 36.86
C PRO B 52 -5.40 -72.02 36.75
N THR B 53 -4.95 -73.13 36.17
CA THR B 53 -3.51 -73.37 36.00
C THR B 53 -3.20 -73.58 34.50
N SER B 54 -3.89 -74.54 33.89
CA SER B 54 -3.68 -74.81 32.48
C SER B 54 -4.28 -73.72 31.59
N LEU B 55 -3.85 -73.69 30.35
CA LEU B 55 -4.37 -72.75 29.37
C LEU B 55 -5.85 -72.97 29.18
N ALA B 56 -6.26 -74.24 29.17
CA ALA B 56 -7.67 -74.52 28.97
C ALA B 56 -8.54 -73.92 30.09
N GLN B 57 -7.99 -73.90 31.30
CA GLN B 57 -8.73 -73.34 32.44
C GLN B 57 -8.79 -71.83 32.41
N ARG B 58 -7.71 -71.24 31.93
CA ARG B 58 -7.62 -69.79 31.80
C ARG B 58 -8.60 -69.31 30.72
N ASN B 59 -8.64 -70.01 29.60
CA ASN B 59 -9.58 -69.65 28.53
C ASN B 59 -11.00 -69.70 29.05
N GLU B 60 -11.29 -70.77 29.76
CA GLU B 60 -12.63 -70.97 30.29
C GLU B 60 -13.03 -69.85 31.26
N MET B 61 -12.11 -69.40 32.11
CA MET B 61 -12.43 -68.31 33.04
C MET B 61 -12.60 -67.02 32.27
N PHE B 62 -11.72 -66.80 31.28
CA PHE B 62 -11.79 -65.62 30.46
C PHE B 62 -13.13 -65.58 29.72
N PHE B 63 -13.58 -66.74 29.22
CA PHE B 63 -14.85 -66.78 28.53
C PHE B 63 -16.00 -66.43 29.45
N MET B 64 -15.82 -66.73 30.74
CA MET B 64 -16.87 -66.42 31.73
C MET B 64 -16.94 -64.90 31.86
N CYS B 65 -15.79 -64.26 31.88
CA CYS B 65 -15.71 -62.82 31.98
C CYS B 65 -16.28 -62.16 30.72
N LEU B 66 -15.92 -62.71 29.56
CA LEU B 66 -16.44 -62.20 28.29
C LEU B 66 -17.97 -62.29 28.30
N ASP B 67 -18.52 -63.41 28.75
CA ASP B 67 -19.97 -63.57 28.81
C ASP B 67 -20.61 -62.53 29.69
N MET B 68 -19.98 -62.29 30.83
CA MET B 68 -20.49 -61.35 31.81
C MET B 68 -20.41 -59.93 31.32
N MET B 69 -19.33 -59.58 30.63
CA MET B 69 -19.15 -58.25 30.06
C MET B 69 -20.25 -58.03 28.98
N LEU B 70 -20.40 -58.98 28.04
CA LEU B 70 -21.42 -58.82 27.01
C LEU B 70 -22.82 -58.73 27.56
N SER B 71 -23.14 -59.54 28.56
CA SER B 71 -24.49 -59.49 29.12
C SER B 71 -24.78 -58.18 29.84
N ALA B 72 -23.79 -57.66 30.58
CA ALA B 72 -24.00 -56.40 31.29
C ALA B 72 -24.13 -55.23 30.30
N ALA B 73 -23.40 -55.31 29.18
CA ALA B 73 -23.40 -54.27 28.16
C ALA B 73 -24.60 -54.37 27.22
N GLY B 74 -25.27 -55.51 27.23
CA GLY B 74 -26.44 -55.70 26.39
C GLY B 74 -26.13 -56.04 24.95
N ILE B 75 -24.92 -56.53 24.72
CA ILE B 75 -24.44 -56.88 23.39
C ILE B 75 -24.51 -58.37 23.07
N ASN B 76 -24.76 -58.67 21.80
CA ASN B 76 -24.79 -60.04 21.35
C ASN B 76 -23.75 -60.05 20.20
N VAL B 77 -22.54 -60.56 20.45
CA VAL B 77 -21.48 -60.57 19.46
C VAL B 77 -21.67 -61.35 18.19
N GLY B 78 -22.44 -62.42 18.25
CA GLY B 78 -22.61 -63.23 17.06
C GLY B 78 -21.48 -64.25 17.00
N PRO B 79 -21.47 -65.09 15.97
CA PRO B 79 -20.43 -66.11 15.84
C PRO B 79 -19.07 -65.58 15.45
N ILE B 80 -18.31 -65.12 16.41
CA ILE B 80 -17.00 -64.58 16.11
C ILE B 80 -15.90 -65.61 16.30
N SER B 81 -16.25 -66.75 16.89
CA SER B 81 -15.21 -67.72 17.18
C SER B 81 -15.61 -69.16 17.23
N PRO B 82 -14.72 -70.02 16.75
CA PRO B 82 -14.96 -71.47 16.75
C PRO B 82 -14.68 -72.04 18.16
N ASP B 83 -14.03 -71.24 19.00
CA ASP B 83 -13.64 -71.62 20.34
C ASP B 83 -14.55 -71.08 21.41
N TYR B 84 -15.24 -69.99 21.12
CA TYR B 84 -16.12 -69.38 22.10
C TYR B 84 -17.50 -69.18 21.56
N THR B 85 -18.47 -69.50 22.40
CA THR B 85 -19.86 -69.30 22.04
C THR B 85 -20.52 -68.56 23.18
N GLN B 86 -21.08 -67.41 22.91
CA GLN B 86 -21.72 -66.63 23.95
C GLN B 86 -22.93 -67.34 24.55
N HIS B 87 -23.01 -67.32 25.88
CA HIS B 87 -24.11 -67.93 26.63
C HIS B 87 -25.02 -66.89 27.13
N MET B 88 -26.16 -66.77 26.48
CA MET B 88 -27.18 -65.79 26.81
C MET B 88 -27.75 -65.94 28.22
N ALA B 89 -27.68 -67.14 28.78
CA ALA B 89 -28.18 -67.37 30.14
C ALA B 89 -27.41 -66.59 31.21
N THR B 90 -26.24 -66.04 30.84
CA THR B 90 -25.41 -65.29 31.78
C THR B 90 -26.16 -64.14 32.44
N ILE B 91 -27.14 -63.59 31.73
CA ILE B 91 -27.93 -62.51 32.29
C ILE B 91 -28.63 -62.97 33.58
N GLY B 92 -29.05 -64.25 33.59
CA GLY B 92 -29.70 -64.83 34.75
C GLY B 92 -28.70 -64.98 35.89
N VAL B 93 -27.48 -65.32 35.56
CA VAL B 93 -26.45 -65.42 36.56
C VAL B 93 -26.27 -64.04 37.23
N LEU B 94 -26.07 -63.02 36.42
CA LEU B 94 -25.84 -61.67 36.92
C LEU B 94 -27.02 -61.03 37.67
N ALA B 95 -28.24 -61.54 37.45
CA ALA B 95 -29.41 -60.99 38.15
C ALA B 95 -29.70 -61.70 39.48
N THR B 96 -28.84 -62.65 39.87
CA THR B 96 -28.97 -63.43 41.12
C THR B 96 -28.55 -62.55 42.29
N PRO B 97 -29.49 -62.20 43.17
CA PRO B 97 -29.19 -61.35 44.33
C PRO B 97 -28.20 -61.88 45.31
N GLU B 98 -27.80 -63.13 45.16
CA GLU B 98 -26.84 -63.69 46.10
C GLU B 98 -25.40 -63.40 45.73
N ILE B 99 -25.14 -63.00 44.48
CA ILE B 99 -23.76 -62.65 44.10
C ILE B 99 -23.56 -61.22 44.58
N PRO B 100 -22.62 -61.00 45.49
CA PRO B 100 -22.40 -59.64 45.99
C PRO B 100 -21.53 -58.78 45.05
N PHE B 101 -21.69 -57.47 45.14
CA PHE B 101 -20.86 -56.55 44.37
C PHE B 101 -20.11 -55.67 45.37
N THR B 102 -18.93 -55.20 45.01
CA THR B 102 -18.15 -54.38 45.92
C THR B 102 -18.58 -52.89 45.96
N THR B 103 -18.19 -52.22 47.04
CA THR B 103 -18.43 -50.80 47.20
C THR B 103 -17.84 -50.02 45.99
N GLU B 104 -16.63 -50.38 45.53
CA GLU B 104 -16.01 -49.74 44.37
C GLU B 104 -16.88 -49.88 43.13
N ALA B 105 -17.26 -51.11 42.80
CA ALA B 105 -18.08 -51.29 41.62
C ALA B 105 -19.42 -50.55 41.73
N ALA B 106 -20.01 -50.57 42.90
CA ALA B 106 -21.31 -49.95 43.09
C ALA B 106 -21.20 -48.47 42.84
N ASN B 107 -20.21 -47.86 43.47
CA ASN B 107 -19.97 -46.43 43.34
C ASN B 107 -19.61 -46.00 41.93
N GLU B 108 -18.88 -46.85 41.22
CA GLU B 108 -18.52 -46.56 39.86
C GLU B 108 -19.78 -46.56 38.95
N ILE B 109 -20.65 -47.54 39.13
CA ILE B 109 -21.88 -47.58 38.34
C ILE B 109 -22.81 -46.40 38.69
N ALA B 110 -22.84 -46.01 39.96
CA ALA B 110 -23.70 -44.90 40.36
C ALA B 110 -23.24 -43.64 39.63
N ARG B 111 -21.92 -43.51 39.49
CA ARG B 111 -21.39 -42.40 38.77
C ARG B 111 -21.82 -42.44 37.30
N VAL B 112 -21.57 -43.55 36.63
CA VAL B 112 -21.97 -43.65 35.24
C VAL B 112 -23.43 -43.28 35.09
N THR B 113 -24.26 -43.83 35.95
CA THR B 113 -25.67 -43.53 35.81
C THR B 113 -26.01 -42.07 36.14
N GLY B 114 -25.48 -41.58 37.24
CA GLY B 114 -25.77 -40.24 37.64
C GLY B 114 -25.37 -39.17 36.64
N GLU B 115 -24.13 -39.19 36.16
CA GLU B 115 -23.72 -38.11 35.25
C GLU B 115 -24.34 -38.20 33.87
N THR B 116 -24.47 -39.40 33.38
CA THR B 116 -25.00 -39.72 32.07
C THR B 116 -26.46 -39.36 31.89
N SER B 117 -27.21 -39.35 32.96
CA SER B 117 -28.62 -39.09 32.86
C SER B 117 -29.01 -37.63 33.03
N THR B 118 -28.04 -36.76 33.26
CA THR B 118 -28.31 -35.35 33.44
C THR B 118 -27.34 -34.52 32.60
N TRP B 119 -27.23 -33.22 32.90
CA TRP B 119 -26.38 -32.29 32.16
C TRP B 119 -25.73 -31.41 33.17
N GLY B 120 -24.56 -30.87 32.80
CA GLY B 120 -23.85 -29.97 33.69
C GLY B 120 -22.81 -29.22 32.88
N PRO B 121 -22.43 -28.03 33.36
CA PRO B 121 -21.42 -27.20 32.66
C PRO B 121 -20.03 -27.82 32.61
N ALA B 122 -19.37 -27.70 31.48
CA ALA B 122 -18.02 -28.22 31.31
C ALA B 122 -17.20 -27.41 30.29
N ARG B 123 -15.91 -27.16 30.59
CA ARG B 123 -14.98 -26.48 29.68
C ARG B 123 -14.89 -27.34 28.42
N GLN B 124 -15.27 -26.79 27.26
CA GLN B 124 -15.18 -27.50 25.99
C GLN B 124 -13.72 -27.49 25.51
N PRO B 125 -13.31 -28.53 24.78
CA PRO B 125 -11.95 -28.75 24.23
C PRO B 125 -11.34 -27.92 23.14
N TYR B 126 -12.15 -27.53 22.16
CA TYR B 126 -11.63 -26.79 21.03
C TYR B 126 -11.94 -25.31 21.00
N GLY B 127 -11.37 -24.62 20.01
CA GLY B 127 -11.56 -23.20 19.87
C GLY B 127 -13.02 -22.86 19.63
N PHE B 128 -13.45 -21.76 20.22
CA PHE B 128 -14.84 -21.34 20.07
C PHE B 128 -15.26 -21.20 18.62
N PHE B 129 -14.32 -20.82 17.75
CA PHE B 129 -14.60 -20.63 16.32
C PHE B 129 -14.00 -21.68 15.43
N LEU B 130 -13.81 -22.88 15.95
CA LEU B 130 -13.24 -23.93 15.15
C LEU B 130 -14.05 -24.21 13.89
N GLU B 131 -15.36 -24.09 13.95
CA GLU B 131 -16.12 -24.42 12.76
C GLU B 131 -16.55 -23.24 11.93
N THR B 132 -15.56 -22.51 11.42
CA THR B 132 -15.77 -21.35 10.58
C THR B 132 -15.19 -21.65 9.19
N GLU B 133 -15.87 -21.18 8.14
CA GLU B 133 -15.40 -21.44 6.79
C GLU B 133 -14.36 -20.44 6.29
N GLU B 134 -14.38 -19.24 6.86
CA GLU B 134 -13.49 -18.17 6.43
C GLU B 134 -12.77 -17.60 7.63
N THR B 135 -11.56 -17.11 7.39
CA THR B 135 -10.77 -16.47 8.42
C THR B 135 -10.05 -15.24 7.77
N PHE B 136 -9.75 -14.22 8.57
CA PHE B 136 -9.10 -13.00 8.14
C PHE B 136 -7.69 -12.86 8.67
N GLN B 137 -6.73 -12.40 7.86
CA GLN B 137 -5.36 -12.24 8.35
C GLN B 137 -5.32 -11.46 9.65
N PRO B 138 -4.68 -12.04 10.66
CA PRO B 138 -4.61 -11.34 11.95
C PRO B 138 -3.85 -10.03 11.90
N GLY B 139 -4.44 -9.01 12.50
CA GLY B 139 -3.80 -7.71 12.59
C GLY B 139 -3.77 -6.86 11.34
N ARG B 140 -4.64 -7.15 10.39
CA ARG B 140 -4.73 -6.37 9.17
C ARG B 140 -6.14 -5.81 9.17
N TRP B 141 -6.18 -4.50 8.96
CA TRP B 141 -7.40 -3.72 8.92
C TRP B 141 -8.40 -4.22 7.90
N PHE B 142 -9.66 -4.15 8.26
CA PHE B 142 -10.72 -4.56 7.35
C PHE B 142 -12.04 -4.03 7.85
N MET B 143 -12.62 -3.18 7.01
CA MET B 143 -13.88 -2.54 7.31
C MET B 143 -14.88 -2.84 6.20
N ARG B 144 -16.04 -3.33 6.58
CA ARG B 144 -17.08 -3.67 5.64
C ARG B 144 -17.70 -2.36 5.17
N ALA B 145 -17.94 -2.26 3.86
CA ALA B 145 -18.49 -1.06 3.23
C ALA B 145 -19.70 -0.51 3.98
N ALA B 146 -19.61 0.77 4.35
CA ALA B 146 -20.69 1.47 5.06
C ALA B 146 -20.71 1.38 6.58
N GLN B 147 -19.86 0.56 7.17
CA GLN B 147 -19.85 0.44 8.62
C GLN B 147 -18.67 1.21 9.22
N ALA B 148 -18.75 1.55 10.51
CA ALA B 148 -17.65 2.26 11.18
C ALA B 148 -16.83 1.32 12.05
N VAL B 149 -17.44 0.18 12.42
CA VAL B 149 -16.77 -0.86 13.21
C VAL B 149 -17.08 -2.17 12.50
N THR B 150 -16.05 -2.99 12.32
CA THR B 150 -16.18 -4.29 11.68
C THR B 150 -15.38 -5.35 12.46
N ALA B 151 -16.12 -6.35 12.97
CA ALA B 151 -15.60 -7.48 13.74
C ALA B 151 -15.45 -8.63 12.77
N VAL B 152 -14.36 -9.35 12.91
CA VAL B 152 -14.12 -10.43 11.97
C VAL B 152 -13.32 -11.56 12.70
N VAL B 153 -13.47 -12.83 12.30
CA VAL B 153 -12.70 -13.88 12.98
C VAL B 153 -11.31 -14.06 12.39
N CYS B 154 -10.30 -14.13 13.26
CA CYS B 154 -8.94 -14.29 12.80
C CYS B 154 -8.19 -15.50 13.33
N GLY B 155 -8.91 -16.40 13.98
CA GLY B 155 -8.28 -17.59 14.52
C GLY B 155 -9.38 -18.48 15.01
N PRO B 156 -9.06 -19.71 15.45
CA PRO B 156 -10.06 -20.66 15.94
C PRO B 156 -10.64 -20.21 17.27
N ASP B 157 -9.94 -19.29 17.93
CA ASP B 157 -10.36 -18.77 19.23
C ASP B 157 -10.27 -17.26 19.30
N MET B 158 -10.30 -16.61 18.15
CA MET B 158 -10.06 -15.18 18.13
C MET B 158 -10.83 -14.33 17.13
N ILE B 159 -11.15 -13.10 17.54
CA ILE B 159 -11.76 -12.14 16.64
C ILE B 159 -10.99 -10.82 16.82
N GLN B 160 -11.06 -9.97 15.81
CA GLN B 160 -10.43 -8.63 15.85
C GLN B 160 -11.48 -7.69 15.31
N VAL B 161 -11.49 -6.49 15.86
CA VAL B 161 -12.44 -5.45 15.49
C VAL B 161 -11.65 -4.23 15.03
N SER B 162 -12.04 -3.70 13.86
CA SER B 162 -11.42 -2.47 13.29
C SER B 162 -12.40 -1.34 13.62
N LEU B 163 -11.89 -0.28 14.23
CA LEU B 163 -12.74 0.87 14.57
C LEU B 163 -12.26 2.17 13.88
N ASN B 164 -13.18 2.88 13.21
CA ASN B 164 -12.85 4.19 12.61
C ASN B 164 -12.66 5.18 13.78
N ALA B 165 -11.97 6.29 13.54
CA ALA B 165 -11.77 7.28 14.60
C ALA B 165 -13.13 7.71 15.15
N GLY B 166 -13.22 7.75 16.47
CA GLY B 166 -14.48 8.11 17.13
C GLY B 166 -15.63 7.12 17.10
N ALA B 167 -15.48 5.99 16.41
CA ALA B 167 -16.56 4.97 16.28
C ALA B 167 -16.89 4.14 17.54
N ARG B 168 -18.11 3.60 17.54
CA ARG B 168 -18.61 2.79 18.64
C ARG B 168 -19.66 1.84 18.07
N GLY B 169 -19.73 0.64 18.64
CA GLY B 169 -20.68 -0.36 18.17
C GLY B 169 -20.71 -1.61 19.04
N ASP B 170 -21.72 -2.43 18.78
CA ASP B 170 -21.92 -3.68 19.51
C ASP B 170 -21.30 -4.79 18.68
N VAL B 171 -20.64 -5.72 19.34
CA VAL B 171 -19.93 -6.76 18.65
C VAL B 171 -20.41 -8.21 18.93
N GLN B 172 -21.34 -8.37 19.87
CA GLN B 172 -21.82 -9.71 20.23
C GLN B 172 -22.33 -10.68 19.18
N GLN B 173 -22.99 -10.22 18.13
CA GLN B 173 -23.54 -11.14 17.14
C GLN B 173 -22.54 -12.03 16.44
N ILE B 174 -21.26 -11.67 16.47
CA ILE B 174 -20.22 -12.48 15.79
C ILE B 174 -20.06 -13.80 16.55
N PHE B 175 -20.36 -13.74 17.86
CA PHE B 175 -20.29 -14.86 18.78
C PHE B 175 -21.54 -15.72 18.85
N GLN B 176 -22.67 -15.19 18.40
CA GLN B 176 -23.95 -15.90 18.50
C GLN B 176 -24.25 -16.95 17.44
N GLY B 177 -25.17 -17.86 17.78
CA GLY B 177 -25.56 -18.93 16.86
C GLY B 177 -24.64 -20.14 16.76
N ARG B 178 -23.45 -20.08 17.34
CA ARG B 178 -22.50 -21.18 17.30
C ARG B 178 -22.35 -21.72 18.71
N ASN B 179 -22.34 -23.05 18.82
CA ASN B 179 -22.21 -23.75 20.10
C ASN B 179 -23.45 -23.41 20.92
N ASP B 180 -23.42 -23.64 22.21
CA ASP B 180 -24.61 -23.31 22.98
C ASP B 180 -24.00 -23.05 24.33
N PRO B 181 -23.15 -22.02 24.39
CA PRO B 181 -22.45 -21.64 25.60
C PRO B 181 -23.30 -21.16 26.73
N MET B 182 -22.78 -21.38 27.94
CA MET B 182 -23.41 -20.94 29.16
C MET B 182 -22.58 -19.77 29.64
N MET B 183 -21.29 -19.81 29.35
CA MET B 183 -20.41 -18.73 29.73
C MET B 183 -19.24 -18.73 28.75
N ILE B 184 -18.75 -17.55 28.39
CA ILE B 184 -17.64 -17.39 27.46
C ILE B 184 -16.64 -16.55 28.20
N TYR B 185 -15.40 -17.03 28.24
CA TYR B 185 -14.36 -16.30 28.95
C TYR B 185 -13.43 -15.63 27.95
N LEU B 186 -13.50 -14.32 28.01
CA LEU B 186 -12.81 -13.40 27.14
C LEU B 186 -11.66 -12.64 27.74
N VAL B 187 -10.75 -12.22 26.87
CA VAL B 187 -9.71 -11.27 27.25
C VAL B 187 -9.48 -10.45 25.99
N TRP B 188 -9.55 -9.11 26.13
CA TRP B 188 -9.36 -8.21 24.98
C TRP B 188 -8.07 -7.43 25.06
N ARG B 189 -7.46 -7.23 23.91
CA ARG B 189 -6.21 -6.49 23.84
C ARG B 189 -6.24 -5.44 22.73
N ARG B 190 -5.45 -4.40 22.91
CA ARG B 190 -5.28 -3.36 21.88
C ARG B 190 -4.25 -3.95 20.91
N ILE B 191 -4.52 -3.95 19.61
CA ILE B 191 -3.51 -4.43 18.65
C ILE B 191 -2.65 -3.17 18.41
N GLU B 192 -1.51 -3.12 19.08
CA GLU B 192 -0.60 -1.98 19.07
C GLU B 192 0.02 -1.62 17.73
N ASN B 193 0.18 -2.58 16.82
CA ASN B 193 0.78 -2.32 15.50
C ASN B 193 0.07 -3.19 14.51
N PHE B 194 -0.70 -2.59 13.61
CA PHE B 194 -1.45 -3.34 12.60
C PHE B 194 -1.22 -2.83 11.18
N ALA B 195 -1.65 -3.60 10.20
CA ALA B 195 -1.50 -3.27 8.80
C ALA B 195 -2.74 -2.60 8.29
N MET B 196 -2.54 -1.50 7.56
CA MET B 196 -3.65 -0.77 6.94
C MET B 196 -3.93 -1.48 5.63
N ALA B 197 -5.09 -1.27 5.01
CA ALA B 197 -5.41 -1.99 3.75
C ALA B 197 -4.28 -1.91 2.70
N GLN B 198 -3.61 -0.78 2.69
CA GLN B 198 -2.51 -0.55 1.79
C GLN B 198 -1.25 -1.31 2.17
N GLY B 199 -1.05 -1.60 3.44
CA GLY B 199 0.14 -2.34 3.79
C GLY B 199 1.00 -1.65 4.78
N ASN B 200 0.71 -0.40 5.06
CA ASN B 200 1.54 0.37 5.98
C ASN B 200 1.07 0.19 7.44
N SER B 201 2.02 0.23 8.36
CA SER B 201 1.72 0.09 9.77
C SER B 201 0.94 1.26 10.35
N GLN B 202 0.17 0.98 11.37
CA GLN B 202 -0.62 1.98 12.07
C GLN B 202 -0.65 1.55 13.55
N GLN B 203 -0.78 2.50 14.46
CA GLN B 203 -0.81 2.21 15.90
C GLN B 203 -2.19 2.42 16.45
N THR B 204 -2.49 1.74 17.55
CA THR B 204 -3.76 1.93 18.23
C THR B 204 -3.41 2.78 19.45
N GLN B 205 -4.04 3.96 19.54
CA GLN B 205 -3.78 4.87 20.67
C GLN B 205 -4.49 4.35 21.91
N ALA B 206 -3.94 4.61 23.09
CA ALA B 206 -4.61 4.17 24.32
C ALA B 206 -5.91 4.98 24.41
N GLY B 207 -6.95 4.42 25.00
CA GLY B 207 -8.17 5.18 25.12
C GLY B 207 -9.37 4.39 24.66
N VAL B 208 -9.12 3.34 23.90
CA VAL B 208 -10.17 2.45 23.40
C VAL B 208 -10.76 1.73 24.59
N THR B 209 -12.07 1.49 24.55
CA THR B 209 -12.73 0.78 25.63
C THR B 209 -13.63 -0.33 25.14
N VAL B 210 -13.77 -1.35 25.99
CA VAL B 210 -14.64 -2.50 25.76
C VAL B 210 -15.50 -2.56 27.02
N SER B 211 -16.81 -2.71 26.85
CA SER B 211 -17.68 -2.77 28.00
C SER B 211 -18.64 -3.93 27.80
N VAL B 212 -18.98 -4.60 28.90
CA VAL B 212 -19.87 -5.74 28.85
C VAL B 212 -21.10 -5.40 29.66
N GLY B 213 -22.27 -5.44 29.01
CA GLY B 213 -23.51 -5.09 29.70
C GLY B 213 -23.46 -3.69 30.33
N GLY B 214 -22.77 -2.76 29.69
CA GLY B 214 -22.68 -1.41 30.22
C GLY B 214 -21.53 -1.13 31.16
N VAL B 215 -20.93 -2.17 31.73
CA VAL B 215 -19.79 -1.96 32.62
C VAL B 215 -18.43 -2.07 31.89
N ASP B 216 -17.51 -1.20 32.27
CA ASP B 216 -16.21 -1.15 31.63
C ASP B 216 -15.26 -2.24 32.05
N MET B 217 -14.68 -2.93 31.07
CA MET B 217 -13.73 -3.99 31.35
C MET B 217 -12.30 -3.68 30.91
N ARG B 218 -11.33 -3.90 31.80
CA ARG B 218 -9.93 -3.69 31.50
C ARG B 218 -9.41 -4.69 30.49
N ALA B 219 -8.35 -4.32 29.80
CA ALA B 219 -7.76 -5.22 28.82
C ALA B 219 -6.84 -6.13 29.59
N GLY B 220 -6.59 -7.31 29.02
CA GLY B 220 -5.69 -8.28 29.62
C GLY B 220 -6.10 -8.97 30.90
N ARG B 221 -7.39 -9.06 31.15
CA ARG B 221 -7.93 -9.69 32.34
C ARG B 221 -9.11 -10.52 31.83
N ILE B 222 -9.27 -11.71 32.39
CA ILE B 222 -10.37 -12.60 32.00
C ILE B 222 -11.72 -12.03 32.36
N ILE B 223 -12.65 -12.12 31.43
CA ILE B 223 -13.98 -11.63 31.61
C ILE B 223 -14.95 -12.79 31.45
N ALA B 224 -15.85 -12.90 32.40
CA ALA B 224 -16.88 -13.92 32.36
C ALA B 224 -18.08 -13.29 31.67
N TRP B 225 -18.33 -13.69 30.44
CA TRP B 225 -19.44 -13.11 29.70
C TRP B 225 -20.49 -14.16 29.40
N ASP B 226 -21.75 -13.84 29.67
CA ASP B 226 -22.85 -14.75 29.42
C ASP B 226 -23.24 -14.94 28.00
N GLY B 227 -22.63 -14.19 27.09
CA GLY B 227 -22.95 -14.34 25.68
C GLY B 227 -24.21 -13.60 25.24
N GLN B 228 -24.92 -12.98 26.17
CA GLN B 228 -26.16 -12.24 25.84
C GLN B 228 -25.96 -10.73 25.98
N ALA B 229 -25.40 -10.32 27.13
CA ALA B 229 -25.14 -8.91 27.41
C ALA B 229 -24.36 -8.28 26.27
N ALA B 230 -24.63 -7.01 26.01
CA ALA B 230 -23.95 -6.30 24.92
C ALA B 230 -22.45 -6.12 25.11
N LEU B 231 -21.73 -6.44 24.06
CA LEU B 231 -20.28 -6.36 24.02
C LEU B 231 -20.02 -5.11 23.18
N HIS B 232 -19.75 -4.02 23.86
CA HIS B 232 -19.61 -2.72 23.24
C HIS B 232 -18.19 -2.15 23.14
N VAL B 233 -17.72 -1.95 21.91
CA VAL B 233 -16.39 -1.37 21.71
C VAL B 233 -16.52 0.12 21.34
N HIS B 234 -15.66 0.94 21.92
CA HIS B 234 -15.67 2.37 21.68
C HIS B 234 -14.25 2.93 21.47
N ASN B 235 -14.05 3.59 20.32
CA ASN B 235 -12.78 4.23 19.97
C ASN B 235 -12.96 5.75 20.11
N PRO B 236 -12.64 6.33 21.27
CA PRO B 236 -12.79 7.78 21.45
C PRO B 236 -11.63 8.55 20.83
N THR B 237 -10.68 7.78 20.33
CA THR B 237 -9.47 8.24 19.70
C THR B 237 -9.69 8.87 18.33
N GLN B 238 -8.76 9.74 17.94
CA GLN B 238 -8.84 10.44 16.65
C GLN B 238 -8.13 9.75 15.49
N GLN B 239 -7.88 8.45 15.65
CA GLN B 239 -7.18 7.63 14.67
C GLN B 239 -7.86 6.27 14.61
N ASN B 240 -7.55 5.49 13.58
CA ASN B 240 -8.12 4.15 13.48
C ASN B 240 -7.54 3.29 14.63
N ALA B 241 -8.35 2.32 15.06
CA ALA B 241 -7.96 1.42 16.14
C ALA B 241 -8.35 -0.01 15.83
N MET B 242 -7.60 -0.94 16.42
CA MET B 242 -7.90 -2.37 16.29
C MET B 242 -7.82 -3.07 17.65
N VAL B 243 -8.80 -3.89 17.98
CA VAL B 243 -8.72 -4.63 19.25
C VAL B 243 -8.88 -6.10 18.94
N GLN B 244 -8.16 -6.96 19.69
CA GLN B 244 -8.39 -8.41 19.53
C GLN B 244 -9.15 -8.88 20.75
N ILE B 245 -10.08 -9.78 20.51
CA ILE B 245 -10.86 -10.37 21.59
C ILE B 245 -10.71 -11.86 21.48
N GLN B 246 -10.07 -12.42 22.50
CA GLN B 246 -9.79 -13.85 22.59
C GLN B 246 -10.76 -14.62 23.46
N VAL B 247 -11.28 -15.74 22.95
CA VAL B 247 -12.14 -16.62 23.76
C VAL B 247 -11.16 -17.64 24.36
N VAL B 248 -10.71 -17.36 25.59
CA VAL B 248 -9.76 -18.24 26.26
C VAL B 248 -10.31 -19.67 26.51
N PHE B 249 -11.61 -19.76 26.80
CA PHE B 249 -12.31 -21.04 26.93
C PHE B 249 -13.76 -20.73 27.20
N TYR B 250 -14.63 -21.69 26.91
CA TYR B 250 -16.05 -21.50 27.17
C TYR B 250 -16.64 -22.77 27.80
N ILE B 251 -17.82 -22.67 28.40
CA ILE B 251 -18.46 -23.84 29.01
C ILE B 251 -19.85 -24.08 28.44
N SER B 252 -20.17 -25.34 28.17
CA SER B 252 -21.49 -25.66 27.68
C SER B 252 -21.92 -26.99 28.34
N MET B 253 -23.11 -27.48 27.99
CA MET B 253 -23.61 -28.74 28.51
C MET B 253 -23.35 -29.94 27.59
N ASP B 254 -22.33 -29.82 26.75
CA ASP B 254 -21.98 -30.94 25.89
C ASP B 254 -20.98 -31.73 26.76
N LYS B 255 -21.05 -33.05 26.68
CA LYS B 255 -20.18 -33.89 27.47
C LYS B 255 -18.78 -33.86 26.94
N THR B 256 -17.83 -33.84 27.87
CA THR B 256 -16.42 -33.86 27.51
C THR B 256 -15.84 -35.17 28.06
N LEU B 257 -14.55 -35.36 27.85
CA LEU B 257 -13.85 -36.55 28.32
C LEU B 257 -13.61 -36.53 29.83
N ASN B 258 -14.04 -35.48 30.51
CA ASN B 258 -13.87 -35.38 31.95
C ASN B 258 -15.19 -35.62 32.64
N GLN B 259 -16.15 -36.27 31.99
CA GLN B 259 -17.46 -36.54 32.60
C GLN B 259 -17.39 -37.67 33.63
N TYR B 260 -16.39 -38.52 33.46
CA TYR B 260 -16.19 -39.66 34.31
C TYR B 260 -14.69 -39.70 34.61
N PRO B 261 -14.29 -39.94 35.89
CA PRO B 261 -12.87 -39.99 36.23
C PRO B 261 -12.01 -40.86 35.36
N ALA B 262 -10.97 -40.24 34.78
CA ALA B 262 -10.02 -40.86 33.89
C ALA B 262 -10.59 -41.61 32.70
N LEU B 263 -11.71 -41.09 32.18
CA LEU B 263 -12.36 -41.70 31.00
C LEU B 263 -11.33 -41.90 29.85
N THR B 264 -10.46 -40.92 29.67
CA THR B 264 -9.46 -40.98 28.61
C THR B 264 -8.54 -42.19 28.79
N ALA B 265 -8.07 -42.42 30.01
CA ALA B 265 -7.18 -43.55 30.26
C ALA B 265 -7.91 -44.87 29.99
N GLU B 266 -9.22 -44.92 30.25
CA GLU B 266 -10.00 -46.15 29.99
C GLU B 266 -10.12 -46.38 28.49
N ILE B 267 -10.50 -45.31 27.78
CA ILE B 267 -10.59 -45.35 26.33
C ILE B 267 -9.26 -45.81 25.74
N PHE B 268 -8.16 -45.24 26.23
CA PHE B 268 -6.83 -45.63 25.75
C PHE B 268 -6.57 -47.14 25.94
N ASN B 269 -6.93 -47.63 27.11
CA ASN B 269 -6.75 -49.04 27.43
C ASN B 269 -7.53 -49.92 26.47
N VAL B 270 -8.79 -49.59 26.20
CA VAL B 270 -9.65 -50.35 25.28
C VAL B 270 -9.10 -50.39 23.85
N TYR B 271 -8.60 -49.26 23.35
CA TYR B 271 -8.10 -49.22 21.98
C TYR B 271 -6.66 -49.65 21.78
N SER B 272 -5.98 -50.02 22.85
CA SER B 272 -4.61 -50.52 22.69
C SER B 272 -4.68 -51.84 21.96
N PHE B 273 -3.57 -52.13 21.31
CA PHE B 273 -3.45 -53.30 20.49
C PHE B 273 -3.42 -54.62 21.25
N ARG B 274 -2.42 -54.75 22.14
CA ARG B 274 -2.16 -55.97 22.95
C ARG B 274 -1.62 -57.07 22.02
N ASP B 275 -2.49 -57.61 21.18
CA ASP B 275 -2.09 -58.60 20.20
C ASP B 275 -3.26 -58.72 19.24
N HIS B 276 -3.10 -59.60 18.25
CA HIS B 276 -4.15 -59.76 17.25
C HIS B 276 -5.47 -60.25 17.73
N THR B 277 -5.46 -61.08 18.77
CA THR B 277 -6.70 -61.61 19.29
C THR B 277 -7.48 -60.52 20.01
N TRP B 278 -6.80 -59.75 20.87
CA TRP B 278 -7.50 -58.71 21.58
C TRP B 278 -8.01 -57.68 20.57
N HIS B 279 -7.14 -57.34 19.64
CA HIS B 279 -7.48 -56.40 18.62
C HIS B 279 -8.73 -56.88 17.84
N GLY B 280 -8.73 -58.16 17.45
CA GLY B 280 -9.88 -58.72 16.75
C GLY B 280 -11.15 -58.75 17.59
N LEU B 281 -11.01 -59.20 18.84
CA LEU B 281 -12.12 -59.31 19.78
C LEU B 281 -12.73 -57.94 20.09
N ARG B 282 -11.86 -56.98 20.42
CA ARG B 282 -12.31 -55.63 20.72
C ARG B 282 -13.07 -55.06 19.52
N THR B 283 -12.48 -55.16 18.34
CA THR B 283 -13.14 -54.70 17.13
C THR B 283 -14.52 -55.35 16.97
N ALA B 284 -14.59 -56.68 17.11
CA ALA B 284 -15.87 -57.39 16.98
C ALA B 284 -16.92 -56.94 17.99
N ILE B 285 -16.51 -56.72 19.23
CA ILE B 285 -17.46 -56.26 20.24
C ILE B 285 -17.91 -54.83 19.92
N LEU B 286 -16.99 -53.94 19.57
CA LEU B 286 -17.38 -52.56 19.28
C LEU B 286 -18.26 -52.41 18.02
N ASN B 287 -18.19 -53.38 17.10
CA ASN B 287 -19.04 -53.35 15.89
C ASN B 287 -20.51 -53.42 16.19
N ARG B 288 -20.83 -53.82 17.40
CA ARG B 288 -22.22 -53.97 17.82
C ARG B 288 -22.66 -52.74 18.57
N THR B 289 -21.86 -51.69 18.52
CA THR B 289 -22.17 -50.45 19.23
C THR B 289 -22.04 -49.22 18.32
N THR B 290 -22.29 -48.03 18.87
CA THR B 290 -22.19 -46.80 18.08
C THR B 290 -20.82 -46.18 18.22
N LEU B 291 -19.91 -46.92 18.86
CA LEU B 291 -18.56 -46.48 19.07
C LEU B 291 -17.68 -46.97 17.93
N PRO B 292 -16.64 -46.19 17.59
CA PRO B 292 -15.75 -46.63 16.51
C PRO B 292 -15.08 -47.92 16.99
N ASN B 293 -14.83 -48.83 16.06
CA ASN B 293 -14.25 -50.10 16.40
C ASN B 293 -12.75 -50.19 16.58
N MET B 294 -11.98 -49.22 16.07
CA MET B 294 -10.53 -49.30 16.32
C MET B 294 -9.76 -48.03 16.59
N LEU B 295 -10.44 -46.90 16.54
CA LEU B 295 -9.80 -45.63 16.85
C LEU B 295 -10.74 -44.91 17.79
N PRO B 296 -10.18 -44.25 18.81
CA PRO B 296 -10.99 -43.51 19.79
C PRO B 296 -11.88 -42.52 19.05
N PRO B 297 -13.09 -42.29 19.57
CA PRO B 297 -14.03 -41.36 18.94
C PRO B 297 -13.47 -39.91 18.89
N ILE B 298 -13.97 -39.10 17.98
CA ILE B 298 -13.50 -37.73 17.86
C ILE B 298 -14.20 -36.93 18.92
N PHE B 299 -15.50 -37.16 19.07
CA PHE B 299 -16.27 -36.46 20.08
C PHE B 299 -16.58 -37.42 21.17
N PRO B 300 -16.52 -36.96 22.43
CA PRO B 300 -16.81 -37.82 23.57
C PRO B 300 -18.22 -38.37 23.54
N PRO B 301 -18.39 -39.64 23.93
CA PRO B 301 -19.72 -40.28 23.93
C PRO B 301 -20.53 -39.59 25.01
N ASN B 302 -21.86 -39.72 24.97
CA ASN B 302 -22.63 -39.02 26.00
C ASN B 302 -23.79 -39.77 26.62
N ASP B 303 -23.92 -41.05 26.27
CA ASP B 303 -24.99 -41.87 26.79
C ASP B 303 -24.44 -42.97 27.70
N ARG B 304 -25.29 -43.44 28.59
CA ARG B 304 -24.97 -44.49 29.52
C ARG B 304 -24.34 -45.73 28.87
N ASP B 305 -24.96 -46.22 27.80
CA ASP B 305 -24.47 -47.41 27.14
C ASP B 305 -23.03 -47.36 26.67
N SER B 306 -22.67 -46.29 25.97
CA SER B 306 -21.31 -46.14 25.46
C SER B 306 -20.33 -46.08 26.60
N ILE B 307 -20.62 -45.24 27.59
CA ILE B 307 -19.71 -45.12 28.72
C ILE B 307 -19.51 -46.46 29.42
N LEU B 308 -20.61 -47.15 29.69
CA LEU B 308 -20.58 -48.43 30.36
C LEU B 308 -19.75 -49.43 29.59
N THR B 309 -20.06 -49.55 28.31
CA THR B 309 -19.34 -50.46 27.44
C THR B 309 -17.83 -50.20 27.47
N LEU B 310 -17.43 -48.93 27.48
CA LEU B 310 -16.02 -48.59 27.53
C LEU B 310 -15.44 -49.06 28.85
N LEU B 311 -16.09 -48.72 29.96
CA LEU B 311 -15.59 -49.13 31.27
C LEU B 311 -15.49 -50.65 31.40
N LEU B 312 -16.56 -51.33 31.02
CA LEU B 312 -16.62 -52.78 31.05
C LEU B 312 -15.52 -53.40 30.15
N LEU B 313 -15.34 -52.86 28.94
CA LEU B 313 -14.32 -53.38 28.04
C LEU B 313 -12.91 -53.13 28.57
N SER B 314 -12.69 -52.00 29.22
CA SER B 314 -11.38 -51.67 29.78
C SER B 314 -10.99 -52.68 30.84
N THR B 315 -11.94 -53.00 31.72
CA THR B 315 -11.72 -54.00 32.73
C THR B 315 -11.46 -55.36 32.07
N LEU B 316 -12.27 -55.74 31.08
CA LEU B 316 -12.04 -57.01 30.39
C LEU B 316 -10.63 -57.05 29.79
N ALA B 317 -10.11 -55.90 29.37
CA ALA B 317 -8.75 -55.87 28.79
C ALA B 317 -7.76 -56.20 29.88
N ASP B 318 -8.00 -55.71 31.08
CA ASP B 318 -7.09 -56.03 32.19
C ASP B 318 -7.15 -57.52 32.51
N VAL B 319 -8.36 -58.09 32.51
CA VAL B 319 -8.50 -59.52 32.75
C VAL B 319 -7.73 -60.28 31.67
N TYR B 320 -7.88 -59.85 30.42
CA TYR B 320 -7.19 -60.49 29.30
C TYR B 320 -5.71 -60.50 29.57
N THR B 321 -5.23 -59.35 30.02
CA THR B 321 -3.83 -59.22 30.31
C THR B 321 -3.33 -60.18 31.39
N VAL B 322 -4.09 -60.38 32.48
CA VAL B 322 -3.63 -61.32 33.50
C VAL B 322 -3.88 -62.79 33.17
N LEU B 323 -5.04 -63.14 32.59
CA LEU B 323 -5.32 -64.54 32.21
C LEU B 323 -4.56 -65.06 30.99
N ARG B 324 -4.11 -64.17 30.10
CA ARG B 324 -3.38 -64.52 28.88
C ARG B 324 -4.04 -65.65 28.10
N PRO B 325 -5.35 -65.52 27.78
CA PRO B 325 -6.00 -66.60 27.03
C PRO B 325 -5.51 -66.70 25.59
N GLU B 326 -5.78 -67.85 24.95
CA GLU B 326 -5.39 -68.12 23.58
C GLU B 326 -6.51 -68.85 22.90
N PHE B 327 -7.13 -68.18 21.95
CA PHE B 327 -8.20 -68.79 21.22
C PHE B 327 -8.27 -68.14 19.85
N ALA B 328 -9.09 -68.71 18.98
CA ALA B 328 -9.23 -68.23 17.60
C ALA B 328 -10.44 -67.35 17.32
N ILE B 329 -10.23 -66.34 16.49
CA ILE B 329 -11.30 -65.42 16.07
C ILE B 329 -11.36 -65.47 14.55
N HIS B 330 -12.56 -65.58 13.99
CA HIS B 330 -12.71 -65.65 12.53
C HIS B 330 -12.08 -64.48 11.82
N GLY B 331 -11.24 -64.77 10.84
CA GLY B 331 -10.61 -63.71 10.09
C GLY B 331 -9.35 -63.13 10.68
N VAL B 332 -8.96 -63.58 11.86
CA VAL B 332 -7.76 -63.07 12.50
C VAL B 332 -6.64 -64.08 12.31
N ASN B 333 -5.48 -63.59 11.89
CA ASN B 333 -4.32 -64.44 11.64
C ASN B 333 -3.06 -64.02 12.39
N PRO B 334 -2.77 -64.64 13.55
CA PRO B 334 -1.61 -64.37 14.43
C PRO B 334 -0.19 -64.40 13.88
N MET B 335 0.58 -63.46 14.38
CA MET B 335 1.97 -63.33 14.00
C MET B 335 2.73 -63.48 15.30
N PRO B 336 3.49 -64.57 15.43
CA PRO B 336 4.32 -64.96 16.59
C PRO B 336 5.12 -63.79 17.21
N GLY B 337 5.53 -62.84 16.36
CA GLY B 337 6.23 -61.65 16.84
C GLY B 337 7.75 -61.62 16.90
N PRO B 338 8.34 -61.34 18.08
CA PRO B 338 7.62 -61.08 19.34
C PRO B 338 6.69 -59.82 19.47
N LEU B 339 6.26 -59.21 18.36
CA LEU B 339 5.35 -58.05 18.36
C LEU B 339 6.07 -56.73 18.57
N THR B 340 5.86 -55.84 17.62
CA THR B 340 6.53 -54.56 17.60
C THR B 340 5.53 -53.46 17.31
N ARG B 341 6.03 -52.22 17.44
CA ARG B 341 5.16 -51.09 17.17
C ARG B 341 4.71 -51.10 15.71
N ALA B 342 5.62 -51.51 14.82
CA ALA B 342 5.32 -51.56 13.37
C ALA B 342 4.18 -52.53 13.08
N ILE B 343 4.24 -53.69 13.71
CA ILE B 343 3.22 -54.70 13.56
C ILE B 343 1.87 -54.23 14.14
N ALA B 344 1.92 -53.59 15.30
CA ALA B 344 0.74 -53.08 15.96
C ALA B 344 0.07 -52.04 15.05
N ARG B 345 0.87 -51.08 14.58
CA ARG B 345 0.37 -50.01 13.72
C ARG B 345 -0.31 -50.53 12.46
N ALA B 346 0.26 -51.58 11.87
CA ALA B 346 -0.29 -52.16 10.65
C ALA B 346 -1.65 -52.81 10.83
N ALA B 347 -1.97 -53.16 12.05
CA ALA B 347 -3.23 -53.84 12.35
C ALA B 347 -4.42 -52.93 12.34
N TYR B 348 -4.17 -51.62 12.37
CA TYR B 348 -5.24 -50.63 12.41
C TYR B 348 -5.70 -50.21 11.02
N VAL B 349 -5.83 -51.24 10.17
CA VAL B 349 -6.22 -51.10 8.77
C VAL B 349 -5.12 -50.33 8.03
N MET C 1 -9.41 -35.10 62.89
CA MET C 1 -10.09 -34.32 61.77
C MET C 1 -9.97 -34.95 60.33
N ASP C 2 -8.81 -35.51 60.03
CA ASP C 2 -8.66 -36.19 58.77
C ASP C 2 -9.48 -37.48 58.88
N THR C 3 -9.46 -38.07 60.07
CA THR C 3 -10.21 -39.30 60.38
C THR C 3 -11.70 -39.03 60.27
N ILE C 4 -12.12 -37.85 60.74
CA ILE C 4 -13.53 -37.49 60.63
C ILE C 4 -13.95 -37.53 59.16
N ALA C 5 -13.13 -36.93 58.28
CA ALA C 5 -13.49 -36.91 56.87
C ALA C 5 -13.47 -38.33 56.28
N ALA C 6 -12.45 -39.10 56.64
CA ALA C 6 -12.31 -40.50 56.19
C ALA C 6 -13.58 -41.32 56.58
N ARG C 7 -14.12 -41.06 57.78
CA ARG C 7 -15.35 -41.74 58.22
C ARG C 7 -16.57 -41.33 57.43
N ALA C 8 -16.77 -40.02 57.25
CA ALA C 8 -17.95 -39.54 56.49
C ALA C 8 -17.95 -40.15 55.09
N LEU C 9 -16.77 -40.12 54.47
CA LEU C 9 -16.57 -40.66 53.13
C LEU C 9 -16.89 -42.15 53.07
N THR C 10 -16.37 -42.90 54.06
CA THR C 10 -16.60 -44.34 54.18
C THR C 10 -18.09 -44.65 54.29
N VAL C 11 -18.78 -43.94 55.17
CA VAL C 11 -20.21 -44.16 55.35
C VAL C 11 -21.03 -43.83 54.12
N MET C 12 -20.72 -42.70 53.49
CA MET C 12 -21.46 -42.30 52.29
C MET C 12 -21.24 -43.27 51.15
N ARG C 13 -20.02 -43.74 50.95
CA ARG C 13 -19.79 -44.68 49.84
C ARG C 13 -20.52 -46.02 50.11
N ALA C 14 -20.68 -46.38 51.38
CA ALA C 14 -21.39 -47.60 51.79
C ALA C 14 -22.87 -47.44 51.47
N CYS C 15 -23.42 -46.26 51.77
CA CYS C 15 -24.83 -46.05 51.49
C CYS C 15 -25.12 -46.11 49.98
N ALA C 16 -24.15 -45.75 49.15
CA ALA C 16 -24.36 -45.75 47.69
C ALA C 16 -24.43 -47.18 47.18
N THR C 17 -24.18 -48.12 48.07
CA THR C 17 -24.23 -49.55 47.77
C THR C 17 -25.67 -50.06 47.78
N LEU C 18 -26.54 -49.42 48.57
CA LEU C 18 -27.94 -49.79 48.72
C LEU C 18 -28.78 -49.54 47.48
N GLN C 19 -28.36 -50.12 46.36
CA GLN C 19 -29.05 -49.94 45.10
C GLN C 19 -30.46 -50.50 45.12
N GLU C 20 -30.63 -51.64 45.76
CA GLU C 20 -31.96 -52.21 45.74
C GLU C 20 -32.35 -52.81 47.10
N ALA C 21 -33.60 -53.29 47.16
CA ALA C 21 -34.17 -53.85 48.38
C ALA C 21 -33.64 -55.21 48.87
N ARG C 22 -33.67 -56.21 47.99
CA ARG C 22 -33.24 -57.56 48.41
C ARG C 22 -31.80 -58.04 48.18
N ILE C 23 -30.96 -57.20 47.57
CA ILE C 23 -29.57 -57.56 47.32
C ILE C 23 -28.79 -57.95 48.58
N VAL C 24 -27.71 -58.70 48.44
CA VAL C 24 -26.96 -59.06 49.62
C VAL C 24 -25.67 -58.24 49.71
N LEU C 25 -25.49 -57.65 50.88
CA LEU C 25 -24.35 -56.81 51.12
C LEU C 25 -23.05 -57.52 51.37
N GLU C 26 -21.98 -56.91 50.93
CA GLU C 26 -20.64 -57.41 51.16
C GLU C 26 -20.57 -57.21 52.72
N ALA C 27 -19.94 -58.13 53.45
CA ALA C 27 -19.89 -58.05 54.92
C ALA C 27 -19.34 -56.76 55.49
N ASN C 28 -18.24 -56.35 54.89
CA ASN C 28 -17.53 -55.13 55.20
C ASN C 28 -18.55 -53.94 55.33
N VAL C 29 -19.45 -53.81 54.37
CA VAL C 29 -20.47 -52.76 54.37
C VAL C 29 -21.41 -52.80 55.56
N MET C 30 -21.92 -53.99 55.87
CA MET C 30 -22.83 -54.13 56.99
C MET C 30 -22.17 -53.84 58.32
N GLU C 31 -20.91 -54.23 58.46
CA GLU C 31 -20.19 -53.98 59.69
C GLU C 31 -20.08 -52.47 59.97
N ILE C 32 -19.80 -51.71 58.91
CA ILE C 32 -19.66 -50.24 58.98
C ILE C 32 -21.01 -49.52 59.19
N LEU C 33 -21.99 -49.84 58.34
CA LEU C 33 -23.30 -49.22 58.46
C LEU C 33 -23.92 -49.48 59.80
N GLY C 34 -23.72 -50.70 60.29
CA GLY C 34 -24.23 -51.09 61.58
C GLY C 34 -23.77 -50.15 62.67
N ILE C 35 -22.46 -50.06 62.83
CA ILE C 35 -21.89 -49.18 63.84
C ILE C 35 -22.23 -47.70 63.66
N ALA C 36 -22.07 -47.24 62.43
CA ALA C 36 -22.32 -45.84 62.11
C ALA C 36 -23.75 -45.46 62.35
N ILE C 37 -24.69 -46.23 61.83
CA ILE C 37 -26.10 -45.93 61.99
C ILE C 37 -26.52 -45.98 63.45
N ASN C 38 -25.95 -46.91 64.18
CA ASN C 38 -26.27 -47.04 65.59
C ASN C 38 -25.77 -45.75 66.32
N ARG C 39 -24.50 -45.36 66.16
CA ARG C 39 -24.03 -44.14 66.84
C ARG C 39 -24.86 -42.93 66.44
N TYR C 40 -25.10 -42.82 65.14
CA TYR C 40 -25.86 -41.74 64.61
C TYR C 40 -27.25 -41.64 65.22
N ASN C 41 -28.06 -42.69 65.12
CA ASN C 41 -29.40 -42.68 65.68
C ASN C 41 -29.38 -42.38 67.19
N GLY C 42 -28.36 -42.85 67.87
CA GLY C 42 -28.27 -42.60 69.29
C GLY C 42 -28.05 -41.16 69.71
N LEU C 43 -27.09 -40.49 69.10
CA LEU C 43 -26.78 -39.09 69.44
C LEU C 43 -27.71 -38.07 68.79
N THR C 44 -28.46 -38.53 67.81
CA THR C 44 -29.34 -37.70 67.00
C THR C 44 -30.82 -37.89 67.22
N LEU C 45 -31.20 -39.11 67.58
CA LEU C 45 -32.58 -39.50 67.81
C LEU C 45 -33.34 -39.66 66.53
N ARG C 46 -32.62 -39.90 65.44
CA ARG C 46 -33.31 -40.15 64.19
C ARG C 46 -33.47 -41.68 64.10
N GLY C 47 -34.17 -42.18 63.09
CA GLY C 47 -34.34 -43.62 63.04
C GLY C 47 -33.99 -44.16 61.70
N VAL C 48 -32.72 -44.05 61.37
CA VAL C 48 -32.24 -44.51 60.08
C VAL C 48 -32.23 -46.06 60.10
N THR C 49 -32.69 -46.71 59.03
CA THR C 49 -32.68 -48.18 58.93
C THR C 49 -31.47 -48.53 58.10
N MET C 50 -30.95 -49.75 58.23
CA MET C 50 -29.83 -50.18 57.41
C MET C 50 -30.27 -50.55 56.01
N ARG C 51 -31.50 -50.97 55.82
CA ARG C 51 -31.95 -51.30 54.47
C ARG C 51 -33.26 -50.58 54.22
N PRO C 52 -33.19 -49.34 53.71
CA PRO C 52 -34.34 -48.49 53.40
C PRO C 52 -35.19 -49.00 52.25
N THR C 53 -36.51 -48.94 52.38
CA THR C 53 -37.41 -49.38 51.31
C THR C 53 -38.34 -48.22 50.91
N SER C 54 -39.06 -47.67 51.89
CA SER C 54 -39.94 -46.55 51.60
C SER C 54 -39.18 -45.25 51.34
N LEU C 55 -39.86 -44.29 50.74
CA LEU C 55 -39.29 -42.99 50.48
C LEU C 55 -38.89 -42.33 51.79
N ALA C 56 -39.72 -42.49 52.81
CA ALA C 56 -39.40 -41.87 54.08
C ALA C 56 -38.08 -42.39 54.66
N GLN C 57 -37.80 -43.67 54.42
CA GLN C 57 -36.56 -44.28 54.93
C GLN C 57 -35.35 -43.83 54.14
N ARG C 58 -35.55 -43.65 52.84
CA ARG C 58 -34.50 -43.19 51.95
C ARG C 58 -34.12 -41.74 52.29
N ASN C 59 -35.12 -40.90 52.52
CA ASN C 59 -34.86 -39.52 52.88
C ASN C 59 -34.06 -39.47 54.16
N GLU C 60 -34.49 -40.26 55.12
CA GLU C 60 -33.85 -40.30 56.43
C GLU C 60 -32.36 -40.71 56.31
N MET C 61 -32.07 -41.70 55.46
CA MET C 61 -30.67 -42.14 55.29
C MET C 61 -29.89 -41.04 54.58
N PHE C 62 -30.52 -40.44 53.56
CA PHE C 62 -29.88 -39.37 52.83
C PHE C 62 -29.57 -38.20 53.79
N PHE C 63 -30.50 -37.89 54.68
CA PHE C 63 -30.25 -36.81 55.63
C PHE C 63 -29.09 -37.13 56.53
N MET C 64 -28.87 -38.42 56.79
CA MET C 64 -27.75 -38.82 57.64
C MET C 64 -26.45 -38.53 56.90
N CYS C 65 -26.45 -38.81 55.60
CA CYS C 65 -25.29 -38.55 54.77
C CYS C 65 -25.04 -37.04 54.65
N LEU C 66 -26.11 -36.29 54.44
CA LEU C 66 -26.01 -34.83 54.36
C LEU C 66 -25.39 -34.29 55.66
N ASP C 67 -25.86 -34.79 56.81
CA ASP C 67 -25.32 -34.34 58.09
C ASP C 67 -23.84 -34.62 58.20
N MET C 68 -23.45 -35.81 57.77
CA MET C 68 -22.08 -36.24 57.84
C MET C 68 -21.19 -35.47 56.91
N MET C 69 -21.67 -35.18 55.70
CA MET C 69 -20.92 -34.38 54.73
C MET C 69 -20.72 -32.96 55.32
N LEU C 70 -21.79 -32.31 55.79
CA LEU C 70 -21.65 -30.96 56.34
C LEU C 70 -20.73 -30.92 57.54
N SER C 71 -20.81 -31.91 58.43
CA SER C 71 -19.94 -31.89 59.61
C SER C 71 -18.48 -32.09 59.24
N ALA C 72 -18.20 -32.97 58.30
CA ALA C 72 -16.81 -33.20 57.90
C ALA C 72 -16.24 -31.97 57.18
N ALA C 73 -17.08 -31.26 56.43
CA ALA C 73 -16.67 -30.08 55.68
C ALA C 73 -16.61 -28.82 56.55
N GLY C 74 -17.22 -28.88 57.71
CA GLY C 74 -17.20 -27.75 58.64
C GLY C 74 -18.20 -26.67 58.30
N ILE C 75 -19.23 -27.04 57.55
CA ILE C 75 -20.27 -26.12 57.11
C ILE C 75 -21.55 -26.19 57.93
N ASN C 76 -22.21 -25.05 58.06
CA ASN C 76 -23.47 -24.98 58.76
C ASN C 76 -24.41 -24.35 57.71
N VAL C 77 -25.26 -25.15 57.04
CA VAL C 77 -26.14 -24.66 55.99
C VAL C 77 -27.20 -23.67 56.36
N GLY C 78 -27.69 -23.71 57.59
CA GLY C 78 -28.75 -22.79 57.95
C GLY C 78 -30.09 -23.42 57.59
N PRO C 79 -31.18 -22.72 57.85
CA PRO C 79 -32.51 -23.26 57.54
C PRO C 79 -32.86 -23.27 56.07
N ILE C 80 -32.42 -24.30 55.36
CA ILE C 80 -32.70 -24.37 53.94
C ILE C 80 -33.93 -25.22 53.65
N SER C 81 -34.44 -25.90 54.67
CA SER C 81 -35.54 -26.79 54.39
C SER C 81 -36.49 -27.07 55.52
N PRO C 82 -37.78 -27.20 55.18
CA PRO C 82 -38.82 -27.49 56.18
C PRO C 82 -38.81 -29.00 56.51
N ASP C 83 -38.11 -29.78 55.68
CA ASP C 83 -38.03 -31.22 55.82
C ASP C 83 -36.76 -31.70 56.46
N TYR C 84 -35.71 -30.90 56.37
CA TYR C 84 -34.43 -31.29 56.93
C TYR C 84 -33.88 -30.24 57.85
N THR C 85 -33.35 -30.71 58.96
CA THR C 85 -32.74 -29.82 59.93
C THR C 85 -31.38 -30.42 60.27
N GLN C 86 -30.33 -29.66 60.05
CA GLN C 86 -28.99 -30.16 60.32
C GLN C 86 -28.77 -30.42 61.82
N HIS C 87 -28.17 -31.58 62.11
CA HIS C 87 -27.86 -31.99 63.48
C HIS C 87 -26.42 -31.83 63.73
N MET C 88 -26.09 -30.80 64.50
CA MET C 88 -24.72 -30.46 64.85
C MET C 88 -24.00 -31.55 65.64
N ALA C 89 -24.76 -32.39 66.35
CA ALA C 89 -24.16 -33.48 67.13
C ALA C 89 -23.43 -34.52 66.25
N THR C 90 -23.67 -34.48 64.93
CA THR C 90 -23.05 -35.42 64.01
C THR C 90 -21.53 -35.44 64.12
N ILE C 91 -20.95 -34.31 64.49
CA ILE C 91 -19.50 -34.23 64.64
C ILE C 91 -19.04 -35.23 65.70
N GLY C 92 -19.85 -35.43 66.74
CA GLY C 92 -19.55 -36.38 67.81
C GLY C 92 -19.64 -37.79 67.27
N VAL C 93 -20.60 -38.04 66.39
CA VAL C 93 -20.70 -39.34 65.79
C VAL C 93 -19.42 -39.64 65.00
N LEU C 94 -19.03 -38.73 64.13
CA LEU C 94 -17.84 -38.91 63.31
C LEU C 94 -16.51 -38.98 64.05
N ALA C 95 -16.46 -38.46 65.29
CA ALA C 95 -15.22 -38.52 66.07
C ALA C 95 -15.10 -39.78 66.93
N THR C 96 -16.08 -40.69 66.81
CA THR C 96 -16.12 -41.95 67.57
C THR C 96 -15.12 -42.93 66.95
N PRO C 97 -14.06 -43.27 67.70
CA PRO C 97 -13.04 -44.20 67.19
C PRO C 97 -13.49 -45.59 66.85
N GLU C 98 -14.73 -45.92 67.18
CA GLU C 98 -15.21 -47.26 66.87
C GLU C 98 -15.76 -47.39 65.47
N ILE C 99 -16.08 -46.26 64.82
CA ILE C 99 -16.57 -46.34 63.43
C ILE C 99 -15.32 -46.46 62.57
N PRO C 100 -15.19 -47.58 61.84
CA PRO C 100 -14.00 -47.75 61.01
C PRO C 100 -14.08 -47.01 59.65
N PHE C 101 -12.93 -46.70 59.08
CA PHE C 101 -12.89 -46.07 57.76
C PHE C 101 -12.11 -47.01 56.84
N THR C 102 -12.41 -47.01 55.55
CA THR C 102 -11.72 -47.89 54.64
C THR C 102 -10.33 -47.39 54.18
N THR C 103 -9.53 -48.32 53.68
CA THR C 103 -8.23 -48.02 53.13
C THR C 103 -8.36 -46.95 52.00
N GLU C 104 -9.37 -47.07 51.14
CA GLU C 104 -9.63 -46.10 50.05
C GLU C 104 -9.86 -44.71 50.64
N ALA C 105 -10.81 -44.60 51.55
CA ALA C 105 -11.08 -43.29 52.11
C ALA C 105 -9.86 -42.69 52.81
N ALA C 106 -9.13 -43.52 53.53
CA ALA C 106 -7.97 -43.06 54.29
C ALA C 106 -6.95 -42.49 53.32
N ASN C 107 -6.65 -43.26 52.30
CA ASN C 107 -5.67 -42.86 51.30
C ASN C 107 -6.07 -41.62 50.51
N GLU C 108 -7.36 -41.49 50.25
CA GLU C 108 -7.86 -40.33 49.57
C GLU C 108 -7.68 -39.05 50.43
N ILE C 109 -7.99 -39.14 51.71
CA ILE C 109 -7.81 -37.99 52.60
C ILE C 109 -6.32 -37.66 52.77
N ALA C 110 -5.47 -38.67 52.81
CA ALA C 110 -4.03 -38.43 52.97
C ALA C 110 -3.54 -37.61 51.76
N ARG C 111 -4.08 -37.94 50.60
CA ARG C 111 -3.73 -37.20 49.43
C ARG C 111 -4.17 -35.75 49.54
N VAL C 112 -5.46 -35.53 49.83
CA VAL C 112 -5.94 -34.17 49.95
C VAL C 112 -5.05 -33.41 50.93
N THR C 113 -4.76 -34.00 52.06
CA THR C 113 -3.96 -33.29 53.01
C THR C 113 -2.51 -33.08 52.55
N GLY C 114 -1.91 -34.13 52.04
CA GLY C 114 -0.54 -34.02 51.62
C GLY C 114 -0.28 -33.01 50.52
N GLU C 115 -1.05 -33.04 49.43
CA GLU C 115 -0.76 -32.10 48.35
C GLU C 115 -1.11 -30.66 48.66
N THR C 116 -2.21 -30.49 49.33
CA THR C 116 -2.77 -29.21 49.71
C THR C 116 -1.92 -28.40 50.66
N SER C 117 -1.13 -29.09 51.47
CA SER C 117 -0.35 -28.40 52.47
C SER C 117 1.06 -28.04 52.02
N THR C 118 1.42 -28.38 50.78
CA THR C 118 2.73 -28.07 50.26
C THR C 118 2.61 -27.46 48.87
N TRP C 119 3.72 -27.43 48.13
CA TRP C 119 3.77 -26.85 46.77
C TRP C 119 4.61 -27.76 45.93
N GLY C 120 4.36 -27.73 44.63
CA GLY C 120 5.13 -28.55 43.71
C GLY C 120 4.95 -28.02 42.31
N PRO C 121 5.91 -28.27 41.42
CA PRO C 121 5.83 -27.81 40.03
C PRO C 121 4.70 -28.44 39.23
N ALA C 122 4.04 -27.64 38.41
CA ALA C 122 2.97 -28.12 37.57
C ALA C 122 2.82 -27.32 36.26
N ARG C 123 2.57 -28.00 35.14
CA ARG C 123 2.32 -27.34 33.84
C ARG C 123 1.08 -26.48 34.00
N GLN C 124 1.20 -25.16 33.80
CA GLN C 124 0.06 -24.24 33.89
C GLN C 124 -0.77 -24.35 32.62
N PRO C 125 -2.08 -24.12 32.71
CA PRO C 125 -3.08 -24.20 31.63
C PRO C 125 -3.15 -23.22 30.47
N TYR C 126 -2.88 -21.95 30.74
CA TYR C 126 -3.00 -20.95 29.72
C TYR C 126 -1.69 -20.43 29.15
N GLY C 127 -1.82 -19.57 28.14
CA GLY C 127 -0.65 -19.01 27.48
C GLY C 127 0.16 -18.17 28.44
N PHE C 128 1.48 -18.25 28.30
CA PHE C 128 2.37 -17.50 29.18
C PHE C 128 2.05 -16.00 29.19
N PHE C 129 1.59 -15.48 28.06
CA PHE C 129 1.26 -14.05 27.92
C PHE C 129 -0.20 -13.76 27.84
N LEU C 130 -1.02 -14.60 28.44
CA LEU C 130 -2.45 -14.37 28.41
C LEU C 130 -2.84 -13.01 29.00
N GLU C 131 -2.13 -12.55 30.01
CA GLU C 131 -2.55 -11.30 30.60
C GLU C 131 -1.77 -10.09 30.16
N THR C 132 -1.84 -9.81 28.86
CA THR C 132 -1.17 -8.68 28.25
C THR C 132 -2.24 -7.73 27.68
N GLU C 133 -1.99 -6.43 27.79
CA GLU C 133 -2.98 -5.47 27.30
C GLU C 133 -2.85 -5.14 25.83
N GLU C 134 -1.65 -5.33 25.28
CA GLU C 134 -1.36 -5.00 23.90
C GLU C 134 -0.74 -6.19 23.21
N THR C 135 -0.98 -6.29 21.91
CA THR C 135 -0.39 -7.34 21.10
C THR C 135 -0.01 -6.71 19.72
N PHE C 136 1.00 -7.27 19.06
CA PHE C 136 1.50 -6.80 17.78
C PHE C 136 1.21 -7.77 16.65
N GLN C 137 0.81 -7.28 15.47
CA GLN C 137 0.54 -8.18 14.34
C GLN C 137 1.69 -9.15 14.12
N PRO C 138 1.36 -10.44 14.10
CA PRO C 138 2.42 -11.44 13.89
C PRO C 138 3.10 -11.33 12.53
N GLY C 139 4.42 -11.39 12.56
CA GLY C 139 5.21 -11.36 11.34
C GLY C 139 5.35 -10.05 10.63
N ARG C 140 5.11 -8.94 11.33
CA ARG C 140 5.27 -7.62 10.77
C ARG C 140 6.34 -6.95 11.60
N TRP C 141 7.31 -6.41 10.89
CA TRP C 141 8.46 -5.73 11.44
C TRP C 141 8.07 -4.58 12.34
N PHE C 142 8.84 -4.42 13.40
CA PHE C 142 8.61 -3.32 14.34
C PHE C 142 9.82 -3.13 15.21
N MET C 143 10.40 -1.95 15.07
CA MET C 143 11.59 -1.59 15.80
C MET C 143 11.34 -0.31 16.58
N ARG C 144 11.62 -0.36 17.87
CA ARG C 144 11.42 0.79 18.74
C ARG C 144 12.55 1.78 18.43
N ALA C 145 12.18 3.07 18.34
CA ALA C 145 13.12 4.14 18.02
C ALA C 145 14.40 4.06 18.84
N ALA C 146 15.54 4.04 18.14
CA ALA C 146 16.87 3.98 18.77
C ALA C 146 17.43 2.61 19.11
N GLN C 147 16.64 1.55 18.97
CA GLN C 147 17.15 0.22 19.28
C GLN C 147 17.47 -0.55 18.00
N ALA C 148 18.32 -1.58 18.11
CA ALA C 148 18.68 -2.39 16.94
C ALA C 148 17.94 -3.73 16.94
N VAL C 149 17.45 -4.13 18.13
CA VAL C 149 16.66 -5.34 18.30
C VAL C 149 15.46 -4.94 19.14
N THR C 150 14.27 -5.37 18.71
CA THR C 150 13.03 -5.10 19.43
C THR C 150 12.16 -6.35 19.48
N ALA C 151 11.91 -6.79 20.73
CA ALA C 151 11.09 -7.96 21.07
C ALA C 151 9.71 -7.46 21.40
N VAL C 152 8.71 -8.17 20.93
CA VAL C 152 7.36 -7.70 21.16
C VAL C 152 6.40 -8.95 21.26
N VAL C 153 5.30 -8.86 22.00
CA VAL C 153 4.40 -10.03 22.07
C VAL C 153 3.41 -10.06 20.93
N CYS C 154 3.26 -11.22 20.29
CA CYS C 154 2.34 -11.36 19.19
C CYS C 154 1.27 -12.42 19.34
N GLY C 155 1.14 -12.97 20.54
CA GLY C 155 0.13 -14.00 20.77
C GLY C 155 0.12 -14.26 22.25
N PRO C 156 -0.81 -15.08 22.73
CA PRO C 156 -0.93 -15.40 24.17
C PRO C 156 0.24 -16.25 24.63
N ASP C 157 0.94 -16.86 23.67
CA ASP C 157 2.07 -17.73 23.95
C ASP C 157 3.25 -17.44 23.07
N MET C 158 3.31 -16.23 22.53
CA MET C 158 4.35 -15.92 21.55
C MET C 158 4.94 -14.53 21.53
N ILE C 159 6.22 -14.47 21.19
CA ILE C 159 6.89 -13.19 21.00
C ILE C 159 7.68 -13.29 19.69
N GLN C 160 7.96 -12.13 19.09
CA GLN C 160 8.77 -12.06 17.85
C GLN C 160 9.74 -10.96 18.09
N VAL C 161 10.94 -11.13 17.54
CA VAL C 161 12.02 -10.17 17.69
C VAL C 161 12.46 -9.74 16.29
N SER C 162 12.57 -8.41 16.10
CA SER C 162 13.04 -7.82 14.84
C SER C 162 14.51 -7.47 15.07
N LEU C 163 15.38 -7.91 14.18
CA LEU C 163 16.82 -7.61 14.30
C LEU C 163 17.34 -6.83 13.07
N ASN C 164 18.04 -5.71 13.31
CA ASN C 164 18.68 -4.95 12.22
C ASN C 164 19.87 -5.82 11.73
N ALA C 165 20.36 -5.56 10.51
CA ALA C 165 21.49 -6.33 9.99
C ALA C 165 22.65 -6.19 10.98
N GLY C 166 23.29 -7.34 11.27
CA GLY C 166 24.40 -7.37 12.21
C GLY C 166 24.11 -7.16 13.69
N ALA C 167 22.85 -6.90 14.06
CA ALA C 167 22.47 -6.66 15.47
C ALA C 167 22.48 -7.87 16.43
N ARG C 168 22.59 -7.56 17.72
CA ARG C 168 22.62 -8.57 18.78
C ARG C 168 22.09 -7.92 20.04
N GLY C 169 21.41 -8.71 20.87
CA GLY C 169 20.83 -8.20 22.10
C GLY C 169 20.21 -9.27 22.98
N ASP C 170 19.90 -8.89 24.21
CA ASP C 170 19.30 -9.80 25.18
C ASP C 170 17.80 -9.58 25.12
N VAL C 171 17.05 -10.65 25.22
CA VAL C 171 15.62 -10.56 25.09
C VAL C 171 14.79 -11.01 26.32
N GLN C 172 15.46 -11.54 27.34
CA GLN C 172 14.77 -12.04 28.53
C GLN C 172 13.79 -11.17 29.29
N GLN C 173 14.01 -9.86 29.38
CA GLN C 173 13.10 -9.03 30.17
C GLN C 173 11.66 -8.98 29.71
N ILE C 174 11.40 -9.39 28.48
CA ILE C 174 10.01 -9.38 27.95
C ILE C 174 9.20 -10.47 28.68
N PHE C 175 9.93 -11.51 29.12
CA PHE C 175 9.39 -12.65 29.85
C PHE C 175 9.28 -12.47 31.35
N GLN C 176 10.02 -11.52 31.92
CA GLN C 176 10.07 -11.31 33.35
C GLN C 176 8.93 -10.52 33.99
N GLY C 177 8.75 -10.74 35.30
CA GLY C 177 7.69 -10.05 36.03
C GLY C 177 6.27 -10.59 35.93
N ARG C 178 6.05 -11.54 35.02
CA ARG C 178 4.73 -12.15 34.86
C ARG C 178 4.83 -13.59 35.28
N ASN C 179 3.80 -14.05 36.02
CA ASN C 179 3.71 -15.42 36.53
C ASN C 179 4.89 -15.59 37.50
N ASP C 180 5.22 -16.83 37.83
CA ASP C 180 6.33 -16.98 38.76
C ASP C 180 6.82 -18.35 38.35
N PRO C 181 7.29 -18.45 37.11
CA PRO C 181 7.77 -19.69 36.55
C PRO C 181 9.01 -20.26 37.18
N MET C 182 9.11 -21.59 37.09
CA MET C 182 10.23 -22.33 37.60
C MET C 182 11.00 -22.75 36.36
N MET C 183 10.28 -22.99 35.28
CA MET C 183 10.90 -23.37 34.04
C MET C 183 9.98 -22.94 32.90
N ILE C 184 10.56 -22.49 31.79
CA ILE C 184 9.80 -22.03 30.63
C ILE C 184 10.33 -22.83 29.47
N TYR C 185 9.43 -23.46 28.73
CA TYR C 185 9.83 -24.29 27.61
C TYR C 185 9.54 -23.56 26.32
N LEU C 186 10.64 -23.25 25.66
CA LEU C 186 10.72 -22.49 24.44
C LEU C 186 11.04 -23.25 23.18
N VAL C 187 10.62 -22.70 22.06
CA VAL C 187 11.07 -23.19 20.75
C VAL C 187 11.10 -21.93 19.88
N TRP C 188 12.24 -21.69 19.24
CA TRP C 188 12.40 -20.49 18.38
C TRP C 188 12.49 -20.84 16.91
N ARG C 189 11.90 -19.98 16.10
CA ARG C 189 11.91 -20.20 14.67
C ARG C 189 12.30 -18.92 13.91
N ARG C 190 12.85 -19.10 12.72
CA ARG C 190 13.17 -17.97 11.84
C ARG C 190 11.85 -17.65 11.14
N ILE C 191 11.42 -16.39 11.13
CA ILE C 191 10.20 -16.03 10.39
C ILE C 191 10.72 -15.81 8.96
N GLU C 192 10.54 -16.81 8.12
CA GLU C 192 11.03 -16.85 6.75
C GLU C 192 10.49 -15.78 5.81
N ASN C 193 9.27 -15.28 6.04
CA ASN C 193 8.68 -14.27 5.16
C ASN C 193 7.89 -13.35 6.05
N PHE C 194 8.33 -12.10 6.19
CA PHE C 194 7.64 -11.12 7.03
C PHE C 194 7.36 -9.79 6.31
N ALA C 195 6.53 -8.96 6.92
CA ALA C 195 6.15 -7.70 6.35
C ALA C 195 7.01 -6.60 6.91
N MET C 196 7.51 -5.73 6.01
CA MET C 196 8.32 -4.59 6.41
C MET C 196 7.33 -3.50 6.79
N ALA C 197 7.76 -2.46 7.50
CA ALA C 197 6.81 -1.40 7.94
C ALA C 197 5.92 -0.86 6.80
N GLN C 198 6.53 -0.82 5.61
CA GLN C 198 5.85 -0.36 4.43
C GLN C 198 4.85 -1.36 3.88
N GLY C 199 5.06 -2.64 4.11
CA GLY C 199 4.08 -3.57 3.61
C GLY C 199 4.66 -4.61 2.71
N ASN C 200 5.91 -4.41 2.30
CA ASN C 200 6.53 -5.36 1.37
C ASN C 200 7.19 -6.52 2.11
N SER C 201 7.19 -7.69 1.47
CA SER C 201 7.79 -8.87 2.06
C SER C 201 9.30 -8.79 2.15
N GLN C 202 9.86 -9.50 3.12
CA GLN C 202 11.29 -9.57 3.34
C GLN C 202 11.57 -10.99 3.87
N GLN C 203 12.76 -11.51 3.61
CA GLN C 203 13.14 -12.85 4.05
C GLN C 203 14.16 -12.77 5.17
N THR C 204 14.20 -13.83 5.98
CA THR C 204 15.20 -13.92 7.04
C THR C 204 16.22 -14.91 6.51
N GLN C 205 17.47 -14.46 6.39
CA GLN C 205 18.55 -15.32 5.87
C GLN C 205 18.96 -16.31 6.97
N ALA C 206 19.42 -17.50 6.59
CA ALA C 206 19.88 -18.44 7.60
C ALA C 206 21.13 -17.83 8.23
N GLY C 207 21.39 -18.14 9.49
CA GLY C 207 22.59 -17.59 10.10
C GLY C 207 22.30 -16.94 11.42
N VAL C 208 21.02 -16.63 11.66
CA VAL C 208 20.59 -16.02 12.91
C VAL C 208 20.76 -17.06 14.01
N THR C 209 21.14 -16.59 15.20
CA THR C 209 21.31 -17.50 16.32
C THR C 209 20.63 -17.01 17.58
N VAL C 210 20.24 -17.99 18.40
CA VAL C 210 19.61 -17.75 19.70
C VAL C 210 20.47 -18.58 20.67
N SER C 211 20.85 -17.98 21.78
CA SER C 211 21.67 -18.70 22.73
C SER C 211 21.08 -18.47 24.13
N VAL C 212 21.16 -19.50 24.96
CA VAL C 212 20.63 -19.43 26.31
C VAL C 212 21.79 -19.60 27.28
N GLY C 213 22.00 -18.61 28.13
CA GLY C 213 23.11 -18.66 29.07
C GLY C 213 24.46 -18.89 28.38
N GLY C 214 24.64 -18.32 27.19
CA GLY C 214 25.89 -18.48 26.48
C GLY C 214 25.99 -19.68 25.55
N VAL C 215 25.13 -20.67 25.72
CA VAL C 215 25.17 -21.83 24.84
C VAL C 215 24.18 -21.72 23.67
N ASP C 216 24.61 -22.18 22.51
CA ASP C 216 23.81 -22.07 21.31
C ASP C 216 22.71 -23.07 21.18
N MET C 217 21.49 -22.59 20.92
CA MET C 217 20.33 -23.46 20.78
C MET C 217 19.77 -23.52 19.36
N ARG C 218 19.54 -24.73 18.86
CA ARG C 218 18.96 -24.93 17.54
C ARG C 218 17.51 -24.47 17.48
N ALA C 219 17.04 -24.16 16.29
CA ALA C 219 15.67 -23.73 16.14
C ALA C 219 14.85 -25.00 16.02
N GLY C 220 13.57 -24.89 16.36
CA GLY C 220 12.65 -26.01 16.26
C GLY C 220 12.81 -27.18 17.20
N ARG C 221 13.42 -26.95 18.35
CA ARG C 221 13.64 -27.97 19.35
C ARG C 221 13.30 -27.29 20.66
N ILE C 222 12.66 -28.05 21.55
CA ILE C 222 12.27 -27.52 22.87
C ILE C 222 13.48 -27.20 23.73
N ILE C 223 13.43 -26.05 24.36
CA ILE C 223 14.48 -25.59 25.22
C ILE C 223 13.93 -25.38 26.62
N ALA C 224 14.63 -25.93 27.59
CA ALA C 224 14.25 -25.78 28.98
C ALA C 224 15.00 -24.56 29.49
N TRP C 225 14.29 -23.47 29.70
CA TRP C 225 14.93 -22.24 30.15
C TRP C 225 14.43 -21.86 31.54
N ASP C 226 15.36 -21.56 32.43
CA ASP C 226 15.02 -21.16 33.80
C ASP C 226 14.46 -19.79 33.95
N GLY C 227 14.41 -19.02 32.89
CA GLY C 227 13.84 -17.68 32.98
C GLY C 227 14.79 -16.63 33.51
N GLN C 228 16.00 -17.03 33.92
CA GLN C 228 17.00 -16.09 34.47
C GLN C 228 18.17 -15.90 33.50
N ALA C 229 18.71 -17.02 33.02
CA ALA C 229 19.85 -17.02 32.10
C ALA C 229 19.54 -16.12 30.91
N ALA C 230 20.55 -15.45 30.38
CA ALA C 230 20.37 -14.55 29.25
C ALA C 230 19.93 -15.23 27.96
N LEU C 231 18.91 -14.64 27.35
CA LEU C 231 18.32 -15.11 26.11
C LEU C 231 18.85 -14.14 25.07
N HIS C 232 19.88 -14.57 24.37
CA HIS C 232 20.58 -13.73 23.43
C HIS C 232 20.38 -14.02 21.95
N VAL C 233 19.82 -13.04 21.23
CA VAL C 233 19.60 -13.20 19.79
C VAL C 233 20.70 -12.44 19.02
N HIS C 234 21.20 -13.06 17.96
CA HIS C 234 22.25 -12.47 17.14
C HIS C 234 21.98 -12.67 15.64
N ASN C 235 21.94 -11.55 14.92
CA ASN C 235 21.74 -11.53 13.45
C ASN C 235 23.08 -11.19 12.79
N PRO C 236 23.88 -12.20 12.43
CA PRO C 236 25.18 -11.94 11.79
C PRO C 236 25.02 -11.60 10.31
N THR C 237 23.78 -11.72 9.86
CA THR C 237 23.35 -11.48 8.51
C THR C 237 23.38 -10.01 8.10
N GLN C 238 23.49 -9.77 6.79
CA GLN C 238 23.55 -8.41 6.25
C GLN C 238 22.21 -7.82 5.83
N GLN C 239 21.12 -8.40 6.36
CA GLN C 239 19.77 -7.99 6.08
C GLN C 239 18.96 -8.04 7.36
N ASN C 240 17.77 -7.44 7.35
CA ASN C 240 16.91 -7.50 8.54
C ASN C 240 16.46 -8.95 8.74
N ALA C 241 16.22 -9.29 10.00
CA ALA C 241 15.78 -10.62 10.37
C ALA C 241 14.68 -10.57 11.42
N MET C 242 13.86 -11.62 11.43
CA MET C 242 12.80 -11.76 12.44
C MET C 242 12.78 -13.19 12.98
N VAL C 243 12.69 -13.33 14.31
CA VAL C 243 12.59 -14.68 14.87
C VAL C 243 11.38 -14.74 15.76
N GLN C 244 10.68 -15.89 15.77
CA GLN C 244 9.57 -16.04 16.73
C GLN C 244 10.02 -16.97 17.82
N ILE C 245 9.62 -16.64 19.04
CA ILE C 245 9.95 -17.47 20.19
C ILE C 245 8.65 -17.82 20.86
N GLN C 246 8.35 -19.11 20.83
CA GLN C 246 7.13 -19.66 21.40
C GLN C 246 7.31 -20.29 22.77
N VAL C 247 6.43 -19.93 23.71
CA VAL C 247 6.45 -20.55 25.04
C VAL C 247 5.45 -21.72 24.91
N VAL C 248 5.99 -22.91 24.62
CA VAL C 248 5.14 -24.08 24.44
C VAL C 248 4.36 -24.48 25.71
N PHE C 249 4.97 -24.28 26.88
CA PHE C 249 4.33 -24.48 28.19
C PHE C 249 5.32 -24.09 29.24
N TYR C 250 4.83 -23.77 30.43
CA TYR C 250 5.72 -23.42 31.53
C TYR C 250 5.23 -24.08 32.82
N ILE C 251 6.08 -24.17 33.83
CA ILE C 251 5.68 -24.78 35.11
C ILE C 251 5.86 -23.81 36.28
N SER C 252 4.90 -23.79 37.19
CA SER C 252 5.02 -22.94 38.35
C SER C 252 4.43 -23.72 39.54
N MET C 253 4.42 -23.09 40.71
CA MET C 253 3.86 -23.70 41.91
C MET C 253 2.41 -23.28 42.18
N ASP C 254 1.70 -22.88 41.15
CA ASP C 254 0.30 -22.54 41.33
C ASP C 254 -0.41 -23.88 41.09
N LYS C 255 -1.46 -24.13 41.85
CA LYS C 255 -2.17 -25.37 41.75
C LYS C 255 -3.00 -25.42 40.50
N THR C 256 -3.01 -26.59 39.87
CA THR C 256 -3.81 -26.80 38.67
C THR C 256 -4.87 -27.83 39.01
N LEU C 257 -5.69 -28.18 38.03
CA LEU C 257 -6.75 -29.16 38.20
C LEU C 257 -6.22 -30.59 38.26
N ASN C 258 -4.90 -30.77 38.14
CA ASN C 258 -4.31 -32.09 38.21
C ASN C 258 -3.62 -32.28 39.56
N GLN C 259 -3.99 -31.51 40.57
CA GLN C 259 -3.37 -31.64 41.90
C GLN C 259 -3.87 -32.88 42.66
N TYR C 260 -5.06 -33.31 42.28
CA TYR C 260 -5.71 -34.45 42.88
C TYR C 260 -6.27 -35.28 41.72
N PRO C 261 -6.12 -36.62 41.77
CA PRO C 261 -6.63 -37.47 40.69
C PRO C 261 -8.08 -37.25 40.30
N ALA C 262 -8.28 -36.95 39.03
CA ALA C 262 -9.57 -36.66 38.42
C ALA C 262 -10.40 -35.58 39.09
N LEU C 263 -9.71 -34.56 39.63
CA LEU C 263 -10.40 -33.43 40.28
C LEU C 263 -11.48 -32.84 39.35
N THR C 264 -11.16 -32.75 38.06
CA THR C 264 -12.10 -32.20 37.10
C THR C 264 -13.39 -33.01 37.03
N ALA C 265 -13.27 -34.33 36.99
CA ALA C 265 -14.46 -35.18 36.93
C ALA C 265 -15.31 -35.01 38.20
N GLU C 266 -14.65 -34.76 39.35
CA GLU C 266 -15.39 -34.56 40.61
C GLU C 266 -16.14 -33.24 40.57
N ILE C 267 -15.42 -32.19 40.15
CA ILE C 267 -16.01 -30.87 40.01
C ILE C 267 -17.21 -30.97 39.06
N PHE C 268 -17.04 -31.66 37.93
CA PHE C 268 -18.14 -31.81 36.99
C PHE C 268 -19.38 -32.47 37.63
N ASN C 269 -19.13 -33.52 38.40
CA ASN C 269 -20.19 -34.23 39.08
C ASN C 269 -20.95 -33.31 40.03
N VAL C 270 -20.23 -32.53 40.83
CA VAL C 270 -20.84 -31.57 41.78
C VAL C 270 -21.71 -30.51 41.10
N TYR C 271 -21.24 -29.97 39.98
CA TYR C 271 -21.99 -28.92 39.31
C TYR C 271 -23.05 -29.38 38.33
N SER C 272 -23.21 -30.69 38.17
CA SER C 272 -24.27 -31.18 37.30
C SER C 272 -25.60 -30.84 37.94
N PHE C 273 -26.60 -30.74 37.08
CA PHE C 273 -27.92 -30.36 37.48
C PHE C 273 -28.67 -31.39 38.31
N ARG C 274 -28.84 -32.60 37.73
CA ARG C 274 -29.59 -33.73 38.33
C ARG C 274 -31.09 -33.39 38.32
N ASP C 275 -31.48 -32.45 39.18
CA ASP C 275 -32.85 -31.99 39.23
C ASP C 275 -32.83 -30.73 40.08
N HIS C 276 -34.01 -30.13 40.24
CA HIS C 276 -34.09 -28.90 41.01
C HIS C 276 -33.69 -28.96 42.44
N THR C 277 -33.92 -30.10 43.07
CA THR C 277 -33.59 -30.24 44.47
C THR C 277 -32.07 -30.32 44.65
N TRP C 278 -31.40 -31.14 43.82
CA TRP C 278 -29.97 -31.24 43.94
C TRP C 278 -29.35 -29.88 43.62
N HIS C 279 -29.85 -29.28 42.55
CA HIS C 279 -29.38 -28.01 42.14
C HIS C 279 -29.52 -26.98 43.28
N GLY C 280 -30.71 -26.96 43.91
CA GLY C 280 -30.93 -26.05 45.03
C GLY C 280 -30.04 -26.34 46.24
N LEU C 281 -29.94 -27.62 46.59
CA LEU C 281 -29.15 -28.08 47.74
C LEU C 281 -27.67 -27.78 47.53
N ARG C 282 -27.15 -28.15 46.36
CA ARG C 282 -25.75 -27.90 46.04
C ARG C 282 -25.46 -26.40 46.13
N THR C 283 -26.29 -25.60 45.49
CA THR C 283 -26.13 -24.15 45.56
C THR C 283 -26.10 -23.66 47.02
N ALA C 284 -27.07 -24.10 47.82
CA ALA C 284 -27.12 -23.70 49.24
C ALA C 284 -25.88 -24.10 50.03
N ILE C 285 -25.37 -25.30 49.79
CA ILE C 285 -24.17 -25.73 50.50
C ILE C 285 -22.96 -24.91 50.03
N LEU C 286 -22.81 -24.70 48.72
CA LEU C 286 -21.67 -23.94 48.23
C LEU C 286 -21.68 -22.45 48.65
N ASN C 287 -22.86 -21.91 48.97
CA ASN C 287 -22.96 -20.49 49.42
C ASN C 287 -22.24 -20.25 50.71
N ARG C 288 -21.91 -21.32 51.41
CA ARG C 288 -21.25 -21.21 52.70
C ARG C 288 -19.76 -21.41 52.52
N THR C 289 -19.30 -21.38 51.28
CA THR C 289 -17.88 -21.58 50.97
C THR C 289 -17.34 -20.49 50.04
N THR C 290 -16.07 -20.59 49.68
CA THR C 290 -15.46 -19.60 48.80
C THR C 290 -15.50 -20.08 47.35
N LEU C 291 -16.23 -21.16 47.14
CA LEU C 291 -16.39 -21.74 45.83
C LEU C 291 -17.65 -21.18 45.18
N PRO C 292 -17.63 -21.05 43.83
CA PRO C 292 -18.81 -20.53 43.16
C PRO C 292 -19.95 -21.54 43.39
N ASN C 293 -21.16 -21.04 43.53
CA ASN C 293 -22.29 -21.89 43.82
C ASN C 293 -22.96 -22.63 42.66
N MET C 294 -22.72 -22.21 41.41
CA MET C 294 -23.34 -22.99 40.32
C MET C 294 -22.56 -23.19 39.04
N LEU C 295 -21.38 -22.60 38.97
CA LEU C 295 -20.52 -22.78 37.81
C LEU C 295 -19.14 -23.08 38.34
N PRO C 296 -18.43 -24.03 37.71
CA PRO C 296 -17.08 -24.41 38.14
C PRO C 296 -16.21 -23.16 38.19
N PRO C 297 -15.27 -23.13 39.15
CA PRO C 297 -14.37 -21.97 39.29
C PRO C 297 -13.50 -21.76 38.03
N ILE C 298 -13.01 -20.56 37.84
CA ILE C 298 -12.18 -20.26 36.68
C ILE C 298 -10.79 -20.74 37.00
N PHE C 299 -10.34 -20.45 38.21
CA PHE C 299 -9.02 -20.89 38.63
C PHE C 299 -9.20 -22.01 39.61
N PRO C 300 -8.33 -23.01 39.54
CA PRO C 300 -8.41 -24.16 40.45
C PRO C 300 -8.24 -23.75 41.90
N PRO C 301 -9.01 -24.36 42.81
CA PRO C 301 -8.94 -24.05 44.25
C PRO C 301 -7.58 -24.53 44.72
N ASN C 302 -7.11 -24.03 45.87
CA ASN C 302 -5.79 -24.49 46.30
C ASN C 302 -5.62 -24.80 47.77
N ASP C 303 -6.72 -24.77 48.52
CA ASP C 303 -6.68 -25.06 49.93
C ASP C 303 -7.42 -26.35 50.25
N ARG C 304 -7.05 -26.95 51.37
CA ARG C 304 -7.65 -28.18 51.84
C ARG C 304 -9.17 -28.15 51.89
N ASP C 305 -9.73 -27.09 52.47
CA ASP C 305 -11.18 -26.99 52.61
C ASP C 305 -11.96 -27.10 51.31
N SER C 306 -11.56 -26.32 50.32
CA SER C 306 -12.26 -26.34 49.04
C SER C 306 -12.17 -27.70 48.40
N ILE C 307 -10.96 -28.26 48.36
CA ILE C 307 -10.80 -29.57 47.74
C ILE C 307 -11.66 -30.63 48.44
N LEU C 308 -11.60 -30.64 49.77
CA LEU C 308 -12.36 -31.58 50.57
C LEU C 308 -13.85 -31.46 50.31
N THR C 309 -14.34 -30.23 50.39
CA THR C 309 -15.74 -29.96 50.14
C THR C 309 -16.19 -30.47 48.77
N LEU C 310 -15.35 -30.31 47.75
CA LEU C 310 -15.69 -30.77 46.42
C LEU C 310 -15.77 -32.28 46.44
N LEU C 311 -14.75 -32.95 46.99
CA LEU C 311 -14.75 -34.42 47.04
C LEU C 311 -15.96 -34.97 47.81
N LEU C 312 -16.18 -34.39 49.00
CA LEU C 312 -17.30 -34.78 49.84
C LEU C 312 -18.65 -34.54 49.12
N LEU C 313 -18.80 -33.40 48.47
CA LEU C 313 -20.04 -33.10 47.75
C LEU C 313 -20.25 -34.03 46.57
N SER C 314 -19.18 -34.40 45.87
CA SER C 314 -19.26 -35.29 44.72
C SER C 314 -19.80 -36.66 45.15
N THR C 315 -19.26 -37.17 46.26
CA THR C 315 -19.74 -38.42 46.82
C THR C 315 -21.21 -38.27 47.23
N LEU C 316 -21.55 -37.18 47.91
CA LEU C 316 -22.96 -36.99 48.30
C LEU C 316 -23.87 -36.97 47.08
N ALA C 317 -23.36 -36.50 45.93
CA ALA C 317 -24.17 -36.48 44.70
C ALA C 317 -24.44 -37.90 44.26
N ASP C 318 -23.42 -38.76 44.41
CA ASP C 318 -23.62 -40.16 44.04
C ASP C 318 -24.66 -40.81 44.97
N VAL C 319 -24.57 -40.51 46.27
CA VAL C 319 -25.55 -41.05 47.22
C VAL C 319 -26.94 -40.57 46.81
N TYR C 320 -27.05 -39.29 46.47
CA TYR C 320 -28.32 -38.71 46.05
C TYR C 320 -28.87 -39.50 44.90
N THR C 321 -27.99 -39.77 43.95
CA THR C 321 -28.39 -40.52 42.79
C THR C 321 -28.92 -41.92 43.11
N VAL C 322 -28.29 -42.66 44.03
CA VAL C 322 -28.81 -43.99 44.36
C VAL C 322 -30.02 -43.98 45.31
N LEU C 323 -30.02 -43.13 46.34
CA LEU C 323 -31.16 -43.05 47.27
C LEU C 323 -32.42 -42.37 46.72
N ARG C 324 -32.28 -41.52 45.70
CA ARG C 324 -33.39 -40.79 45.08
C ARG C 324 -34.32 -40.13 46.10
N PRO C 325 -33.77 -39.33 47.03
CA PRO C 325 -34.65 -38.70 48.03
C PRO C 325 -35.55 -37.62 47.42
N GLU C 326 -36.61 -37.27 48.15
CA GLU C 326 -37.56 -36.24 47.74
C GLU C 326 -37.93 -35.41 48.93
N PHE C 327 -37.51 -34.16 48.91
CA PHE C 327 -37.82 -33.27 49.98
C PHE C 327 -37.85 -31.86 49.43
N ALA C 328 -38.29 -30.92 50.26
CA ALA C 328 -38.42 -29.53 49.86
C ALA C 328 -37.30 -28.60 50.32
N ILE C 329 -36.94 -27.67 49.44
CA ILE C 329 -35.91 -26.66 49.75
C ILE C 329 -36.56 -25.28 49.55
N HIS C 330 -36.34 -24.37 50.48
CA HIS C 330 -36.94 -23.04 50.39
C HIS C 330 -36.57 -22.33 49.10
N GLY C 331 -37.60 -21.86 48.40
CA GLY C 331 -37.34 -21.14 47.17
C GLY C 331 -37.19 -21.98 45.93
N VAL C 332 -37.23 -23.30 46.07
CA VAL C 332 -37.09 -24.18 44.92
C VAL C 332 -38.47 -24.68 44.53
N ASN C 333 -38.77 -24.61 43.23
CA ASN C 333 -40.06 -25.04 42.72
C ASN C 333 -39.98 -26.07 41.58
N PRO C 334 -40.11 -27.37 41.90
CA PRO C 334 -40.05 -28.51 40.97
C PRO C 334 -40.93 -28.54 39.73
N MET C 335 -40.32 -29.03 38.66
CA MET C 335 -40.98 -29.18 37.39
C MET C 335 -40.90 -30.66 37.08
N PRO C 336 -42.04 -31.34 37.08
CA PRO C 336 -42.24 -32.78 36.82
C PRO C 336 -41.41 -33.33 35.63
N GLY C 337 -41.18 -32.47 34.64
CA GLY C 337 -40.36 -32.86 33.50
C GLY C 337 -40.97 -33.47 32.25
N PRO C 338 -40.53 -34.66 31.82
CA PRO C 338 -39.48 -35.45 32.49
C PRO C 338 -38.02 -34.90 32.58
N LEU C 339 -37.81 -33.58 32.41
CA LEU C 339 -36.48 -32.95 32.52
C LEU C 339 -35.65 -33.07 31.24
N THR C 340 -35.25 -31.90 30.75
CA THR C 340 -34.53 -31.80 29.50
C THR C 340 -33.34 -30.89 29.65
N ARG C 341 -32.52 -30.86 28.60
CA ARG C 341 -31.35 -30.02 28.63
C ARG C 341 -31.77 -28.55 28.74
N ALA C 342 -32.86 -28.19 28.07
CA ALA C 342 -33.37 -26.81 28.09
C ALA C 342 -33.75 -26.37 29.49
N ILE C 343 -34.44 -27.27 30.19
CA ILE C 343 -34.86 -27.00 31.56
C ILE C 343 -33.65 -26.91 32.51
N ALA C 344 -32.68 -27.81 32.31
CA ALA C 344 -31.47 -27.81 33.12
C ALA C 344 -30.73 -26.49 32.93
N ARG C 345 -30.51 -26.12 31.67
CA ARG C 345 -29.80 -24.89 31.34
C ARG C 345 -30.44 -23.65 31.96
N ALA C 346 -31.77 -23.59 31.95
CA ALA C 346 -32.50 -22.46 32.51
C ALA C 346 -32.33 -22.28 34.00
N ALA C 347 -31.96 -23.36 34.68
CA ALA C 347 -31.82 -23.32 36.13
C ALA C 347 -30.58 -22.65 36.61
N TYR C 348 -29.63 -22.42 35.69
CA TYR C 348 -28.35 -21.79 36.03
C TYR C 348 -28.40 -20.28 35.94
N VAL C 349 -29.50 -19.74 36.44
CA VAL C 349 -29.80 -18.32 36.44
C VAL C 349 -29.98 -17.87 34.98
N MET D 1 24.65 35.44 -57.40
CA MET D 1 23.48 34.58 -56.95
C MET D 1 22.59 35.18 -55.79
N ASP D 2 23.24 35.86 -54.84
CA ASP D 2 22.48 36.50 -53.82
C ASP D 2 21.82 37.72 -54.49
N THR D 3 22.56 38.33 -55.42
CA THR D 3 22.07 39.49 -56.20
C THR D 3 20.91 39.08 -57.06
N ILE D 4 20.97 37.87 -57.63
CA ILE D 4 19.87 37.37 -58.43
C ILE D 4 18.59 37.36 -57.57
N ALA D 5 18.70 36.82 -56.35
CA ALA D 5 17.53 36.75 -55.50
C ALA D 5 17.04 38.14 -55.10
N ALA D 6 17.99 39.02 -54.76
CA ALA D 6 17.68 40.42 -54.40
C ALA D 6 16.91 41.13 -55.56
N ARG D 7 17.29 40.83 -56.81
CA ARG D 7 16.58 41.39 -57.96
C ARG D 7 15.17 40.86 -58.12
N ALA D 8 15.02 39.53 -58.06
CA ALA D 8 13.68 38.94 -58.21
C ALA D 8 12.72 39.51 -57.15
N LEU D 9 13.21 39.59 -55.93
CA LEU D 9 12.47 40.13 -54.81
C LEU D 9 12.06 41.58 -55.03
N THR D 10 13.03 42.39 -55.49
CA THR D 10 12.81 43.80 -55.80
C THR D 10 11.73 43.98 -56.84
N VAL D 11 11.82 43.22 -57.94
CA VAL D 11 10.83 43.29 -59.01
C VAL D 11 9.45 42.87 -58.58
N MET D 12 9.36 41.77 -57.83
CA MET D 12 8.06 41.27 -57.37
C MET D 12 7.41 42.24 -56.40
N ARG D 13 8.18 42.82 -55.49
CA ARG D 13 7.56 43.78 -54.55
C ARG D 13 7.07 45.03 -55.29
N ALA D 14 7.73 45.40 -56.38
CA ALA D 14 7.37 46.55 -57.20
C ALA D 14 6.04 46.24 -57.90
N CYS D 15 5.91 45.03 -58.43
CA CYS D 15 4.67 44.69 -59.11
C CYS D 15 3.48 44.68 -58.14
N ALA D 16 3.71 44.39 -56.86
CA ALA D 16 2.61 44.37 -55.89
C ALA D 16 2.10 45.76 -55.61
N THR D 17 2.79 46.74 -56.18
CA THR D 17 2.44 48.15 -56.05
C THR D 17 1.31 48.53 -57.01
N LEU D 18 1.22 47.81 -58.12
CA LEU D 18 0.21 48.06 -59.16
C LEU D 18 -1.20 47.71 -58.75
N GLN D 19 -1.65 48.31 -57.65
CA GLN D 19 -2.97 48.04 -57.12
C GLN D 19 -4.08 48.47 -58.07
N GLU D 20 -3.89 49.59 -58.72
CA GLU D 20 -4.97 50.03 -59.58
C GLU D 20 -4.44 50.62 -60.91
N ALA D 21 -5.38 50.98 -61.78
CA ALA D 21 -5.08 51.50 -63.10
C ALA D 21 -4.49 52.91 -63.20
N ARG D 22 -5.14 53.90 -62.59
CA ARG D 22 -4.67 55.29 -62.70
C ARG D 22 -3.76 55.89 -61.62
N ILE D 23 -3.44 55.13 -60.58
CA ILE D 23 -2.58 55.61 -59.51
C ILE D 23 -1.21 56.09 -60.00
N VAL D 24 -0.53 56.94 -59.24
CA VAL D 24 0.78 57.39 -59.67
C VAL D 24 1.87 56.69 -58.88
N LEU D 25 2.81 56.15 -59.63
CA LEU D 25 3.91 55.43 -59.03
C LEU D 25 4.99 56.27 -58.43
N GLU D 26 5.58 55.75 -57.36
CA GLU D 26 6.71 56.37 -56.72
C GLU D 26 7.78 56.20 -57.86
N ALA D 27 8.65 57.19 -58.05
CA ALA D 27 9.64 57.15 -59.15
C ALA D 27 10.54 55.92 -59.15
N ASN D 28 11.03 55.61 -57.97
CA ASN D 28 11.86 54.46 -57.71
C ASN D 28 11.27 53.18 -58.39
N VAL D 29 9.98 52.96 -58.23
CA VAL D 29 9.29 51.81 -58.83
C VAL D 29 9.33 51.79 -60.36
N MET D 30 9.05 52.93 -60.97
CA MET D 30 9.06 53.00 -62.43
C MET D 30 10.45 52.80 -63.00
N GLU D 31 11.47 53.30 -62.32
CA GLU D 31 12.83 53.14 -62.78
C GLU D 31 13.21 51.67 -62.86
N ILE D 32 12.81 50.90 -61.84
CA ILE D 32 13.09 49.47 -61.72
C ILE D 32 12.26 48.63 -62.72
N LEU D 33 10.93 48.83 -62.72
CA LEU D 33 10.06 48.09 -63.61
C LEU D 33 10.43 48.33 -65.04
N GLY D 34 10.80 49.56 -65.35
CA GLY D 34 11.19 49.92 -66.69
C GLY D 34 12.32 49.05 -67.18
N ILE D 35 13.44 49.07 -66.46
CA ILE D 35 14.61 48.28 -66.82
C ILE D 35 14.35 46.77 -66.83
N ALA D 36 13.72 46.31 -65.76
CA ALA D 36 13.44 44.89 -65.62
C ALA D 36 12.53 44.37 -66.70
N ILE D 37 11.43 45.04 -66.93
CA ILE D 37 10.48 44.60 -67.95
C ILE D 37 11.08 44.64 -69.34
N ASN D 38 11.93 45.64 -69.58
CA ASN D 38 12.57 45.76 -70.86
C ASN D 38 13.52 44.54 -71.05
N ARG D 39 14.42 44.26 -70.09
CA ARG D 39 15.32 43.10 -70.24
C ARG D 39 14.54 41.82 -70.42
N TYR D 40 13.52 41.66 -69.57
CA TYR D 40 12.69 40.50 -69.60
C TYR D 40 12.03 40.29 -70.96
N ASN D 41 11.28 41.26 -71.44
CA ASN D 41 10.61 41.13 -72.73
C ASN D 41 11.62 40.86 -73.87
N GLY D 42 12.81 41.43 -73.75
CA GLY D 42 13.80 41.21 -74.77
C GLY D 42 14.37 39.81 -74.89
N LEU D 43 14.75 39.22 -73.76
CA LEU D 43 15.33 37.87 -73.75
C LEU D 43 14.29 36.75 -73.80
N THR D 44 13.04 37.12 -73.56
CA THR D 44 11.92 36.19 -73.47
C THR D 44 10.91 36.24 -74.60
N LEU D 45 10.76 37.43 -75.17
CA LEU D 45 9.82 37.69 -76.25
C LEU D 45 8.40 37.76 -75.77
N ARG D 46 8.24 38.06 -74.50
CA ARG D 46 6.89 38.21 -73.99
C ARG D 46 6.58 39.71 -74.10
N GLY D 47 5.36 40.14 -73.79
CA GLY D 47 5.08 41.54 -73.94
C GLY D 47 4.43 42.10 -72.71
N VAL D 48 5.20 42.10 -71.63
CA VAL D 48 4.69 42.58 -70.36
C VAL D 48 4.58 44.13 -70.45
N THR D 49 3.49 44.71 -69.95
CA THR D 49 3.30 46.17 -69.95
C THR D 49 3.67 46.63 -68.54
N MET D 50 4.04 47.89 -68.37
CA MET D 50 4.33 48.41 -67.05
C MET D 50 3.07 48.71 -66.27
N ARG D 51 1.97 49.01 -66.94
CA ARG D 51 0.75 49.28 -66.21
C ARG D 51 -0.36 48.43 -66.83
N PRO D 52 -0.53 47.20 -66.33
CA PRO D 52 -1.53 46.24 -66.80
C PRO D 52 -2.97 46.64 -66.49
N THR D 53 -3.88 46.47 -67.43
CA THR D 53 -5.29 46.79 -67.21
C THR D 53 -6.16 45.55 -67.44
N SER D 54 -6.03 44.95 -68.62
CA SER D 54 -6.79 43.75 -68.92
C SER D 54 -6.27 42.52 -68.17
N LEU D 55 -7.09 41.49 -68.10
CA LEU D 55 -6.73 40.24 -67.47
C LEU D 55 -5.52 39.65 -68.18
N ALA D 56 -5.51 39.74 -69.51
CA ALA D 56 -4.39 39.19 -70.24
C ALA D 56 -3.06 39.83 -69.87
N GLN D 57 -3.11 41.13 -69.56
CA GLN D 57 -1.89 41.85 -69.19
C GLN D 57 -1.44 41.51 -67.78
N ARG D 58 -2.41 41.29 -66.91
CA ARG D 58 -2.14 40.92 -65.53
C ARG D 58 -1.52 39.52 -65.48
N ASN D 59 -2.08 38.59 -66.25
CA ASN D 59 -1.52 37.25 -66.31
C ASN D 59 -0.08 37.29 -66.76
N GLU D 60 0.14 38.06 -67.81
CA GLU D 60 1.47 38.18 -68.39
C GLU D 60 2.49 38.73 -67.37
N MET D 61 2.09 39.73 -66.58
CA MET D 61 3.00 40.29 -65.59
C MET D 61 3.24 39.27 -64.47
N PHE D 62 2.15 38.58 -64.08
CA PHE D 62 2.25 37.57 -63.06
C PHE D 62 3.20 36.46 -63.52
N PHE D 63 3.10 36.07 -64.80
CA PHE D 63 3.98 35.04 -65.31
C PHE D 63 5.42 35.48 -65.26
N MET D 64 5.66 36.79 -65.38
CA MET D 64 7.02 37.31 -65.34
C MET D 64 7.54 37.13 -63.92
N CYS D 65 6.69 37.38 -62.95
CA CYS D 65 7.06 37.22 -61.56
C CYS D 65 7.30 35.75 -61.23
N LEU D 66 6.41 34.88 -61.72
CA LEU D 66 6.56 33.45 -61.52
C LEU D 66 7.91 32.99 -62.09
N ASP D 67 8.25 33.46 -63.30
CA ASP D 67 9.53 33.08 -63.91
C ASP D 67 10.70 33.51 -63.05
N MET D 68 10.62 34.72 -62.54
CA MET D 68 11.67 35.28 -61.72
C MET D 68 11.82 34.58 -60.40
N MET D 69 10.69 34.22 -59.78
CA MET D 69 10.69 33.48 -58.52
C MET D 69 11.35 32.10 -58.76
N LEU D 70 10.90 31.36 -59.78
CA LEU D 70 11.48 30.05 -60.05
C LEU D 70 12.95 30.11 -60.37
N SER D 71 13.38 31.09 -61.15
CA SER D 71 14.80 31.18 -61.50
C SER D 71 15.66 31.52 -60.29
N ALA D 72 15.19 32.41 -59.42
CA ALA D 72 15.97 32.75 -58.24
C ALA D 72 16.05 31.58 -57.26
N ALA D 73 14.98 30.78 -57.20
CA ALA D 73 14.92 29.62 -56.30
C ALA D 73 15.61 28.40 -56.87
N GLY D 74 15.91 28.41 -58.16
CA GLY D 74 16.60 27.30 -58.79
C GLY D 74 15.71 26.13 -59.13
N ILE D 75 14.42 26.38 -59.23
CA ILE D 75 13.42 25.36 -59.51
C ILE D 75 12.96 25.33 -60.97
N ASN D 76 12.65 24.13 -61.44
CA ASN D 76 12.14 23.96 -62.77
C ASN D 76 10.80 23.23 -62.55
N VAL D 77 9.67 23.93 -62.62
CA VAL D 77 8.36 23.33 -62.37
C VAL D 77 7.88 22.25 -63.27
N GLY D 78 8.29 22.27 -64.53
CA GLY D 78 7.79 21.26 -65.45
C GLY D 78 6.49 21.75 -66.06
N PRO D 79 5.88 20.96 -66.93
CA PRO D 79 4.63 21.37 -67.57
C PRO D 79 3.41 21.32 -66.67
N ILE D 80 3.21 22.37 -65.90
CA ILE D 80 2.07 22.40 -65.00
C ILE D 80 0.88 23.11 -65.60
N SER D 81 1.08 23.76 -66.73
CA SER D 81 -0.01 24.54 -67.27
C SER D 81 -0.03 24.74 -68.77
N PRO D 82 -1.23 24.74 -69.33
CA PRO D 82 -1.41 24.95 -70.78
C PRO D 82 -1.31 26.46 -71.10
N ASP D 83 -1.38 27.29 -70.06
CA ASP D 83 -1.35 28.73 -70.17
C ASP D 83 0.00 29.34 -69.87
N TYR D 84 0.81 28.64 -69.10
CA TYR D 84 2.10 29.17 -68.72
C TYR D 84 3.20 28.20 -69.02
N THR D 85 4.28 28.73 -69.56
CA THR D 85 5.45 27.92 -69.86
C THR D 85 6.65 28.64 -69.28
N GLN D 86 7.37 27.99 -68.40
CA GLN D 86 8.52 28.61 -67.77
C GLN D 86 9.63 28.91 -68.78
N HIS D 87 10.18 30.13 -68.68
CA HIS D 87 11.26 30.59 -69.55
C HIS D 87 12.54 30.58 -68.81
N MET D 88 13.35 29.60 -69.13
CA MET D 88 14.65 29.40 -68.51
C MET D 88 15.63 30.57 -68.71
N ALA D 89 15.43 31.34 -69.77
CA ALA D 89 16.30 32.49 -70.03
C ALA D 89 16.21 33.58 -68.95
N THR D 90 15.18 33.49 -68.08
CA THR D 90 14.98 34.48 -67.03
C THR D 90 16.19 34.64 -66.14
N ILE D 91 16.97 33.57 -65.99
CA ILE D 91 18.18 33.64 -65.18
C ILE D 91 19.13 34.71 -65.74
N GLY D 92 19.16 34.84 -67.07
CA GLY D 92 20.00 35.82 -67.74
C GLY D 92 19.47 37.22 -67.44
N VAL D 93 18.16 37.35 -67.41
CA VAL D 93 17.57 38.63 -67.07
C VAL D 93 18.03 39.04 -65.67
N LEU D 94 17.83 38.16 -64.71
CA LEU D 94 18.20 38.44 -63.32
C LEU D 94 19.68 38.64 -63.04
N ALA D 95 20.55 38.15 -63.93
CA ALA D 95 21.99 38.33 -63.73
C ALA D 95 22.53 39.61 -64.38
N THR D 96 21.65 40.43 -64.96
CA THR D 96 21.99 41.69 -65.63
C THR D 96 22.27 42.75 -64.56
N PRO D 97 23.53 43.21 -64.46
CA PRO D 97 23.90 44.22 -63.46
C PRO D 97 23.22 45.55 -63.57
N GLU D 98 22.47 45.77 -64.62
CA GLU D 98 21.80 47.05 -64.75
C GLU D 98 20.46 47.10 -64.04
N ILE D 99 19.89 45.94 -63.69
CA ILE D 99 18.62 45.95 -62.96
C ILE D 99 19.00 46.18 -61.50
N PRO D 100 18.55 47.29 -60.92
CA PRO D 100 18.91 47.55 -59.52
C PRO D 100 18.02 46.79 -58.50
N PHE D 101 18.56 46.57 -57.30
CA PHE D 101 17.78 45.93 -56.24
C PHE D 101 17.72 46.94 -55.08
N THR D 102 16.66 46.88 -54.29
CA THR D 102 16.52 47.81 -53.20
C THR D 102 17.32 47.43 -51.93
N THR D 103 17.54 48.43 -51.07
CA THR D 103 18.19 48.23 -49.80
C THR D 103 17.46 47.14 -48.97
N GLU D 104 16.12 47.15 -48.96
CA GLU D 104 15.31 46.15 -48.26
C GLU D 104 15.61 44.75 -48.78
N ALA D 105 15.50 44.56 -50.08
CA ALA D 105 15.76 43.24 -50.63
C ALA D 105 17.20 42.78 -50.35
N ALA D 106 18.14 43.69 -50.46
CA ALA D 106 19.55 43.34 -50.28
C ALA D 106 19.75 42.86 -48.87
N ASN D 107 19.26 43.63 -47.92
CA ASN D 107 19.39 43.31 -46.51
C ASN D 107 18.68 42.03 -46.10
N GLU D 108 17.55 41.77 -46.73
CA GLU D 108 16.82 40.56 -46.46
C GLU D 108 17.62 39.32 -46.95
N ILE D 109 18.21 39.40 -48.13
CA ILE D 109 19.01 38.28 -48.63
C ILE D 109 20.28 38.10 -47.80
N ALA D 110 20.87 39.19 -47.33
CA ALA D 110 22.09 39.08 -46.52
C ALA D 110 21.75 38.30 -45.25
N ARG D 111 20.57 38.57 -44.71
CA ARG D 111 20.14 37.85 -43.56
C ARG D 111 20.00 36.35 -43.86
N VAL D 112 19.22 36.02 -44.89
CA VAL D 112 19.04 34.62 -45.22
C VAL D 112 20.41 33.96 -45.38
N THR D 113 21.31 34.60 -46.08
CA THR D 113 22.60 33.97 -46.26
C THR D 113 23.42 33.91 -44.97
N GLY D 114 23.46 34.99 -44.24
CA GLY D 114 24.24 35.00 -43.04
C GLY D 114 23.82 34.01 -41.98
N GLU D 115 22.53 33.94 -41.64
CA GLU D 115 22.14 33.02 -40.58
C GLU D 115 22.18 31.56 -40.98
N THR D 116 21.79 31.30 -42.19
CA THR D 116 21.71 29.97 -42.77
C THR D 116 23.05 29.28 -42.92
N SER D 117 24.10 30.05 -43.06
CA SER D 117 25.39 29.45 -43.29
C SER D 117 26.22 29.21 -42.01
N THR D 118 25.66 29.57 -40.87
CA THR D 118 26.35 29.37 -39.61
C THR D 118 25.42 28.73 -38.59
N TRP D 119 25.78 28.80 -37.30
CA TRP D 119 25.00 28.20 -36.21
C TRP D 119 25.02 29.17 -35.08
N GLY D 120 24.00 29.10 -34.23
CA GLY D 120 23.92 29.97 -33.08
C GLY D 120 22.92 29.40 -32.10
N PRO D 121 23.06 29.73 -30.82
CA PRO D 121 22.15 29.23 -29.77
C PRO D 121 20.73 29.74 -29.92
N ALA D 122 19.75 28.87 -29.67
CA ALA D 122 18.35 29.24 -29.75
C ALA D 122 17.47 28.39 -28.80
N ARG D 123 16.50 29.02 -28.13
CA ARG D 123 15.53 28.33 -27.26
C ARG D 123 14.77 27.36 -28.15
N GLN D 124 14.84 26.06 -27.86
CA GLN D 124 14.11 25.03 -28.61
C GLN D 124 12.64 25.05 -28.16
N PRO D 125 11.72 24.69 -29.08
CA PRO D 125 10.26 24.66 -28.89
C PRO D 125 9.55 23.66 -28.00
N TYR D 126 10.03 22.42 -27.99
CA TYR D 126 9.36 21.40 -27.22
C TYR D 126 10.04 21.00 -25.92
N GLY D 127 9.36 20.12 -25.18
CA GLY D 127 9.87 19.65 -23.91
C GLY D 127 11.18 18.91 -24.08
N PHE D 128 12.09 19.11 -23.13
CA PHE D 128 13.37 18.46 -23.20
C PHE D 128 13.28 16.94 -23.33
N PHE D 129 12.24 16.36 -22.74
CA PHE D 129 12.03 14.91 -22.78
C PHE D 129 10.88 14.47 -23.64
N LEU D 130 10.57 15.24 -24.67
CA LEU D 130 9.49 14.88 -25.55
C LEU D 130 9.68 13.50 -26.18
N GLU D 131 10.91 13.13 -26.48
CA GLU D 131 11.08 11.85 -27.14
C GLU D 131 11.49 10.71 -26.24
N THR D 132 10.62 10.41 -25.28
CA THR D 132 10.83 9.34 -24.32
C THR D 132 9.73 8.28 -24.54
N GLU D 133 10.09 7.01 -24.40
CA GLU D 133 9.11 5.94 -24.62
C GLU D 133 8.29 5.61 -23.39
N GLU D 134 8.84 5.91 -22.21
CA GLU D 134 8.19 5.59 -20.95
C GLU D 134 8.12 6.80 -20.08
N THR D 135 7.09 6.87 -19.25
CA THR D 135 6.92 7.95 -18.29
C THR D 135 6.39 7.34 -16.96
N PHE D 136 6.69 7.99 -15.84
CA PHE D 136 6.27 7.55 -14.51
C PHE D 136 5.25 8.45 -13.88
N GLN D 137 4.24 7.91 -13.21
CA GLN D 137 3.22 8.76 -12.56
C GLN D 137 3.87 9.83 -11.71
N PRO D 138 3.50 11.09 -11.96
CA PRO D 138 4.09 12.18 -11.17
C PRO D 138 3.74 12.12 -9.69
N GLY D 139 4.77 12.29 -8.87
CA GLY D 139 4.58 12.33 -7.43
C GLY D 139 4.34 11.02 -6.73
N ARG D 140 4.71 9.91 -7.37
CA ARG D 140 4.57 8.60 -6.77
C ARG D 140 5.97 8.04 -6.69
N TRP D 141 6.30 7.59 -5.49
CA TRP D 141 7.58 7.03 -5.14
C TRP D 141 7.97 5.86 -6.03
N PHE D 142 9.25 5.79 -6.34
CA PHE D 142 9.77 4.68 -7.15
C PHE D 142 11.26 4.64 -7.04
N MET D 143 11.72 3.51 -6.49
CA MET D 143 13.12 3.27 -6.27
C MET D 143 13.53 2.00 -6.97
N ARG D 144 14.58 2.08 -7.78
CA ARG D 144 15.08 0.94 -8.51
C ARG D 144 15.83 0.05 -7.51
N ALA D 145 15.60 -1.25 -7.61
CA ALA D 145 16.19 -2.24 -6.71
C ALA D 145 17.69 -2.03 -6.52
N ALA D 146 18.10 -1.91 -5.25
CA ALA D 146 19.51 -1.72 -4.88
C ALA D 146 20.05 -0.29 -4.85
N GLN D 147 19.27 0.69 -5.30
CA GLN D 147 19.74 2.06 -5.28
C GLN D 147 19.10 2.85 -4.12
N ALA D 148 19.72 3.95 -3.71
CA ALA D 148 19.18 4.77 -2.63
C ALA D 148 18.51 6.03 -3.18
N VAL D 149 18.87 6.40 -4.41
CA VAL D 149 18.27 7.54 -5.11
C VAL D 149 17.94 7.04 -6.51
N THR D 150 16.72 7.34 -6.96
CA THR D 150 16.26 6.97 -8.30
C THR D 150 15.53 8.14 -8.96
N ALA D 151 16.11 8.57 -10.09
CA ALA D 151 15.60 9.66 -10.93
C ALA D 151 14.80 9.04 -12.04
N VAL D 152 13.68 9.64 -12.37
CA VAL D 152 12.84 9.06 -13.38
C VAL D 152 12.08 10.20 -14.12
N VAL D 153 11.71 10.02 -15.41
CA VAL D 153 10.99 11.10 -16.09
C VAL D 153 9.49 11.01 -15.85
N CYS D 154 8.87 12.15 -15.52
CA CYS D 154 7.45 12.18 -15.27
C CYS D 154 6.64 13.14 -16.13
N GLY D 155 7.27 13.69 -17.15
CA GLY D 155 6.56 14.63 -18.03
C GLY D 155 7.48 14.91 -19.18
N PRO D 156 7.02 15.64 -20.19
CA PRO D 156 7.83 15.97 -21.38
C PRO D 156 8.94 16.95 -21.02
N ASP D 157 8.80 17.60 -19.87
CA ASP D 157 9.78 18.58 -19.39
C ASP D 157 10.14 18.39 -17.94
N MET D 158 9.93 17.18 -17.44
CA MET D 158 10.12 16.96 -16.02
C MET D 158 10.67 15.62 -15.55
N ILE D 159 11.43 15.67 -14.46
CA ILE D 159 11.92 14.46 -13.83
C ILE D 159 11.67 14.62 -12.32
N GLN D 160 11.60 13.49 -11.63
CA GLN D 160 11.41 13.47 -10.16
C GLN D 160 12.41 12.46 -9.67
N VAL D 161 12.95 12.74 -8.48
CA VAL D 161 13.95 11.89 -7.86
C VAL D 161 13.42 11.48 -6.49
N SER D 162 13.49 10.17 -6.20
CA SER D 162 13.08 9.60 -4.90
C SER D 162 14.37 9.39 -4.12
N LEU D 163 14.43 9.90 -2.90
CA LEU D 163 15.63 9.74 -2.06
C LEU D 163 15.30 8.99 -0.75
N ASN D 164 16.07 7.95 -0.42
CA ASN D 164 15.93 7.24 0.87
C ASN D 164 16.45 8.20 1.95
N ALA D 165 16.05 7.97 3.21
CA ALA D 165 16.52 8.84 4.30
C ALA D 165 18.04 8.83 4.30
N GLY D 166 18.62 10.02 4.43
CA GLY D 166 20.06 10.18 4.43
C GLY D 166 20.82 9.97 3.12
N ALA D 167 20.13 9.60 2.03
CA ALA D 167 20.76 9.35 0.72
C ALA D 167 21.28 10.57 -0.06
N ARG D 168 22.22 10.29 -0.97
CA ARG D 168 22.85 11.32 -1.81
C ARG D 168 23.31 10.65 -3.08
N GLY D 169 23.26 11.38 -4.19
CA GLY D 169 23.66 10.85 -5.48
C GLY D 169 23.66 11.87 -6.60
N ASP D 170 24.24 11.48 -7.72
CA ASP D 170 24.33 12.34 -8.89
C ASP D 170 23.18 11.97 -9.80
N VAL D 171 22.58 12.96 -10.42
CA VAL D 171 21.42 12.74 -11.23
C VAL D 171 21.54 13.13 -12.72
N GLN D 172 22.66 13.75 -13.09
CA GLN D 172 22.86 14.20 -14.48
C GLN D 172 22.67 13.24 -15.65
N GLN D 173 23.01 11.97 -15.51
CA GLN D 173 22.90 11.07 -16.64
C GLN D 173 21.51 10.88 -17.23
N ILE D 174 20.48 11.24 -16.48
CA ILE D 174 19.09 11.09 -16.95
C ILE D 174 18.86 12.11 -18.09
N PHE D 175 19.60 13.21 -18.00
CA PHE D 175 19.56 14.31 -18.96
C PHE D 175 20.46 14.14 -20.18
N GLN D 176 21.47 13.28 -20.08
CA GLN D 176 22.46 13.10 -21.15
C GLN D 176 22.06 12.23 -22.33
N GLY D 177 22.75 12.44 -23.46
CA GLY D 177 22.47 11.66 -24.66
C GLY D 177 21.28 12.07 -25.53
N ARG D 178 20.46 12.98 -25.02
CA ARG D 178 19.28 13.46 -25.76
C ARG D 178 19.51 14.91 -26.09
N ASN D 179 19.17 15.27 -27.34
CA ASN D 179 19.32 16.65 -27.86
C ASN D 179 20.82 16.95 -27.86
N ASP D 180 21.19 18.21 -27.96
CA ASP D 180 22.62 18.49 -27.96
C ASP D 180 22.61 19.89 -27.40
N PRO D 181 22.16 20.00 -26.15
CA PRO D 181 22.06 21.28 -25.47
C PRO D 181 23.36 21.98 -25.19
N MET D 182 23.27 23.30 -25.12
CA MET D 182 24.39 24.16 -24.82
C MET D 182 24.14 24.64 -23.40
N MET D 183 22.86 24.78 -23.06
CA MET D 183 22.52 25.19 -21.72
C MET D 183 21.12 24.67 -21.42
N ILE D 184 20.89 24.25 -20.17
CA ILE D 184 19.60 23.70 -19.75
C ILE D 184 19.19 24.53 -18.56
N TYR D 185 17.97 25.06 -18.61
CA TYR D 185 17.50 25.90 -17.53
C TYR D 185 16.50 25.13 -16.70
N LEU D 186 16.95 24.91 -15.47
CA LEU D 186 16.27 24.14 -14.46
C LEU D 186 15.65 24.91 -13.31
N VAL D 187 14.64 24.31 -12.70
CA VAL D 187 14.11 24.81 -11.43
C VAL D 187 13.68 23.55 -10.69
N TRP D 188 14.16 23.41 -9.46
CA TRP D 188 13.82 22.21 -8.63
C TRP D 188 12.92 22.55 -7.48
N ARG D 189 12.02 21.61 -7.19
CA ARG D 189 11.08 21.82 -6.09
C ARG D 189 11.00 20.56 -5.21
N ARG D 190 10.64 20.77 -3.95
CA ARG D 190 10.41 19.67 -3.02
C ARG D 190 8.97 19.21 -3.32
N ILE D 191 8.75 17.91 -3.52
CA ILE D 191 7.38 17.42 -3.73
C ILE D 191 6.87 17.23 -2.28
N GLU D 192 6.10 18.20 -1.81
CA GLU D 192 5.59 18.26 -0.44
C GLU D 192 4.66 17.13 -0.02
N ASN D 193 3.93 16.53 -0.95
CA ASN D 193 3.00 15.45 -0.62
C ASN D 193 3.04 14.46 -1.76
N PHE D 194 3.58 13.27 -1.52
CA PHE D 194 3.67 12.24 -2.56
C PHE D 194 3.11 10.88 -2.12
N ALA D 195 2.93 9.99 -3.07
CA ALA D 195 2.39 8.68 -2.83
C ALA D 195 3.50 7.68 -2.64
N MET D 196 3.37 6.85 -1.60
CA MET D 196 4.34 5.79 -1.33
C MET D 196 3.92 4.61 -2.21
N ALA D 197 4.79 3.63 -2.43
CA ALA D 197 4.43 2.51 -3.32
C ALA D 197 3.08 1.87 -2.98
N GLN D 198 2.78 1.86 -1.69
CA GLN D 198 1.54 1.31 -1.20
C GLN D 198 0.34 2.21 -1.47
N GLY D 199 0.54 3.51 -1.57
CA GLY D 199 -0.61 4.34 -1.86
C GLY D 199 -0.83 5.41 -0.85
N ASN D 200 -0.14 5.32 0.28
CA ASN D 200 -0.33 6.30 1.34
C ASN D 200 0.56 7.54 1.14
N SER D 201 0.05 8.69 1.57
CA SER D 201 0.78 9.93 1.45
C SER D 201 2.00 10.00 2.36
N GLN D 202 2.99 10.77 1.94
CA GLN D 202 4.20 10.97 2.69
C GLN D 202 4.64 12.43 2.39
N GLN D 203 5.33 13.06 3.33
CA GLN D 203 5.80 14.43 3.18
C GLN D 203 7.30 14.48 2.96
N THR D 204 7.77 15.54 2.33
CA THR D 204 9.20 15.74 2.15
C THR D 204 9.55 16.82 3.16
N GLN D 205 10.46 16.49 4.08
CA GLN D 205 10.88 17.44 5.12
C GLN D 205 11.81 18.47 4.51
N ALA D 206 11.82 19.70 5.03
CA ALA D 206 12.74 20.70 4.51
C ALA D 206 14.15 20.23 4.86
N GLY D 207 15.14 20.56 4.05
CA GLY D 207 16.49 20.14 4.37
C GLY D 207 17.17 19.50 3.21
N VAL D 208 16.38 19.08 2.23
CA VAL D 208 16.90 18.44 1.02
C VAL D 208 17.66 19.51 0.25
N THR D 209 18.75 19.10 -0.40
CA THR D 209 19.53 20.04 -1.19
C THR D 209 19.86 19.52 -2.58
N VAL D 210 20.01 20.47 -3.50
CA VAL D 210 20.39 20.19 -4.89
C VAL D 210 21.59 21.12 -5.12
N SER D 211 22.65 20.57 -5.69
CA SER D 211 23.82 21.38 -5.94
C SER D 211 24.29 21.11 -7.36
N VAL D 212 24.81 22.17 -8.00
CA VAL D 212 25.28 22.06 -9.37
C VAL D 212 26.76 22.37 -9.38
N GLY D 213 27.56 21.41 -9.84
CA GLY D 213 29.01 21.59 -9.85
C GLY D 213 29.57 21.92 -8.47
N GLY D 214 28.98 21.37 -7.42
CA GLY D 214 29.46 21.62 -6.07
C GLY D 214 28.84 22.80 -5.36
N VAL D 215 28.21 23.72 -6.10
CA VAL D 215 27.59 24.87 -5.45
C VAL D 215 26.08 24.64 -5.18
N ASP D 216 25.63 25.11 -4.04
CA ASP D 216 24.26 24.91 -3.63
C ASP D 216 23.25 25.81 -4.30
N MET D 217 22.20 25.20 -4.85
CA MET D 217 21.16 25.96 -5.53
C MET D 217 19.80 25.94 -4.80
N ARG D 218 19.20 27.11 -4.62
CA ARG D 218 17.89 27.24 -3.99
C ARG D 218 16.79 26.65 -4.86
N ALA D 219 15.71 26.27 -4.23
CA ALA D 219 14.59 25.72 -4.97
C ALA D 219 13.79 26.89 -5.47
N GLY D 220 13.05 26.67 -6.55
CA GLY D 220 12.18 27.69 -7.12
C GLY D 220 12.81 28.89 -7.79
N ARG D 221 14.03 28.75 -8.27
CA ARG D 221 14.77 29.79 -8.94
C ARG D 221 15.40 29.10 -10.14
N ILE D 222 15.43 29.81 -11.26
CA ILE D 222 16.03 29.28 -12.49
C ILE D 222 17.53 29.08 -12.37
N ILE D 223 17.99 27.94 -12.83
CA ILE D 223 19.38 27.60 -12.78
C ILE D 223 19.88 27.36 -14.20
N ALA D 224 21.00 27.99 -14.52
CA ALA D 224 21.61 27.82 -15.82
C ALA D 224 22.61 26.69 -15.67
N TRP D 225 22.30 25.55 -16.23
CA TRP D 225 23.18 24.40 -16.10
C TRP D 225 23.72 24.00 -17.47
N ASP D 226 25.02 23.79 -17.53
CA ASP D 226 25.68 23.39 -18.77
C ASP D 226 25.47 21.97 -19.20
N GLY D 227 24.80 21.18 -18.38
CA GLY D 227 24.55 19.79 -18.74
C GLY D 227 25.71 18.85 -18.49
N GLN D 228 26.85 19.37 -18.05
CA GLN D 228 28.03 18.53 -17.78
C GLN D 228 28.32 18.45 -16.28
N ALA D 229 28.34 19.60 -15.63
CA ALA D 229 28.60 19.68 -14.18
C ALA D 229 27.67 18.76 -13.43
N ALA D 230 28.16 18.18 -12.35
CA ALA D 230 27.37 17.24 -11.54
C ALA D 230 26.14 17.85 -10.88
N LEU D 231 25.04 17.15 -11.04
CA LEU D 231 23.74 17.55 -10.50
C LEU D 231 23.56 16.61 -9.31
N HIS D 232 23.86 17.13 -8.13
CA HIS D 232 23.86 16.34 -6.92
C HIS D 232 22.72 16.59 -5.92
N VAL D 233 21.92 15.55 -5.69
CA VAL D 233 20.82 15.66 -4.74
C VAL D 233 21.21 15.00 -3.41
N HIS D 234 20.87 15.64 -2.30
CA HIS D 234 21.19 15.14 -0.98
C HIS D 234 19.99 15.28 -0.01
N ASN D 235 19.59 14.16 0.57
CA ASN D 235 18.50 14.10 1.56
C ASN D 235 19.12 13.87 2.95
N PRO D 236 19.42 14.95 3.69
CA PRO D 236 20.01 14.80 5.03
C PRO D 236 18.96 14.43 6.07
N THR D 237 17.72 14.40 5.61
CA THR D 237 16.55 14.12 6.38
C THR D 237 16.43 12.64 6.79
N GLN D 238 15.69 12.40 7.87
CA GLN D 238 15.50 11.05 8.39
C GLN D 238 14.26 10.32 7.88
N GLN D 239 13.74 10.80 6.75
CA GLN D 239 12.53 10.26 6.11
C GLN D 239 12.76 10.25 4.61
N ASN D 240 11.89 9.54 3.88
CA ASN D 240 12.00 9.54 2.42
C ASN D 240 11.66 10.94 1.90
N ALA D 241 12.26 11.29 0.77
CA ALA D 241 12.06 12.58 0.14
C ALA D 241 11.90 12.44 -1.37
N MET D 242 11.20 13.41 -1.95
CA MET D 242 11.03 13.47 -3.41
C MET D 242 11.25 14.89 -3.92
N VAL D 243 12.02 15.04 -4.99
CA VAL D 243 12.19 16.38 -5.55
C VAL D 243 11.83 16.34 -7.01
N GLN D 244 11.22 17.42 -7.52
CA GLN D 244 10.97 17.49 -8.97
C GLN D 244 11.94 18.47 -9.57
N ILE D 245 12.46 18.13 -10.74
CA ILE D 245 13.37 19.01 -11.44
C ILE D 245 12.79 19.24 -12.81
N GLN D 246 12.42 20.50 -13.04
CA GLN D 246 11.81 20.93 -14.29
C GLN D 246 12.78 21.60 -15.26
N VAL D 247 12.76 21.18 -16.53
CA VAL D 247 13.57 21.82 -17.56
C VAL D 247 12.64 22.88 -18.16
N VAL D 248 12.75 24.12 -17.64
CA VAL D 248 11.90 25.20 -18.11
C VAL D 248 12.08 25.54 -19.61
N PHE D 249 13.32 25.42 -20.10
CA PHE D 249 13.66 25.57 -21.51
C PHE D 249 15.13 25.31 -21.66
N TYR D 250 15.54 24.95 -22.87
CA TYR D 250 16.96 24.70 -23.13
C TYR D 250 17.35 25.36 -24.46
N ILE D 251 18.65 25.54 -24.70
CA ILE D 251 19.11 26.12 -25.96
C ILE D 251 20.10 25.20 -26.69
N SER D 252 19.94 25.09 -28.00
CA SER D 252 20.86 24.29 -28.77
C SER D 252 21.11 25.02 -30.10
N MET D 253 21.91 24.42 -30.98
CA MET D 253 22.20 24.99 -32.28
C MET D 253 21.31 24.44 -33.41
N ASP D 254 20.13 23.95 -33.04
CA ASP D 254 19.21 23.49 -34.05
C ASP D 254 18.41 24.74 -34.40
N LYS D 255 18.09 24.91 -35.67
CA LYS D 255 17.36 26.08 -36.11
C LYS D 255 15.93 26.02 -35.69
N THR D 256 15.41 27.18 -35.27
CA THR D 256 14.03 27.29 -34.87
C THR D 256 13.34 28.23 -35.87
N LEU D 257 12.07 28.47 -35.65
CA LEU D 257 11.29 29.35 -36.52
C LEU D 257 11.61 30.83 -36.29
N ASN D 258 12.52 31.13 -35.37
CA ASN D 258 12.91 32.50 -35.10
C ASN D 258 14.27 32.78 -35.69
N GLN D 259 14.72 32.00 -36.67
CA GLN D 259 16.03 32.20 -37.29
C GLN D 259 16.03 33.40 -38.25
N TYR D 260 14.85 33.72 -38.75
CA TYR D 260 14.64 34.80 -39.68
C TYR D 260 13.41 35.55 -39.21
N PRO D 261 13.44 36.91 -39.20
CA PRO D 261 12.27 37.68 -38.75
C PRO D 261 10.96 37.31 -39.37
N ALA D 262 10.00 36.98 -38.50
CA ALA D 262 8.66 36.56 -38.86
C ALA D 262 8.55 35.42 -39.85
N LEU D 263 9.50 34.48 -39.77
CA LEU D 263 9.48 33.30 -40.65
C LEU D 263 8.12 32.59 -40.61
N THR D 264 7.53 32.51 -39.41
CA THR D 264 6.25 31.86 -39.25
C THR D 264 5.16 32.54 -40.07
N ALA D 265 5.11 33.86 -40.03
CA ALA D 265 4.10 34.59 -40.78
C ALA D 265 4.29 34.36 -42.29
N GLU D 266 5.54 34.20 -42.74
CA GLU D 266 5.81 33.95 -44.17
C GLU D 266 5.32 32.57 -44.55
N ILE D 267 5.69 31.58 -43.73
CA ILE D 267 5.25 30.22 -43.92
C ILE D 267 3.73 30.18 -43.97
N PHE D 268 3.08 30.86 -43.04
CA PHE D 268 1.61 30.90 -43.02
C PHE D 268 1.03 31.45 -44.34
N ASN D 269 1.63 32.53 -44.82
CA ASN D 269 1.21 33.15 -46.06
C ASN D 269 1.32 32.17 -47.23
N VAL D 270 2.44 31.47 -47.34
CA VAL D 270 2.67 30.48 -48.41
C VAL D 270 1.65 29.34 -48.40
N TYR D 271 1.34 28.82 -47.22
CA TYR D 271 0.42 27.69 -47.14
C TYR D 271 -1.06 28.03 -47.10
N SER D 272 -1.39 29.31 -47.14
CA SER D 272 -2.80 29.69 -47.17
C SER D 272 -3.37 29.24 -48.50
N PHE D 273 -4.67 29.03 -48.47
CA PHE D 273 -5.39 28.53 -49.62
C PHE D 273 -5.51 29.50 -50.78
N ARG D 274 -6.12 30.67 -50.50
CA ARG D 274 -6.39 31.73 -51.49
C ARG D 274 -7.52 31.25 -52.43
N ASP D 275 -7.18 30.30 -53.31
CA ASP D 275 -8.15 29.71 -54.20
C ASP D 275 -7.48 28.47 -54.78
N HIS D 276 -8.22 27.77 -55.62
CA HIS D 276 -7.69 26.55 -56.20
C HIS D 276 -6.47 26.66 -57.05
N THR D 277 -6.34 27.79 -57.73
CA THR D 277 -5.19 28.00 -58.59
C THR D 277 -3.93 28.22 -57.76
N TRP D 278 -4.02 29.08 -56.75
CA TRP D 278 -2.86 29.32 -55.92
C TRP D 278 -2.48 28.03 -55.21
N HIS D 279 -3.49 27.37 -54.68
CA HIS D 279 -3.30 26.12 -54.00
C HIS D 279 -2.60 25.11 -54.92
N GLY D 280 -3.08 24.99 -56.16
CA GLY D 280 -2.46 24.09 -57.12
C GLY D 280 -1.03 24.48 -57.48
N LEU D 281 -0.83 25.77 -57.75
CA LEU D 281 0.47 26.33 -58.14
C LEU D 281 1.49 26.15 -57.02
N ARG D 282 1.10 26.55 -55.80
CA ARG D 282 1.98 26.43 -54.65
C ARG D 282 2.39 24.97 -54.47
N THR D 283 1.40 24.08 -54.46
CA THR D 283 1.69 22.66 -54.35
C THR D 283 2.69 22.19 -55.42
N ALA D 284 2.44 22.55 -56.68
CA ALA D 284 3.34 22.18 -57.78
C ALA D 284 4.76 22.71 -57.60
N ILE D 285 4.90 23.94 -57.16
CA ILE D 285 6.22 24.50 -56.94
C ILE D 285 6.91 23.79 -55.77
N LEU D 286 6.20 23.57 -54.67
CA LEU D 286 6.82 22.92 -53.51
C LEU D 286 7.21 21.44 -53.77
N ASN D 287 6.56 20.79 -54.75
CA ASN D 287 6.89 19.39 -55.09
C ASN D 287 8.30 19.22 -55.61
N ARG D 288 8.91 20.33 -55.98
CA ARG D 288 10.25 20.32 -56.54
C ARG D 288 11.25 20.64 -55.46
N THR D 289 10.80 20.64 -54.20
CA THR D 289 11.66 20.97 -53.07
C THR D 289 11.57 19.92 -51.96
N THR D 290 12.30 20.14 -50.87
CA THR D 290 12.28 19.20 -49.75
C THR D 290 11.27 19.63 -48.70
N LEU D 291 10.49 20.65 -49.06
CA LEU D 291 9.47 21.18 -48.18
C LEU D 291 8.15 20.50 -48.46
N PRO D 292 7.31 20.35 -47.43
CA PRO D 292 6.02 19.71 -47.64
C PRO D 292 5.23 20.61 -48.59
N ASN D 293 4.43 20.00 -49.45
CA ASN D 293 3.68 20.74 -50.44
C ASN D 293 2.37 21.39 -50.01
N MET D 294 1.77 20.98 -48.90
CA MET D 294 0.54 21.68 -48.48
C MET D 294 0.31 21.92 -47.02
N LEU D 295 1.21 21.45 -46.18
CA LEU D 295 1.09 21.69 -44.74
C LEU D 295 2.47 22.13 -44.28
N PRO D 296 2.51 23.14 -43.40
CA PRO D 296 3.78 23.65 -42.88
C PRO D 296 4.58 22.49 -42.30
N PRO D 297 5.91 22.56 -42.43
CA PRO D 297 6.78 21.50 -41.90
C PRO D 297 6.65 21.35 -40.37
N ILE D 298 7.01 20.19 -39.84
CA ILE D 298 6.92 19.96 -38.41
C ILE D 298 8.14 20.58 -37.78
N PHE D 299 9.29 20.36 -38.41
CA PHE D 299 10.52 20.92 -37.91
C PHE D 299 10.93 22.02 -38.83
N PRO D 300 11.45 23.12 -38.26
CA PRO D 300 11.88 24.26 -39.06
C PRO D 300 12.98 23.89 -40.04
N PRO D 301 12.93 24.44 -41.26
CA PRO D 301 13.94 24.16 -42.30
C PRO D 301 15.24 24.77 -41.82
N ASN D 302 16.37 24.35 -42.36
CA ASN D 302 17.61 24.94 -41.87
C ASN D 302 18.67 25.29 -42.91
N ASP D 303 18.32 25.17 -44.17
CA ASP D 303 19.23 25.48 -45.26
C ASP D 303 18.76 26.70 -46.03
N ARG D 304 19.71 27.35 -46.68
CA ARG D 304 19.47 28.52 -47.49
C ARG D 304 18.34 28.35 -48.50
N ASP D 305 18.38 27.25 -49.25
CA ASP D 305 17.37 27.03 -50.28
C ASP D 305 15.93 27.03 -49.80
N SER D 306 15.66 26.28 -48.74
CA SER D 306 14.30 26.21 -48.20
C SER D 306 13.84 27.56 -47.73
N ILE D 307 14.69 28.24 -46.95
CA ILE D 307 14.31 29.54 -46.43
C ILE D 307 14.02 30.51 -47.58
N LEU D 308 14.92 30.56 -48.56
CA LEU D 308 14.78 31.44 -49.71
C LEU D 308 13.48 31.17 -50.44
N THR D 309 13.27 29.90 -50.76
CA THR D 309 12.06 29.49 -51.47
C THR D 309 10.79 29.94 -50.73
N LEU D 310 10.80 29.84 -49.40
CA LEU D 310 9.64 30.26 -48.62
C LEU D 310 9.47 31.74 -48.76
N LEU D 311 10.53 32.52 -48.57
CA LEU D 311 10.45 33.98 -48.68
C LEU D 311 9.99 34.42 -50.07
N LEU D 312 10.62 33.85 -51.08
CA LEU D 312 10.29 34.15 -52.46
C LEU D 312 8.81 33.77 -52.77
N LEU D 313 8.38 32.60 -52.31
CA LEU D 313 6.99 32.18 -52.55
C LEU D 313 5.99 33.06 -51.82
N SER D 314 6.33 33.51 -50.61
CA SER D 314 5.45 34.39 -49.83
C SER D 314 5.21 35.70 -50.57
N THR D 315 6.29 36.27 -51.10
CA THR D 315 6.18 37.49 -51.89
C THR D 315 5.33 37.19 -53.14
N LEU D 316 5.60 36.09 -53.84
CA LEU D 316 4.80 35.78 -55.03
C LEU D 316 3.32 35.67 -54.67
N ALA D 317 3.01 35.21 -53.45
CA ALA D 317 1.60 35.10 -53.03
C ALA D 317 1.01 36.49 -52.93
N ASP D 318 1.79 37.43 -52.44
CA ASP D 318 1.29 38.81 -52.35
C ASP D 318 1.04 39.36 -53.75
N VAL D 319 1.97 39.10 -54.68
CA VAL D 319 1.79 39.56 -56.06
C VAL D 319 0.51 38.94 -56.61
N TYR D 320 0.32 37.65 -56.36
CA TYR D 320 -0.87 36.95 -56.83
C TYR D 320 -2.10 37.67 -56.33
N THR D 321 -2.05 38.00 -55.07
CA THR D 321 -3.17 38.69 -54.47
C THR D 321 -3.49 40.03 -55.12
N VAL D 322 -2.48 40.85 -55.46
CA VAL D 322 -2.78 42.13 -56.11
C VAL D 322 -3.07 42.02 -57.62
N LEU D 323 -2.35 41.19 -58.37
CA LEU D 323 -2.61 41.02 -59.80
C LEU D 323 -3.87 40.22 -60.15
N ARG D 324 -4.34 39.36 -59.24
CA ARG D 324 -5.52 38.52 -59.44
C ARG D 324 -5.53 37.80 -60.79
N PRO D 325 -4.43 37.07 -61.11
CA PRO D 325 -4.42 36.37 -62.41
C PRO D 325 -5.39 35.21 -62.48
N GLU D 326 -5.70 34.76 -63.70
CA GLU D 326 -6.61 33.65 -63.94
C GLU D 326 -6.05 32.80 -65.04
N PHE D 327 -5.65 31.60 -64.70
CA PHE D 327 -5.12 30.70 -65.69
C PHE D 327 -5.37 29.29 -65.21
N ALA D 328 -5.09 28.32 -66.08
CA ALA D 328 -5.34 26.91 -65.80
C ALA D 328 -4.12 26.11 -65.39
N ILE D 329 -4.33 25.19 -64.44
CA ILE D 329 -3.26 24.30 -63.96
C ILE D 329 -3.77 22.86 -64.15
N HIS D 330 -2.92 22.00 -64.68
CA HIS D 330 -3.33 20.61 -64.93
C HIS D 330 -3.83 19.91 -63.67
N GLY D 331 -5.01 19.33 -63.77
CA GLY D 331 -5.55 18.63 -62.64
C GLY D 331 -6.30 19.45 -61.63
N VAL D 332 -6.35 20.77 -61.82
CA VAL D 332 -7.06 21.63 -60.91
C VAL D 332 -8.40 22.00 -61.51
N ASN D 333 -9.45 21.87 -60.71
CA ASN D 333 -10.81 22.17 -61.16
C ASN D 333 -11.56 23.19 -60.28
N PRO D 334 -11.57 24.47 -60.68
CA PRO D 334 -12.21 25.59 -59.98
C PRO D 334 -13.68 25.53 -59.60
N MET D 335 -13.95 26.06 -58.41
CA MET D 335 -15.29 26.12 -57.87
C MET D 335 -15.53 27.60 -57.65
N PRO D 336 -16.47 28.16 -58.43
CA PRO D 336 -16.91 29.57 -58.42
C PRO D 336 -17.08 30.17 -57.01
N GLY D 337 -17.48 29.33 -56.05
CA GLY D 337 -17.62 29.77 -54.67
C GLY D 337 -18.94 30.29 -54.15
N PRO D 338 -18.98 31.52 -53.59
CA PRO D 338 -17.82 32.41 -53.47
C PRO D 338 -16.59 32.01 -52.57
N LEU D 339 -16.43 30.72 -52.24
CA LEU D 339 -15.31 30.21 -51.43
C LEU D 339 -15.50 30.38 -49.93
N THR D 340 -15.43 29.25 -49.24
CA THR D 340 -15.68 29.21 -47.83
C THR D 340 -14.59 28.42 -47.13
N ARG D 341 -14.65 28.44 -45.80
CA ARG D 341 -13.66 27.72 -45.03
C ARG D 341 -13.79 26.21 -45.31
N ALA D 342 -15.02 25.74 -45.48
CA ALA D 342 -15.29 24.33 -45.75
C ALA D 342 -14.64 23.87 -47.06
N ILE D 343 -14.78 24.71 -48.07
CA ILE D 343 -14.20 24.43 -49.38
C ILE D 343 -12.65 24.47 -49.32
N ALA D 344 -12.12 25.44 -48.60
CA ALA D 344 -10.68 25.59 -48.43
C ALA D 344 -10.13 24.33 -47.76
N ARG D 345 -10.74 23.97 -46.63
CA ARG D 345 -10.31 22.80 -45.86
C ARG D 345 -10.29 21.51 -46.69
N ALA D 346 -11.31 21.35 -47.53
CA ALA D 346 -11.40 20.15 -48.37
C ALA D 346 -10.30 20.01 -49.39
N ALA D 347 -9.67 21.13 -49.73
CA ALA D 347 -8.64 21.14 -50.75
C ALA D 347 -7.32 20.58 -50.28
N TYR D 348 -7.18 20.44 -48.96
CA TYR D 348 -5.94 19.94 -48.37
C TYR D 348 -5.91 18.43 -48.25
N VAL D 349 -6.37 17.80 -49.32
CA VAL D 349 -6.48 16.35 -49.45
C VAL D 349 -7.52 15.86 -48.42
N MET E 1 19.96 62.64 -30.84
CA MET E 1 20.39 61.24 -30.42
C MET E 1 19.59 60.05 -31.08
N ASP E 2 18.28 60.24 -31.26
CA ASP E 2 17.53 59.24 -31.95
C ASP E 2 17.93 59.33 -33.42
N THR E 3 18.17 60.56 -33.87
CA THR E 3 18.61 60.84 -35.25
C THR E 3 19.98 60.23 -35.49
N ILE E 4 20.85 60.31 -34.50
CA ILE E 4 22.16 59.69 -34.62
C ILE E 4 22.00 58.20 -34.90
N ALA E 5 21.13 57.54 -34.15
CA ALA E 5 20.94 56.10 -34.36
C ALA E 5 20.33 55.83 -35.74
N ALA E 6 19.33 56.63 -36.10
CA ALA E 6 18.65 56.51 -37.41
C ALA E 6 19.69 56.64 -38.57
N ARG E 7 20.68 57.53 -38.40
CA ARG E 7 21.74 57.69 -39.40
C ARG E 7 22.67 56.50 -39.49
N ALA E 8 23.15 56.02 -38.33
CA ALA E 8 24.05 54.86 -38.33
C ALA E 8 23.39 53.66 -39.01
N LEU E 9 22.13 53.45 -38.66
CA LEU E 9 21.31 52.36 -39.21
C LEU E 9 21.16 52.49 -40.72
N THR E 10 20.84 53.71 -41.17
CA THR E 10 20.69 54.02 -42.59
C THR E 10 21.96 53.72 -43.37
N VAL E 11 23.09 54.19 -42.85
CA VAL E 11 24.37 53.95 -43.50
C VAL E 11 24.77 52.49 -43.56
N MET E 12 24.57 51.78 -42.45
CA MET E 12 24.91 50.35 -42.41
C MET E 12 24.05 49.54 -43.35
N ARG E 13 22.75 49.84 -43.40
CA ARG E 13 21.90 49.07 -44.31
C ARG E 13 22.27 49.33 -45.79
N ALA E 14 22.76 50.54 -46.08
CA ALA E 14 23.19 50.92 -47.42
C ALA E 14 24.45 50.13 -47.77
N CYS E 15 25.38 50.01 -46.83
CA CYS E 15 26.59 49.27 -47.12
C CYS E 15 26.30 47.79 -47.39
N ALA E 16 25.24 47.25 -46.79
CA ALA E 16 24.90 45.82 -46.99
C ALA E 16 24.39 45.59 -48.39
N THR E 17 24.22 46.68 -49.13
CA THR E 17 23.76 46.66 -50.50
C THR E 17 24.91 46.31 -51.46
N LEU E 18 26.13 46.65 -51.08
CA LEU E 18 27.33 46.43 -51.87
C LEU E 18 27.71 44.96 -52.03
N GLN E 19 26.78 44.16 -52.52
CA GLN E 19 26.99 42.73 -52.66
C GLN E 19 28.10 42.42 -53.66
N GLU E 20 28.17 43.17 -54.73
CA GLU E 20 29.19 42.86 -55.72
C GLU E 20 29.85 44.11 -56.30
N ALA E 21 30.85 43.87 -57.15
CA ALA E 21 31.63 44.93 -57.76
C ALA E 21 30.95 45.80 -58.83
N ARG E 22 30.38 45.17 -59.86
CA ARG E 22 29.77 45.94 -60.95
C ARG E 22 28.27 46.27 -60.95
N ILE E 23 27.55 45.81 -59.94
CA ILE E 23 26.12 46.08 -59.84
C ILE E 23 25.76 47.56 -59.85
N VAL E 24 24.54 47.92 -60.21
CA VAL E 24 24.19 49.33 -60.20
C VAL E 24 23.30 49.65 -59.01
N LEU E 25 23.73 50.69 -58.30
CA LEU E 25 23.04 51.11 -57.12
C LEU E 25 21.76 51.88 -57.35
N GLU E 26 20.81 51.70 -56.45
CA GLU E 26 19.57 52.42 -56.46
C GLU E 26 20.12 53.86 -56.12
N ALA E 27 19.55 54.90 -56.73
CA ALA E 27 20.06 56.28 -56.51
C ALA E 27 20.13 56.73 -55.07
N ASN E 28 19.05 56.44 -54.37
CA ASN E 28 18.88 56.72 -52.97
C ASN E 28 20.16 56.31 -52.17
N VAL E 29 20.65 55.10 -52.42
CA VAL E 29 21.85 54.58 -51.77
C VAL E 29 23.11 55.41 -52.02
N MET E 30 23.34 55.76 -53.28
CA MET E 30 24.52 56.54 -53.63
C MET E 30 24.48 57.94 -53.02
N GLU E 31 23.30 58.53 -52.97
CA GLU E 31 23.15 59.85 -52.39
C GLU E 31 23.58 59.86 -50.93
N ILE E 32 23.17 58.83 -50.19
CA ILE E 32 23.48 58.66 -48.76
C ILE E 32 24.95 58.30 -48.51
N LEU E 33 25.45 57.26 -49.19
CA LEU E 33 26.82 56.83 -49.03
C LEU E 33 27.77 57.94 -49.38
N GLY E 34 27.43 58.69 -50.42
CA GLY E 34 28.26 59.79 -50.84
C GLY E 34 28.48 60.78 -49.72
N ILE E 35 27.40 61.32 -49.20
CA ILE E 35 27.49 62.28 -48.10
C ILE E 35 28.16 61.73 -46.84
N ALA E 36 27.70 60.54 -46.44
CA ALA E 36 28.19 59.91 -45.24
C ALA E 36 29.67 59.61 -45.32
N ILE E 37 30.09 58.98 -46.41
CA ILE E 37 31.50 58.62 -46.55
C ILE E 37 32.38 59.85 -46.63
N ASN E 38 31.87 60.91 -47.26
CA ASN E 38 32.62 62.13 -47.38
C ASN E 38 32.80 62.72 -45.94
N ARG E 39 31.72 62.89 -45.16
CA ARG E 39 31.87 63.44 -43.80
C ARG E 39 32.81 62.59 -42.97
N TYR E 40 32.60 61.28 -43.05
CA TYR E 40 33.39 60.34 -42.33
C TYR E 40 34.88 60.46 -42.64
N ASN E 41 35.26 60.31 -43.91
CA ASN E 41 36.67 60.41 -44.29
C ASN E 41 37.27 61.77 -43.88
N GLY E 42 36.46 62.82 -43.93
CA GLY E 42 36.97 64.12 -43.55
C GLY E 42 37.32 64.31 -42.09
N LEU E 43 36.44 63.90 -41.19
CA LEU E 43 36.67 64.06 -39.75
C LEU E 43 37.55 62.96 -39.14
N THR E 44 37.74 61.91 -39.90
CA THR E 44 38.47 60.71 -39.47
C THR E 44 39.82 60.49 -40.12
N LEU E 45 39.94 60.94 -41.36
CA LEU E 45 41.15 60.80 -42.16
C LEU E 45 41.32 59.39 -42.66
N ARG E 46 40.23 58.66 -42.75
CA ARG E 46 40.33 57.33 -43.30
C ARG E 46 40.01 57.48 -44.80
N GLY E 47 40.14 56.42 -45.58
CA GLY E 47 39.86 56.60 -47.00
C GLY E 47 38.92 55.55 -47.51
N VAL E 48 37.70 55.62 -47.01
CA VAL E 48 36.69 54.65 -47.40
C VAL E 48 36.25 54.97 -48.85
N THR E 49 36.09 53.96 -49.70
CA THR E 49 35.65 54.14 -51.09
C THR E 49 34.16 53.82 -51.08
N MET E 50 33.41 54.32 -52.06
CA MET E 50 32.01 54.00 -52.17
C MET E 50 31.80 52.63 -52.75
N ARG E 51 32.71 52.14 -53.58
CA ARG E 51 32.54 50.81 -54.15
C ARG E 51 33.82 50.03 -53.91
N PRO E 52 33.92 49.34 -52.77
CA PRO E 52 35.07 48.54 -52.37
C PRO E 52 35.28 47.29 -53.22
N THR E 53 36.52 46.99 -53.59
CA THR E 53 36.81 45.80 -54.39
C THR E 53 37.83 44.92 -53.63
N SER E 54 38.97 45.49 -53.27
CA SER E 54 39.97 44.74 -52.53
C SER E 54 39.55 44.50 -51.07
N LEU E 55 40.22 43.54 -50.44
CA LEU E 55 39.99 43.23 -49.05
C LEU E 55 40.28 44.45 -48.19
N ALA E 56 41.33 45.17 -48.53
CA ALA E 56 41.67 46.34 -47.74
C ALA E 56 40.56 47.39 -47.75
N GLN E 57 39.86 47.49 -48.88
CA GLN E 57 38.78 48.46 -49.00
C GLN E 57 37.53 48.03 -48.25
N ARG E 58 37.30 46.72 -48.25
CA ARG E 58 36.17 46.14 -47.55
C ARG E 58 36.37 46.31 -46.03
N ASN E 59 37.58 46.03 -45.55
CA ASN E 59 37.86 46.20 -44.13
C ASN E 59 37.62 47.63 -43.72
N GLU E 60 38.12 48.54 -44.54
CA GLU E 60 37.99 49.96 -44.26
C GLU E 60 36.52 50.39 -44.17
N MET E 61 35.68 49.89 -45.07
CA MET E 61 34.26 50.24 -45.03
C MET E 61 33.60 49.62 -43.81
N PHE E 62 33.97 48.36 -43.53
CA PHE E 62 33.44 47.68 -42.37
C PHE E 62 33.82 48.44 -41.10
N PHE E 63 35.07 48.93 -41.03
CA PHE E 63 35.48 49.69 -39.86
C PHE E 63 34.68 50.95 -39.70
N MET E 64 34.20 51.50 -40.82
CA MET E 64 33.40 52.72 -40.77
C MET E 64 32.07 52.38 -40.13
N CYS E 65 31.53 51.23 -40.50
CA CYS E 65 30.27 50.76 -39.94
C CYS E 65 30.42 50.45 -38.45
N LEU E 66 31.52 49.77 -38.10
CA LEU E 66 31.80 49.46 -36.71
C LEU E 66 31.87 50.76 -35.89
N ASP E 67 32.56 51.77 -36.41
CA ASP E 67 32.65 53.06 -35.72
C ASP E 67 31.30 53.67 -35.49
N MET E 68 30.46 53.61 -36.52
CA MET E 68 29.14 54.18 -36.47
C MET E 68 28.23 53.45 -35.52
N MET E 69 28.32 52.13 -35.50
CA MET E 69 27.53 51.30 -34.59
C MET E 69 27.95 51.64 -33.13
N LEU E 70 29.26 51.63 -32.84
CA LEU E 70 29.70 51.94 -31.48
C LEU E 70 29.32 53.33 -31.03
N SER E 71 29.43 54.31 -31.92
CA SER E 71 29.08 55.69 -31.53
C SER E 71 27.59 55.84 -31.26
N ALA E 72 26.75 55.21 -32.08
CA ALA E 72 25.31 55.32 -31.87
C ALA E 72 24.88 54.60 -30.59
N ALA E 73 25.57 53.50 -30.26
CA ALA E 73 25.27 52.71 -29.07
C ALA E 73 25.88 53.29 -27.80
N GLY E 74 26.82 54.21 -27.95
CA GLY E 74 27.45 54.86 -26.81
C GLY E 74 28.53 54.02 -26.15
N ILE E 75 29.07 53.07 -26.89
CA ILE E 75 30.10 52.17 -26.40
C ILE E 75 31.51 52.54 -26.82
N ASN E 76 32.45 52.24 -25.95
CA ASN E 76 33.85 52.49 -26.25
C ASN E 76 34.49 51.09 -26.05
N VAL E 77 34.79 50.37 -27.13
CA VAL E 77 35.35 49.02 -27.04
C VAL E 77 36.69 48.84 -26.41
N GLY E 78 37.56 49.84 -26.53
CA GLY E 78 38.89 49.67 -25.98
C GLY E 78 39.77 49.03 -27.04
N PRO E 79 41.04 48.81 -26.72
CA PRO E 79 41.97 48.20 -27.69
C PRO E 79 41.74 46.72 -27.92
N ILE E 80 40.82 46.40 -28.81
CA ILE E 80 40.54 45.00 -29.09
C ILE E 80 41.29 44.50 -30.30
N SER E 81 41.92 45.41 -31.03
CA SER E 81 42.56 44.98 -32.26
C SER E 81 43.73 45.79 -32.74
N PRO E 82 44.72 45.10 -33.31
CA PRO E 82 45.92 45.75 -33.84
C PRO E 82 45.61 46.35 -35.22
N ASP E 83 44.48 45.94 -35.79
CA ASP E 83 44.05 46.37 -37.12
C ASP E 83 43.01 47.45 -37.10
N TYR E 84 42.27 47.55 -36.02
CA TYR E 84 41.21 48.54 -35.92
C TYR E 84 41.34 49.37 -34.68
N THR E 85 41.14 50.67 -34.86
CA THR E 85 41.18 51.60 -33.74
C THR E 85 39.92 52.44 -33.83
N GLN E 86 39.12 52.43 -32.79
CA GLN E 86 37.89 53.19 -32.80
C GLN E 86 38.15 54.69 -32.86
N HIS E 87 37.40 55.39 -33.72
CA HIS E 87 37.49 56.83 -33.90
C HIS E 87 36.34 57.50 -33.25
N MET E 88 36.62 58.10 -32.12
CA MET E 88 35.61 58.79 -31.32
C MET E 88 34.94 59.97 -32.04
N ALA E 89 35.64 60.55 -33.04
CA ALA E 89 35.08 61.66 -33.79
C ALA E 89 33.82 61.28 -34.61
N THR E 90 33.57 59.96 -34.75
CA THR E 90 32.43 59.48 -35.51
C THR E 90 31.11 60.05 -35.02
N ILE E 91 31.04 60.37 -33.74
CA ILE E 91 29.82 60.94 -33.18
C ILE E 91 29.50 62.27 -33.89
N GLY E 92 30.56 63.01 -34.26
CA GLY E 92 30.40 64.29 -34.96
C GLY E 92 29.89 64.03 -36.36
N VAL E 93 30.36 62.95 -36.98
CA VAL E 93 29.88 62.61 -38.29
C VAL E 93 28.37 62.34 -38.22
N LEU E 94 27.97 61.47 -37.30
CA LEU E 94 26.56 61.10 -37.15
C LEU E 94 25.62 62.24 -36.72
N ALA E 95 26.16 63.29 -36.12
CA ALA E 95 25.32 64.42 -35.69
C ALA E 95 25.17 65.50 -36.78
N THR E 96 25.74 65.26 -37.96
CA THR E 96 25.70 66.20 -39.10
C THR E 96 24.31 66.12 -39.74
N PRO E 97 23.54 67.20 -39.66
CA PRO E 97 22.19 67.22 -40.24
C PRO E 97 22.09 67.02 -41.73
N GLU E 98 23.20 67.01 -42.42
CA GLU E 98 23.15 66.82 -43.85
C GLU E 98 23.11 65.37 -44.27
N ILE E 99 23.47 64.45 -43.37
CA ILE E 99 23.40 63.03 -43.72
C ILE E 99 21.94 62.63 -43.50
N PRO E 100 21.25 62.21 -44.56
CA PRO E 100 19.84 61.84 -44.39
C PRO E 100 19.65 60.41 -43.84
N PHE E 101 18.51 60.17 -43.21
CA PHE E 101 18.17 58.84 -42.72
C PHE E 101 16.89 58.42 -43.43
N THR E 102 16.70 57.12 -43.62
CA THR E 102 15.51 56.65 -44.31
C THR E 102 14.25 56.56 -43.41
N THR E 103 13.10 56.53 -44.06
CA THR E 103 11.82 56.36 -43.40
C THR E 103 11.85 55.07 -42.53
N GLU E 104 12.40 53.96 -43.05
CA GLU E 104 12.51 52.70 -42.30
C GLU E 104 13.31 52.91 -41.03
N ALA E 105 14.52 53.44 -41.15
CA ALA E 105 15.33 53.63 -39.97
C ALA E 105 14.65 54.55 -38.95
N ALA E 106 14.02 55.60 -39.43
CA ALA E 106 13.39 56.58 -38.56
C ALA E 106 12.30 55.90 -37.76
N ASN E 107 11.45 55.19 -38.48
CA ASN E 107 10.33 54.49 -37.85
C ASN E 107 10.76 53.39 -36.89
N GLU E 108 11.85 52.72 -37.20
CA GLU E 108 12.36 51.70 -36.32
C GLU E 108 12.88 52.33 -35.00
N ILE E 109 13.59 53.44 -35.08
CA ILE E 109 14.06 54.10 -33.86
C ILE E 109 12.89 54.66 -33.06
N ALA E 110 11.87 55.17 -33.73
CA ALA E 110 10.71 55.71 -33.00
C ALA E 110 10.07 54.59 -32.19
N ARG E 111 10.04 53.41 -32.77
CA ARG E 111 9.51 52.28 -32.05
C ARG E 111 10.36 51.98 -30.82
N VAL E 112 11.66 51.80 -31.01
CA VAL E 112 12.51 51.50 -29.88
C VAL E 112 12.30 52.55 -28.78
N THR E 113 12.27 53.80 -29.16
CA THR E 113 12.09 54.81 -28.15
C THR E 113 10.70 54.80 -27.51
N GLY E 114 9.69 54.70 -28.34
CA GLY E 114 8.34 54.72 -27.83
C GLY E 114 8.00 53.60 -26.88
N GLU E 115 8.29 52.33 -27.25
CA GLU E 115 7.91 51.25 -26.35
C GLU E 115 8.74 51.15 -25.09
N THR E 116 10.00 51.41 -25.24
CA THR E 116 10.99 51.33 -24.19
C THR E 116 10.79 52.34 -23.07
N SER E 117 10.19 53.46 -23.40
CA SER E 117 10.04 54.50 -22.41
C SER E 117 8.72 54.46 -21.64
N THR E 118 7.88 53.48 -21.95
CA THR E 118 6.60 53.35 -21.26
C THR E 118 6.38 51.90 -20.85
N TRP E 119 5.14 51.55 -20.51
CA TRP E 119 4.77 50.20 -20.06
C TRP E 119 3.47 49.85 -20.71
N GLY E 120 3.24 48.55 -20.87
CA GLY E 120 2.00 48.09 -21.46
C GLY E 120 1.81 46.63 -21.13
N PRO E 121 0.57 46.16 -21.13
CA PRO E 121 0.26 44.74 -20.83
C PRO E 121 0.80 43.77 -21.86
N ALA E 122 1.34 42.65 -21.39
CA ALA E 122 1.86 41.62 -22.27
C ALA E 122 1.75 40.21 -21.66
N ARG E 123 1.39 39.21 -22.47
CA ARG E 123 1.32 37.79 -22.05
C ARG E 123 2.73 37.40 -21.64
N GLN E 124 2.92 37.00 -20.37
CA GLN E 124 4.21 36.56 -19.86
C GLN E 124 4.47 35.13 -20.34
N PRO E 125 5.74 34.77 -20.54
CA PRO E 125 6.22 33.46 -21.04
C PRO E 125 6.15 32.18 -20.24
N TYR E 126 6.37 32.28 -18.93
CA TYR E 126 6.38 31.09 -18.10
C TYR E 126 5.16 30.87 -17.23
N GLY E 127 5.15 29.72 -16.55
CA GLY E 127 4.03 29.38 -15.69
C GLY E 127 3.89 30.36 -14.55
N PHE E 128 2.64 30.67 -14.21
CA PHE E 128 2.37 31.61 -13.14
C PHE E 128 3.07 31.24 -11.84
N PHE E 129 3.23 29.95 -11.59
CA PHE E 129 3.87 29.45 -10.36
C PHE E 129 5.23 28.86 -10.57
N LEU E 130 5.93 29.32 -11.58
CA LEU E 130 7.26 28.81 -11.83
C LEU E 130 8.20 28.97 -10.63
N GLU E 131 8.06 30.06 -9.89
CA GLU E 131 8.99 30.24 -8.79
C GLU E 131 8.48 29.83 -7.44
N THR E 132 8.15 28.56 -7.31
CA THR E 132 7.65 27.97 -6.07
C THR E 132 8.67 26.94 -5.58
N GLU E 133 8.86 26.86 -4.26
CA GLU E 133 9.83 25.93 -3.71
C GLU E 133 9.28 24.53 -3.48
N GLU E 134 7.97 24.44 -3.31
CA GLU E 134 7.31 23.17 -3.03
C GLU E 134 6.18 22.95 -4.00
N THR E 135 5.90 21.68 -4.27
CA THR E 135 4.80 21.31 -5.14
C THR E 135 4.13 20.03 -4.53
N PHE E 136 2.84 19.84 -4.78
CA PHE E 136 2.07 18.71 -4.28
C PHE E 136 1.66 17.75 -5.37
N GLN E 137 1.73 16.44 -5.14
CA GLN E 137 1.32 15.48 -6.17
C GLN E 137 -0.06 15.81 -6.72
N PRO E 138 -0.14 15.93 -8.05
CA PRO E 138 -1.42 16.26 -8.66
C PRO E 138 -2.49 15.19 -8.44
N GLY E 139 -3.67 15.64 -8.06
CA GLY E 139 -4.80 14.75 -7.88
C GLY E 139 -4.82 13.88 -6.65
N ARG E 140 -4.04 14.25 -5.64
CA ARG E 140 -4.01 13.52 -4.38
C ARG E 140 -4.48 14.50 -3.33
N TRP E 141 -5.46 14.05 -2.57
CA TRP E 141 -6.10 14.79 -1.51
C TRP E 141 -5.10 15.30 -0.48
N PHE E 142 -5.37 16.49 0.02
CA PHE E 142 -4.52 17.07 1.06
C PHE E 142 -5.24 18.24 1.69
N MET E 143 -5.48 18.07 2.98
CA MET E 143 -6.18 19.05 3.77
C MET E 143 -5.32 19.45 4.96
N ARG E 144 -5.12 20.75 5.12
CA ARG E 144 -4.32 21.28 6.20
C ARG E 144 -5.15 21.16 7.48
N ALA E 145 -4.50 20.72 8.55
CA ALA E 145 -5.15 20.51 9.85
C ALA E 145 -6.02 21.69 10.26
N ALA E 146 -7.30 21.39 10.55
CA ALA E 146 -8.27 22.41 10.98
C ALA E 146 -9.04 23.15 9.91
N GLN E 147 -8.68 22.98 8.64
CA GLN E 147 -9.39 23.68 7.57
C GLN E 147 -10.35 22.74 6.85
N ALA E 148 -11.36 23.30 6.17
CA ALA E 148 -12.32 22.48 5.43
C ALA E 148 -12.02 22.50 3.92
N VAL E 149 -11.28 23.53 3.49
CA VAL E 149 -10.86 23.66 2.10
C VAL E 149 -9.38 24.00 2.16
N THR E 150 -8.59 23.30 1.33
CA THR E 150 -7.15 23.53 1.23
C THR E 150 -6.71 23.56 -0.23
N ALA E 151 -6.16 24.71 -0.62
CA ALA E 151 -5.64 24.99 -1.97
C ALA E 151 -4.15 24.77 -1.91
N VAL E 152 -3.62 24.16 -2.95
CA VAL E 152 -2.20 23.86 -2.94
C VAL E 152 -1.67 23.89 -4.41
N VAL E 153 -0.39 24.22 -4.63
CA VAL E 153 0.11 24.23 -6.02
C VAL E 153 0.57 22.86 -6.46
N CYS E 154 0.17 22.44 -7.66
CA CYS E 154 0.55 21.16 -8.17
C CYS E 154 1.26 21.16 -9.52
N GLY E 155 1.65 22.33 -9.98
CA GLY E 155 2.33 22.43 -11.25
C GLY E 155 2.81 23.85 -11.38
N PRO E 156 3.58 24.16 -12.43
CA PRO E 156 4.11 25.52 -12.66
C PRO E 156 2.99 26.48 -13.04
N ASP E 157 1.86 25.92 -13.45
CA ASP E 157 0.70 26.71 -13.89
C ASP E 157 -0.59 26.20 -13.29
N MET E 158 -0.49 25.49 -12.17
CA MET E 158 -1.67 24.84 -11.63
C MET E 158 -1.82 24.74 -10.13
N ILE E 159 -3.07 24.82 -9.67
CA ILE E 159 -3.37 24.60 -8.26
C ILE E 159 -4.58 23.65 -8.21
N GLN E 160 -4.72 22.96 -7.08
CA GLN E 160 -5.86 22.04 -6.84
C GLN E 160 -6.33 22.38 -5.46
N VAL E 161 -7.64 22.26 -5.28
CA VAL E 161 -8.29 22.56 -4.01
C VAL E 161 -9.06 21.32 -3.57
N SER E 162 -8.85 20.92 -2.30
CA SER E 162 -9.56 19.77 -1.69
C SER E 162 -10.68 20.38 -0.86
N LEU E 163 -11.90 19.91 -1.07
CA LEU E 163 -13.05 20.42 -0.30
C LEU E 163 -13.74 19.29 0.50
N ASN E 164 -13.97 19.52 1.80
CA ASN E 164 -14.72 18.55 2.63
C ASN E 164 -16.19 18.64 2.18
N ALA E 165 -16.98 17.61 2.47
CA ALA E 165 -18.39 17.63 2.08
C ALA E 165 -19.04 18.89 2.67
N GLY E 166 -19.82 19.57 1.82
CA GLY E 166 -20.49 20.79 2.23
C GLY E 166 -19.65 22.05 2.46
N ALA E 167 -18.33 21.95 2.31
CA ALA E 167 -17.40 23.10 2.53
C ALA E 167 -17.42 24.23 1.48
N ARG E 168 -16.96 25.40 1.90
CA ARG E 168 -16.90 26.58 1.05
C ARG E 168 -15.79 27.47 1.59
N GLY E 169 -15.11 28.18 0.69
CA GLY E 169 -14.02 29.05 1.08
C GLY E 169 -13.46 29.87 -0.06
N ASP E 170 -12.63 30.85 0.29
CA ASP E 170 -12.01 31.74 -0.68
C ASP E 170 -10.63 31.17 -0.95
N VAL E 171 -10.22 31.23 -2.20
CA VAL E 171 -8.97 30.64 -2.60
C VAL E 171 -7.91 31.62 -3.19
N GLN E 172 -8.30 32.88 -3.40
CA GLN E 172 -7.41 33.86 -3.99
C GLN E 172 -6.00 34.10 -3.44
N GLN E 173 -5.80 34.01 -2.12
CA GLN E 173 -4.49 34.29 -1.57
C GLN E 173 -3.35 33.42 -2.04
N ILE E 174 -3.66 32.26 -2.61
CA ILE E 174 -2.62 31.33 -3.09
C ILE E 174 -1.94 31.96 -4.33
N PHE E 175 -2.72 32.79 -5.03
CA PHE E 175 -2.30 33.52 -6.22
C PHE E 175 -1.61 34.86 -5.97
N GLN E 176 -1.82 35.43 -4.79
CA GLN E 176 -1.28 36.75 -4.45
C GLN E 176 0.18 36.84 -4.04
N GLY E 177 0.75 38.03 -4.18
CA GLY E 177 2.15 38.26 -3.82
C GLY E 177 3.22 37.82 -4.82
N ARG E 178 2.83 37.09 -5.85
CA ARG E 178 3.78 36.62 -6.87
C ARG E 178 3.44 37.33 -8.17
N ASN E 179 4.49 37.78 -8.87
CA ASN E 179 4.35 38.49 -10.15
C ASN E 179 3.62 39.78 -9.85
N ASP E 180 3.09 40.44 -10.88
CA ASP E 180 2.39 41.68 -10.59
C ASP E 180 1.43 41.71 -11.74
N PRO E 181 0.54 40.72 -11.77
CA PRO E 181 -0.44 40.58 -12.83
C PRO E 181 -1.48 41.67 -12.92
N MET E 182 -1.97 41.87 -14.14
CA MET E 182 -3.00 42.83 -14.43
C MET E 182 -4.24 42.00 -14.68
N MET E 183 -4.04 40.81 -15.23
CA MET E 183 -5.15 39.93 -15.48
C MET E 183 -4.61 38.49 -15.47
N ILE E 184 -5.40 37.55 -14.94
CA ILE E 184 -5.01 36.15 -14.85
C ILE E 184 -6.12 35.39 -15.54
N TYR E 185 -5.75 34.54 -16.47
CA TYR E 185 -6.75 33.78 -17.22
C TYR E 185 -6.74 32.35 -16.73
N LEU E 186 -7.87 32.02 -16.13
CA LEU E 186 -8.15 30.76 -15.50
C LEU E 186 -9.11 29.83 -16.21
N VAL E 187 -8.98 28.55 -15.92
CA VAL E 187 -9.98 27.57 -16.33
C VAL E 187 -9.97 26.54 -15.21
N TRP E 188 -11.15 26.25 -14.66
CA TRP E 188 -11.27 25.27 -13.55
C TRP E 188 -11.96 24.00 -13.96
N ARG E 189 -11.49 22.90 -13.42
CA ARG E 189 -12.06 21.60 -13.73
C ARG E 189 -12.33 20.78 -12.47
N ARG E 190 -13.29 19.88 -12.55
CA ARG E 190 -13.57 18.95 -11.45
C ARG E 190 -12.55 17.82 -11.64
N ILE E 191 -11.82 17.45 -10.59
CA ILE E 191 -10.89 16.30 -10.72
C ILE E 191 -11.82 15.09 -10.45
N GLU E 192 -12.22 14.44 -11.53
CA GLU E 192 -13.16 13.32 -11.51
C GLU E 192 -12.72 12.08 -10.76
N ASN E 193 -11.42 11.83 -10.67
CA ASN E 193 -10.90 10.63 -9.98
C ASN E 193 -9.63 11.03 -9.29
N PHE E 194 -9.63 11.07 -7.97
CA PHE E 194 -8.45 11.44 -7.20
C PHE E 194 -8.07 10.43 -6.10
N ALA E 195 -6.89 10.58 -5.54
CA ALA E 195 -6.39 9.70 -4.52
C ALA E 195 -6.66 10.28 -3.16
N MET E 196 -7.17 9.44 -2.26
CA MET E 196 -7.44 9.84 -0.88
C MET E 196 -6.12 9.69 -0.15
N ALA E 197 -5.95 10.29 1.03
CA ALA E 197 -4.66 10.19 1.74
C ALA E 197 -4.13 8.76 1.88
N GLN E 198 -5.07 7.84 2.02
CA GLN E 198 -4.76 6.43 2.13
C GLN E 198 -4.34 5.80 0.82
N GLY E 199 -4.81 6.31 -0.29
CA GLY E 199 -4.38 5.72 -1.54
C GLY E 199 -5.51 5.25 -2.40
N ASN E 200 -6.71 5.23 -1.85
CA ASN E 200 -7.86 4.74 -2.60
C ASN E 200 -8.51 5.86 -3.42
N SER E 201 -9.05 5.49 -4.56
CA SER E 201 -9.73 6.44 -5.43
C SER E 201 -11.02 6.99 -4.86
N GLN E 202 -11.36 8.19 -5.27
CA GLN E 202 -12.57 8.86 -4.84
C GLN E 202 -13.03 9.71 -6.05
N GLN E 203 -14.34 9.94 -6.17
CA GLN E 203 -14.89 10.72 -7.27
C GLN E 203 -15.37 12.07 -6.78
N THR E 204 -15.42 13.03 -7.69
CA THR E 204 -15.95 14.34 -7.36
C THR E 204 -17.34 14.36 -8.01
N GLN E 205 -18.36 14.56 -7.18
CA GLN E 205 -19.75 14.58 -7.69
C GLN E 205 -20.00 15.91 -8.39
N ALA E 206 -20.88 15.92 -9.38
CA ALA E 206 -21.20 17.18 -10.05
C ALA E 206 -21.93 18.05 -9.02
N GLY E 207 -21.78 19.37 -9.10
CA GLY E 207 -22.49 20.20 -8.14
C GLY E 207 -21.57 21.22 -7.52
N VAL E 208 -20.27 20.98 -7.63
CA VAL E 208 -19.26 21.90 -7.10
C VAL E 208 -19.32 23.17 -7.93
N THR E 209 -19.09 24.30 -7.28
CA THR E 209 -19.11 25.57 -7.98
C THR E 209 -17.91 26.44 -7.65
N VAL E 210 -17.54 27.26 -8.63
CA VAL E 210 -16.45 28.24 -8.50
C VAL E 210 -17.11 29.57 -8.92
N SER E 211 -16.89 30.61 -8.15
CA SER E 211 -17.47 31.89 -8.48
C SER E 211 -16.39 32.95 -8.33
N VAL E 212 -16.45 33.94 -9.21
CA VAL E 212 -15.48 35.03 -9.21
C VAL E 212 -16.22 36.31 -8.91
N GLY E 213 -15.82 36.99 -7.84
CA GLY E 213 -16.50 38.23 -7.46
C GLY E 213 -18.01 38.05 -7.28
N GLY E 214 -18.43 36.88 -6.79
CA GLY E 214 -19.85 36.65 -6.59
C GLY E 214 -20.59 36.03 -7.76
N VAL E 215 -20.04 36.12 -8.95
CA VAL E 215 -20.71 35.54 -10.11
C VAL E 215 -20.23 34.10 -10.42
N ASP E 216 -21.15 33.25 -10.80
CA ASP E 216 -20.84 31.86 -11.06
C ASP E 216 -20.17 31.59 -12.38
N MET E 217 -19.05 30.88 -12.34
CA MET E 217 -18.31 30.55 -13.55
C MET E 217 -18.33 29.06 -13.91
N ARG E 218 -18.64 28.75 -15.16
CA ARG E 218 -18.65 27.37 -15.65
C ARG E 218 -17.25 26.78 -15.70
N ALA E 219 -17.18 25.46 -15.65
CA ALA E 219 -15.89 24.81 -15.71
C ALA E 219 -15.56 24.68 -17.18
N GLY E 220 -14.25 24.58 -17.47
CA GLY E 220 -13.78 24.41 -18.83
C GLY E 220 -13.92 25.56 -19.82
N ARG E 221 -13.98 26.77 -19.30
CA ARG E 221 -14.12 27.98 -20.11
C ARG E 221 -13.15 28.96 -19.47
N ILE E 222 -12.47 29.73 -20.32
CA ILE E 222 -11.52 30.73 -19.85
C ILE E 222 -12.20 31.86 -19.09
N ILE E 223 -11.59 32.21 -17.96
CA ILE E 223 -12.10 33.25 -17.11
C ILE E 223 -11.05 34.34 -16.99
N ALA E 224 -11.48 35.57 -17.20
CA ALA E 224 -10.62 36.72 -17.06
C ALA E 224 -10.75 37.19 -15.62
N TRP E 225 -9.75 36.96 -14.81
CA TRP E 225 -9.82 37.35 -13.42
C TRP E 225 -8.77 38.41 -13.12
N ASP E 226 -9.20 39.47 -12.45
CA ASP E 226 -8.30 40.56 -12.07
C ASP E 226 -7.35 40.27 -10.96
N GLY E 227 -7.47 39.12 -10.33
CA GLY E 227 -6.57 38.78 -9.24
C GLY E 227 -6.93 39.38 -7.90
N GLN E 228 -7.97 40.21 -7.85
CA GLN E 228 -8.40 40.85 -6.59
C GLN E 228 -9.73 40.29 -6.11
N ALA E 229 -10.71 40.22 -7.03
CA ALA E 229 -12.04 39.71 -6.73
C ALA E 229 -11.93 38.33 -6.09
N ALA E 230 -12.84 38.03 -5.17
CA ALA E 230 -12.84 36.75 -4.47
C ALA E 230 -13.09 35.54 -5.35
N LEU E 231 -12.23 34.55 -5.18
CA LEU E 231 -12.28 33.29 -5.93
C LEU E 231 -12.85 32.32 -4.92
N HIS E 232 -14.15 32.07 -5.04
CA HIS E 232 -14.87 31.25 -4.09
C HIS E 232 -15.30 29.86 -4.56
N VAL E 233 -14.79 28.83 -3.88
CA VAL E 233 -15.14 27.46 -4.22
C VAL E 233 -16.19 26.93 -3.21
N HIS E 234 -17.19 26.23 -3.71
CA HIS E 234 -18.25 25.68 -2.87
C HIS E 234 -18.59 24.24 -3.27
N ASN E 235 -18.50 23.33 -2.28
CA ASN E 235 -18.84 21.92 -2.45
C ASN E 235 -20.18 21.64 -1.76
N PRO E 236 -21.31 21.75 -2.47
CA PRO E 236 -22.61 21.51 -1.85
C PRO E 236 -22.90 20.02 -1.71
N THR E 237 -21.99 19.24 -2.25
CA THR E 237 -22.03 17.81 -2.28
C THR E 237 -21.78 17.16 -0.91
N GLN E 238 -22.29 15.92 -0.77
CA GLN E 238 -22.15 15.18 0.49
C GLN E 238 -20.93 14.26 0.57
N GLN E 239 -19.95 14.53 -0.29
CA GLN E 239 -18.72 13.75 -0.37
C GLN E 239 -17.56 14.71 -0.57
N ASN E 240 -16.34 14.22 -0.40
CA ASN E 240 -15.16 15.06 -0.63
C ASN E 240 -15.09 15.38 -2.14
N ALA E 241 -14.52 16.55 -2.43
CA ALA E 241 -14.37 17.00 -3.81
C ALA E 241 -13.01 17.63 -4.03
N MET E 242 -12.56 17.58 -5.29
CA MET E 242 -11.30 18.21 -5.69
C MET E 242 -11.48 18.98 -6.99
N VAL E 243 -10.98 20.22 -7.04
CA VAL E 243 -11.06 20.96 -8.30
C VAL E 243 -9.67 21.42 -8.68
N GLN E 244 -9.37 21.43 -9.99
CA GLN E 244 -8.07 22.00 -10.42
C GLN E 244 -8.36 23.34 -11.06
N ILE E 245 -7.48 24.29 -10.77
CA ILE E 245 -7.59 25.62 -11.36
C ILE E 245 -6.29 25.90 -12.06
N GLN E 246 -6.39 26.02 -13.38
CA GLN E 246 -5.25 26.27 -14.25
C GLN E 246 -5.10 27.72 -14.67
N VAL E 247 -3.88 28.26 -14.54
CA VAL E 247 -3.59 29.62 -15.02
C VAL E 247 -3.08 29.41 -16.45
N VAL E 248 -3.99 29.53 -17.42
CA VAL E 248 -3.63 29.32 -18.81
C VAL E 248 -2.59 30.33 -19.33
N PHE E 249 -2.66 31.57 -18.86
CA PHE E 249 -1.68 32.62 -19.15
C PHE E 249 -2.09 33.84 -18.38
N TYR E 250 -1.14 34.73 -18.14
CA TYR E 250 -1.44 35.97 -17.43
C TYR E 250 -0.71 37.14 -18.12
N ILE E 251 -1.14 38.38 -17.83
CA ILE E 251 -0.50 39.55 -18.43
C ILE E 251 0.01 40.51 -17.36
N SER E 252 1.21 41.05 -17.58
CA SER E 252 1.75 42.01 -16.66
C SER E 252 2.49 43.08 -17.48
N MET E 253 3.08 44.06 -16.80
CA MET E 253 3.84 45.11 -17.46
C MET E 253 5.35 44.84 -17.51
N ASP E 254 5.73 43.55 -17.45
CA ASP E 254 7.13 43.23 -17.58
C ASP E 254 7.31 43.05 -19.09
N LYS E 255 8.45 43.47 -19.60
CA LYS E 255 8.70 43.39 -21.02
C LYS E 255 8.98 41.97 -21.43
N THR E 256 8.44 41.60 -22.60
CA THR E 256 8.66 40.28 -23.14
C THR E 256 9.44 40.46 -24.45
N LEU E 257 9.72 39.35 -25.11
CA LEU E 257 10.46 39.36 -26.37
C LEU E 257 9.60 39.86 -27.54
N ASN E 258 8.34 40.20 -27.29
CA ASN E 258 7.46 40.70 -28.33
C ASN E 258 7.28 42.20 -28.17
N GLN E 259 8.19 42.88 -27.49
CA GLN E 259 8.07 44.34 -27.30
C GLN E 259 8.44 45.11 -28.57
N TYR E 260 9.24 44.47 -29.40
CA TYR E 260 9.71 45.05 -30.63
C TYR E 260 9.58 43.95 -31.70
N PRO E 261 9.08 44.30 -32.91
CA PRO E 261 8.92 43.28 -33.96
C PRO E 261 10.13 42.44 -34.25
N ALA E 262 9.93 41.12 -34.15
CA ALA E 262 10.95 40.11 -34.34
C ALA E 262 12.23 40.26 -33.54
N LEU E 263 12.10 40.79 -32.31
CA LEU E 263 13.25 40.96 -31.43
C LEU E 263 14.06 39.65 -31.30
N THR E 264 13.33 38.53 -31.20
CA THR E 264 13.98 37.24 -31.07
C THR E 264 14.88 36.93 -32.26
N ALA E 265 14.40 37.17 -33.48
CA ALA E 265 15.19 36.91 -34.66
C ALA E 265 16.44 37.79 -34.68
N GLU E 266 16.35 39.03 -34.14
CA GLU E 266 17.51 39.92 -34.10
C GLU E 266 18.53 39.40 -33.09
N ILE E 267 18.04 39.05 -31.91
CA ILE E 267 18.87 38.47 -30.87
C ILE E 267 19.58 37.23 -31.43
N PHE E 268 18.84 36.37 -32.11
CA PHE E 268 19.44 35.17 -32.70
C PHE E 268 20.58 35.50 -33.67
N ASN E 269 20.35 36.50 -34.51
CA ASN E 269 21.33 36.94 -35.48
C ASN E 269 22.61 37.41 -34.78
N VAL E 270 22.48 38.23 -33.74
CA VAL E 270 23.61 38.75 -32.97
C VAL E 270 24.45 37.64 -32.31
N TYR E 271 23.79 36.65 -31.73
CA TYR E 271 24.51 35.57 -31.04
C TYR E 271 24.98 34.42 -31.90
N SER E 272 24.70 34.47 -33.20
CA SER E 272 25.19 33.43 -34.08
C SER E 272 26.70 33.55 -34.15
N PHE E 273 27.30 32.42 -34.45
CA PHE E 273 28.74 32.30 -34.49
C PHE E 273 29.41 33.04 -35.63
N ARG E 274 29.03 32.67 -36.88
CA ARG E 274 29.59 33.20 -38.14
C ARG E 274 31.02 32.66 -38.31
N ASP E 275 31.93 33.16 -37.49
CA ASP E 275 33.30 32.69 -37.50
C ASP E 275 33.94 33.25 -36.23
N HIS E 276 35.21 32.93 -36.03
CA HIS E 276 35.91 33.37 -34.84
C HIS E 276 36.05 34.85 -34.66
N THR E 277 36.16 35.57 -35.75
CA THR E 277 36.31 37.02 -35.67
C THR E 277 35.00 37.66 -35.23
N TRP E 278 33.89 37.27 -35.84
CA TRP E 278 32.63 37.84 -35.46
C TRP E 278 32.33 37.48 -34.00
N HIS E 279 32.57 36.22 -33.70
CA HIS E 279 32.35 35.73 -32.37
C HIS E 279 33.18 36.56 -31.36
N GLY E 280 34.47 36.77 -31.67
CA GLY E 280 35.31 37.57 -30.81
C GLY E 280 34.88 39.03 -30.70
N LEU E 281 34.56 39.63 -31.84
CA LEU E 281 34.12 41.02 -31.92
C LEU E 281 32.82 41.25 -31.16
N ARG E 282 31.84 40.39 -31.44
CA ARG E 282 30.54 40.48 -30.77
C ARG E 282 30.74 40.38 -29.26
N THR E 283 31.47 39.37 -28.83
CA THR E 283 31.75 39.21 -27.40
C THR E 283 32.39 40.48 -26.81
N ALA E 284 33.42 41.02 -27.48
CA ALA E 284 34.08 42.24 -27.01
C ALA E 284 33.14 43.44 -26.92
N ILE E 285 32.26 43.60 -27.89
CA ILE E 285 31.33 44.72 -27.85
C ILE E 285 30.31 44.50 -26.72
N LEU E 286 29.78 43.29 -26.58
CA LEU E 286 28.78 43.05 -25.53
C LEU E 286 29.36 43.15 -24.11
N ASN E 287 30.68 42.98 -23.94
CA ASN E 287 31.32 43.10 -22.62
C ASN E 287 31.22 44.48 -22.03
N ARG E 288 30.87 45.43 -22.88
CA ARG E 288 30.76 46.82 -22.46
C ARG E 288 29.32 47.17 -22.17
N THR E 289 28.47 46.14 -22.10
CA THR E 289 27.05 46.35 -21.85
C THR E 289 26.53 45.44 -20.72
N THR E 290 25.24 45.52 -20.42
CA THR E 290 24.65 44.70 -19.37
C THR E 290 24.06 43.44 -19.94
N LEU E 291 24.32 43.21 -21.23
CA LEU E 291 23.84 42.05 -21.93
C LEU E 291 24.88 40.93 -21.86
N PRO E 292 24.43 39.68 -21.84
CA PRO E 292 25.38 38.58 -21.80
C PRO E 292 26.20 38.64 -23.10
N ASN E 293 27.47 38.28 -23.01
CA ASN E 293 28.34 38.36 -24.16
C ASN E 293 28.31 37.21 -25.16
N MET E 294 27.78 36.04 -24.80
CA MET E 294 27.72 34.99 -25.82
C MET E 294 26.51 34.08 -25.86
N LEU E 295 25.60 34.27 -24.92
CA LEU E 295 24.37 33.49 -24.90
C LEU E 295 23.25 34.48 -24.69
N PRO E 296 22.13 34.29 -25.42
CA PRO E 296 20.97 35.17 -25.29
C PRO E 296 20.57 35.27 -23.82
N PRO E 297 20.09 36.45 -23.41
CA PRO E 297 19.65 36.64 -22.01
C PRO E 297 18.48 35.70 -21.64
N ILE E 298 18.31 35.45 -20.35
CA ILE E 298 17.24 34.56 -19.90
C ILE E 298 15.99 35.40 -19.87
N PHE E 299 16.09 36.61 -19.35
CA PHE E 299 14.94 37.50 -19.30
C PHE E 299 15.15 38.57 -20.32
N PRO E 300 14.06 38.95 -21.00
CA PRO E 300 14.14 40.00 -22.03
C PRO E 300 14.62 41.33 -21.47
N PRO E 301 15.45 42.05 -22.23
CA PRO E 301 15.99 43.35 -21.79
C PRO E 301 14.82 44.31 -21.75
N ASN E 302 14.94 45.42 -21.06
CA ASN E 302 13.79 46.32 -21.01
C ASN E 302 14.07 47.81 -21.13
N ASP E 303 15.33 48.15 -21.40
CA ASP E 303 15.72 49.54 -21.54
C ASP E 303 16.14 49.83 -22.98
N ARG E 304 16.03 51.11 -23.33
CA ARG E 304 16.39 51.61 -24.64
C ARG E 304 17.78 51.16 -25.10
N ASP E 305 18.78 51.34 -24.24
CA ASP E 305 20.14 50.99 -24.62
C ASP E 305 20.35 49.55 -25.08
N SER E 306 19.84 48.61 -24.29
CA SER E 306 20.01 47.20 -24.64
C SER E 306 19.33 46.89 -25.95
N ILE E 307 18.08 47.33 -26.09
CA ILE E 307 17.35 47.06 -27.31
C ILE E 307 18.07 47.64 -28.52
N LEU E 308 18.50 48.90 -28.41
CA LEU E 308 19.19 49.58 -29.48
C LEU E 308 20.45 48.84 -29.88
N THR E 309 21.27 48.54 -28.87
CA THR E 309 22.50 47.82 -29.10
C THR E 309 22.27 46.50 -29.84
N LEU E 310 21.21 45.78 -29.49
CA LEU E 310 20.90 44.53 -30.16
C LEU E 310 20.56 44.80 -31.60
N LEU E 311 19.66 45.76 -31.85
CA LEU E 311 19.28 46.09 -33.22
C LEU E 311 20.47 46.53 -34.07
N LEU E 312 21.25 47.46 -33.51
CA LEU E 312 22.43 47.96 -34.17
C LEU E 312 23.45 46.83 -34.45
N LEU E 313 23.67 45.95 -33.47
CA LEU E 313 24.61 44.84 -33.67
C LEU E 313 24.11 43.85 -34.70
N SER E 314 22.80 43.60 -34.74
CA SER E 314 22.22 42.68 -35.71
C SER E 314 22.48 43.17 -37.13
N THR E 315 22.25 44.47 -37.35
CA THR E 315 22.52 45.07 -38.64
C THR E 315 24.02 44.96 -38.94
N LEU E 316 24.88 45.29 -37.98
CA LEU E 316 26.31 45.18 -38.22
C LEU E 316 26.69 43.75 -38.61
N ALA E 317 25.97 42.75 -38.10
CA ALA E 317 26.26 41.36 -38.44
C ALA E 317 25.94 41.13 -39.90
N ASP E 318 24.86 41.75 -40.36
CA ASP E 318 24.51 41.61 -41.77
C ASP E 318 25.57 42.27 -42.65
N VAL E 319 26.05 43.44 -42.24
CA VAL E 319 27.11 44.12 -42.99
C VAL E 319 28.33 43.22 -43.03
N TYR E 320 28.67 42.62 -41.88
CA TYR E 320 29.82 41.73 -41.79
C TYR E 320 29.68 40.62 -42.81
N THR E 321 28.49 40.08 -42.85
CA THR E 321 28.20 39.01 -43.78
C THR E 321 28.41 39.41 -45.24
N VAL E 322 27.97 40.61 -45.66
CA VAL E 322 28.19 41.00 -47.06
C VAL E 322 29.59 41.50 -47.37
N LEU E 323 30.21 42.30 -46.48
CA LEU E 323 31.57 42.79 -46.70
C LEU E 323 32.69 41.76 -46.52
N ARG E 324 32.44 40.69 -45.75
CA ARG E 324 33.42 39.63 -45.47
C ARG E 324 34.79 40.16 -45.09
N PRO E 325 34.85 41.05 -44.08
CA PRO E 325 36.17 41.59 -43.69
C PRO E 325 37.06 40.54 -43.02
N GLU E 326 38.36 40.82 -42.97
CA GLU E 326 39.35 39.95 -42.35
C GLU E 326 40.33 40.78 -41.59
N PHE E 327 40.30 40.65 -40.28
CA PHE E 327 41.21 41.39 -39.46
C PHE E 327 41.43 40.60 -38.18
N ALA E 328 42.38 41.06 -37.38
CA ALA E 328 42.75 40.39 -36.14
C ALA E 328 42.18 40.99 -34.87
N ILE E 329 41.80 40.12 -33.94
CA ILE E 329 41.27 40.52 -32.63
C ILE E 329 42.15 39.87 -31.56
N HIS E 330 42.55 40.64 -30.56
CA HIS E 330 43.43 40.12 -29.50
C HIS E 330 42.84 38.90 -28.82
N GLY E 331 43.63 37.83 -28.76
CA GLY E 331 43.17 36.63 -28.11
C GLY E 331 42.35 35.68 -28.95
N VAL E 332 42.07 36.05 -30.19
CA VAL E 332 41.30 35.20 -31.07
C VAL E 332 42.24 34.49 -32.03
N ASN E 333 42.07 33.18 -32.16
CA ASN E 333 42.91 32.38 -33.03
C ASN E 333 42.15 31.54 -34.06
N PRO E 334 42.02 32.04 -35.31
CA PRO E 334 41.32 31.41 -36.43
C PRO E 334 41.64 29.98 -36.86
N MET E 335 40.58 29.26 -37.20
CA MET E 335 40.69 27.91 -37.66
C MET E 335 40.08 27.94 -39.05
N PRO E 336 40.92 27.70 -40.06
CA PRO E 336 40.60 27.66 -41.50
C PRO E 336 39.29 26.92 -41.85
N GLY E 337 38.96 25.90 -41.05
CA GLY E 337 37.71 25.17 -41.23
C GLY E 337 37.65 23.94 -42.11
N PRO E 338 36.77 23.91 -43.12
CA PRO E 338 35.85 25.01 -43.47
C PRO E 338 34.73 25.44 -42.46
N LEU E 339 34.85 25.10 -41.17
CA LEU E 339 33.88 25.49 -40.13
C LEU E 339 32.65 24.59 -40.07
N THR E 340 32.45 24.03 -38.88
CA THR E 340 31.39 23.08 -38.66
C THR E 340 30.63 23.42 -37.40
N ARG E 341 29.54 22.69 -37.18
CA ARG E 341 28.75 22.93 -36.01
C ARG E 341 29.56 22.62 -34.75
N ALA E 342 30.40 21.58 -34.83
CA ALA E 342 31.24 21.18 -33.70
C ALA E 342 32.22 22.29 -33.29
N ILE E 343 32.82 22.89 -34.30
CA ILE E 343 33.76 23.99 -34.08
C ILE E 343 33.04 25.22 -33.51
N ALA E 344 31.86 25.52 -34.06
CA ALA E 344 31.06 26.65 -33.61
C ALA E 344 30.71 26.46 -32.13
N ARG E 345 30.16 25.29 -31.81
CA ARG E 345 29.76 24.96 -30.44
C ARG E 345 30.90 25.10 -29.44
N ALA E 346 32.09 24.67 -29.83
CA ALA E 346 33.24 24.75 -28.95
C ALA E 346 33.68 26.17 -28.60
N ALA E 347 33.30 27.11 -29.44
CA ALA E 347 33.71 28.50 -29.25
C ALA E 347 32.95 29.20 -28.16
N TYR E 348 31.84 28.60 -27.73
CA TYR E 348 31.00 29.20 -26.69
C TYR E 348 31.42 28.81 -25.28
N VAL E 349 32.75 28.83 -25.10
CA VAL E 349 33.41 28.48 -23.86
C VAL E 349 33.18 26.97 -23.60
N MET F 1 -9.91 51.38 -52.09
CA MET F 1 -9.94 51.18 -50.57
C MET F 1 -8.61 50.60 -49.93
N ASP F 2 -7.98 49.67 -50.64
CA ASP F 2 -6.73 49.16 -50.16
C ASP F 2 -5.72 50.29 -50.37
N THR F 3 -5.88 51.02 -51.48
CA THR F 3 -5.02 52.16 -51.82
C THR F 3 -5.19 53.27 -50.80
N ILE F 4 -6.43 53.47 -50.34
CA ILE F 4 -6.67 54.47 -49.31
C ILE F 4 -5.81 54.14 -48.07
N ALA F 5 -5.83 52.88 -47.65
CA ALA F 5 -5.06 52.50 -46.48
C ALA F 5 -3.56 52.64 -46.73
N ALA F 6 -3.11 52.21 -47.91
CA ALA F 6 -1.71 52.32 -48.31
C ALA F 6 -1.23 53.81 -48.25
N ARG F 7 -2.12 54.73 -48.66
CA ARG F 7 -1.79 56.16 -48.58
C ARG F 7 -1.70 56.69 -47.16
N ALA F 8 -2.68 56.37 -46.33
CA ALA F 8 -2.66 56.83 -44.93
C ALA F 8 -1.38 56.36 -44.24
N LEU F 9 -1.06 55.09 -44.45
CA LEU F 9 0.13 54.46 -43.90
C LEU F 9 1.41 55.17 -44.36
N THR F 10 1.48 55.41 -45.67
CA THR F 10 2.61 56.12 -46.29
C THR F 10 2.82 57.49 -45.68
N VAL F 11 1.74 58.26 -45.57
CA VAL F 11 1.82 59.60 -44.99
C VAL F 11 2.22 59.61 -43.54
N MET F 12 1.64 58.69 -42.75
CA MET F 12 1.97 58.62 -41.32
C MET F 12 3.41 58.21 -41.10
N ARG F 13 3.91 57.24 -41.88
CA ARG F 13 5.31 56.84 -41.68
C ARG F 13 6.27 57.99 -42.05
N ALA F 14 5.87 58.81 -43.01
CA ALA F 14 6.66 59.96 -43.46
C ALA F 14 6.70 61.00 -42.33
N CYS F 15 5.56 61.23 -41.69
CA CYS F 15 5.55 62.20 -40.61
C CYS F 15 6.42 61.76 -39.44
N ALA F 16 6.58 60.45 -39.23
CA ALA F 16 7.40 59.94 -38.12
C ALA F 16 8.86 60.21 -38.37
N THR F 17 9.15 60.71 -39.56
CA THR F 17 10.50 61.05 -39.98
C THR F 17 10.94 62.41 -39.41
N LEU F 18 9.97 63.29 -39.18
CA LEU F 18 10.19 64.64 -38.68
C LEU F 18 10.68 64.68 -37.24
N GLN F 19 11.78 63.99 -36.96
CA GLN F 19 12.32 63.90 -35.62
C GLN F 19 12.78 65.26 -35.10
N GLU F 20 13.37 66.06 -35.97
CA GLU F 20 13.87 67.33 -35.48
C GLU F 20 13.62 68.47 -36.46
N ALA F 21 13.98 69.68 -36.04
CA ALA F 21 13.77 70.89 -36.81
C ALA F 21 14.64 71.10 -38.07
N ARG F 22 15.96 71.02 -37.91
CA ARG F 22 16.85 71.28 -39.05
C ARG F 22 17.37 70.12 -39.92
N ILE F 23 17.01 68.89 -39.59
CA ILE F 23 17.44 67.73 -40.36
C ILE F 23 17.07 67.80 -41.84
N VAL F 24 17.77 67.06 -42.69
CA VAL F 24 17.41 67.11 -44.10
C VAL F 24 16.68 65.84 -44.50
N LEU F 25 15.53 66.05 -45.14
CA LEU F 25 14.71 64.96 -45.56
C LEU F 25 15.17 64.22 -46.79
N GLU F 26 14.90 62.93 -46.81
CA GLU F 26 15.17 62.08 -47.94
C GLU F 26 14.15 62.70 -48.97
N ALA F 27 14.51 62.80 -50.24
CA ALA F 27 13.63 63.42 -51.25
C ALA F 27 12.24 62.83 -51.35
N ASN F 28 12.22 61.52 -51.37
CA ASN F 28 11.04 60.70 -51.42
C ASN F 28 9.97 61.23 -50.40
N VAL F 29 10.40 61.49 -49.17
CA VAL F 29 9.53 62.00 -48.11
C VAL F 29 8.92 63.36 -48.43
N MET F 30 9.72 64.29 -48.90
CA MET F 30 9.23 65.62 -49.23
C MET F 30 8.24 65.60 -50.39
N GLU F 31 8.50 64.74 -51.37
CA GLU F 31 7.60 64.64 -52.51
C GLU F 31 6.19 64.22 -52.06
N ILE F 32 6.13 63.25 -51.14
CA ILE F 32 4.88 62.72 -50.60
C ILE F 32 4.17 63.70 -49.66
N LEU F 33 4.89 64.22 -48.66
CA LEU F 33 4.32 65.17 -47.72
C LEU F 33 3.81 66.39 -48.43
N GLY F 34 4.55 66.83 -49.43
CA GLY F 34 4.16 67.98 -50.21
C GLY F 34 2.78 67.82 -50.79
N ILE F 35 2.60 66.78 -51.59
CA ILE F 35 1.31 66.50 -52.21
C ILE F 35 0.19 66.26 -51.21
N ALA F 36 0.47 65.39 -50.24
CA ALA F 36 -0.51 65.02 -49.24
C ALA F 36 -0.97 66.21 -48.43
N ILE F 37 -0.02 66.97 -47.91
CA ILE F 37 -0.38 68.12 -47.08
C ILE F 37 -1.13 69.17 -47.87
N ASN F 38 -0.76 69.33 -49.13
CA ASN F 38 -1.43 70.29 -49.98
C ASN F 38 -2.91 69.83 -50.17
N ARG F 39 -3.16 68.58 -50.58
CA ARG F 39 -4.54 68.11 -50.77
C ARG F 39 -5.33 68.25 -49.47
N TYR F 40 -4.70 67.81 -48.39
CA TYR F 40 -5.31 67.86 -47.09
C TYR F 40 -5.73 69.27 -46.68
N ASN F 41 -4.79 70.21 -46.65
CA ASN F 41 -5.11 71.59 -46.28
C ASN F 41 -6.20 72.18 -47.20
N GLY F 42 -6.18 71.79 -48.47
CA GLY F 42 -7.18 72.31 -49.37
C GLY F 42 -8.61 71.88 -49.12
N LEU F 43 -8.83 70.59 -48.92
CA LEU F 43 -10.18 70.06 -48.70
C LEU F 43 -10.68 70.21 -47.26
N THR F 44 -9.75 70.51 -46.37
CA THR F 44 -9.99 70.60 -44.94
C THR F 44 -9.95 72.00 -44.35
N LEU F 45 -9.12 72.86 -44.94
CA LEU F 45 -8.93 74.23 -44.50
C LEU F 45 -8.09 74.31 -43.27
N ARG F 46 -7.29 73.28 -43.04
CA ARG F 46 -6.39 73.34 -41.90
C ARG F 46 -5.07 73.90 -42.45
N GLY F 47 -4.09 74.16 -41.59
CA GLY F 47 -2.87 74.72 -42.13
C GLY F 47 -1.66 73.98 -41.64
N VAL F 48 -1.58 72.73 -42.07
CA VAL F 48 -0.48 71.88 -41.66
C VAL F 48 0.80 72.35 -42.40
N THR F 49 1.93 72.44 -41.71
CA THR F 49 3.21 72.84 -42.31
C THR F 49 3.96 71.55 -42.59
N MET F 50 4.91 71.56 -43.52
CA MET F 50 5.72 70.39 -43.79
C MET F 50 6.79 70.20 -42.74
N ARG F 51 7.25 71.28 -42.11
CA ARG F 51 8.28 71.12 -41.08
C ARG F 51 7.82 71.86 -39.84
N PRO F 52 7.07 71.17 -38.97
CA PRO F 52 6.53 71.73 -37.72
C PRO F 52 7.59 72.05 -36.68
N THR F 53 7.48 73.19 -36.00
CA THR F 53 8.43 73.57 -34.96
C THR F 53 7.69 73.80 -33.63
N SER F 54 6.70 74.66 -33.65
CA SER F 54 5.92 74.92 -32.44
C SER F 54 4.98 73.77 -32.10
N LEU F 55 4.51 73.76 -30.86
CA LEU F 55 3.57 72.76 -30.40
C LEU F 55 2.30 72.84 -31.22
N ALA F 56 1.87 74.05 -31.55
CA ALA F 56 0.65 74.19 -32.31
C ALA F 56 0.76 73.53 -33.69
N GLN F 57 1.96 73.58 -34.27
CA GLN F 57 2.18 72.97 -35.58
C GLN F 57 2.25 71.46 -35.52
N ARG F 58 2.81 70.96 -34.43
CA ARG F 58 2.92 69.54 -34.20
C ARG F 58 1.52 68.94 -33.98
N ASN F 59 0.70 69.61 -33.18
CA ASN F 59 -0.65 69.14 -32.95
C ASN F 59 -1.41 69.06 -34.25
N GLU F 60 -1.27 70.12 -35.04
CA GLU F 60 -1.96 70.20 -36.32
C GLU F 60 -1.56 69.05 -37.26
N MET F 61 -0.27 68.71 -37.30
CA MET F 61 0.19 67.61 -38.15
C MET F 61 -0.33 66.29 -37.60
N PHE F 62 -0.26 66.14 -36.28
CA PHE F 62 -0.76 64.94 -35.64
C PHE F 62 -2.25 64.77 -35.94
N PHE F 63 -3.01 65.86 -35.89
CA PHE F 63 -4.44 65.77 -36.18
C PHE F 63 -4.67 65.33 -37.61
N MET F 64 -3.74 65.66 -38.50
CA MET F 64 -3.88 65.27 -39.90
C MET F 64 -3.72 63.75 -39.98
N CYS F 65 -2.77 63.23 -39.21
CA CYS F 65 -2.52 61.80 -39.17
C CYS F 65 -3.71 61.07 -38.54
N LEU F 66 -4.23 61.64 -37.44
CA LEU F 66 -5.39 61.06 -36.78
C LEU F 66 -6.56 60.99 -37.78
N ASP F 67 -6.78 62.07 -38.53
CA ASP F 67 -7.87 62.08 -39.52
C ASP F 67 -7.70 60.99 -40.54
N MET F 68 -6.46 60.84 -41.00
CA MET F 68 -6.14 59.86 -42.03
C MET F 68 -6.27 58.44 -41.53
N MET F 69 -5.85 58.20 -40.28
CA MET F 69 -5.97 56.88 -39.67
C MET F 69 -7.49 56.54 -39.54
N LEU F 70 -8.29 57.45 -38.97
CA LEU F 70 -9.71 57.18 -38.82
C LEU F 70 -10.42 56.96 -40.14
N SER F 71 -10.09 57.75 -41.15
CA SER F 71 -10.75 57.57 -42.44
C SER F 71 -10.39 56.26 -43.11
N ALA F 72 -9.12 55.85 -43.01
CA ALA F 72 -8.72 54.58 -43.63
C ALA F 72 -9.35 53.40 -42.89
N ALA F 73 -9.52 53.52 -41.56
CA ALA F 73 -10.10 52.47 -40.74
C ALA F 73 -11.61 52.44 -40.79
N GLY F 74 -12.23 53.51 -41.29
CA GLY F 74 -13.67 53.58 -41.41
C GLY F 74 -14.38 53.91 -40.12
N ILE F 75 -13.66 54.52 -39.20
CA ILE F 75 -14.18 54.90 -37.89
C ILE F 75 -14.57 56.36 -37.77
N ASN F 76 -15.60 56.61 -36.97
CA ASN F 76 -16.02 57.96 -36.71
C ASN F 76 -15.97 58.06 -35.17
N VAL F 77 -14.94 58.70 -34.61
CA VAL F 77 -14.77 58.79 -33.16
C VAL F 77 -15.80 59.52 -32.36
N GLY F 78 -16.44 60.52 -32.96
CA GLY F 78 -17.40 61.29 -32.19
C GLY F 78 -16.67 62.41 -31.48
N PRO F 79 -17.40 63.23 -30.74
CA PRO F 79 -16.78 64.35 -30.01
C PRO F 79 -15.95 63.96 -28.81
N ILE F 80 -14.71 63.58 -29.05
CA ILE F 80 -13.86 63.17 -27.94
C ILE F 80 -12.99 64.31 -27.43
N SER F 81 -12.98 65.42 -28.16
CA SER F 81 -12.08 66.48 -27.77
C SER F 81 -12.48 67.89 -28.14
N PRO F 82 -12.18 68.82 -27.25
CA PRO F 82 -12.50 70.25 -27.48
C PRO F 82 -11.42 70.86 -28.40
N ASP F 83 -10.31 70.14 -28.58
CA ASP F 83 -9.19 70.58 -29.39
C ASP F 83 -9.15 69.96 -30.76
N TYR F 84 -9.77 68.81 -30.92
CA TYR F 84 -9.73 68.13 -32.20
C TYR F 84 -11.13 67.79 -32.67
N THR F 85 -11.35 68.02 -33.95
CA THR F 85 -12.64 67.68 -34.55
C THR F 85 -12.33 66.90 -35.82
N GLN F 86 -12.84 65.69 -35.91
CA GLN F 86 -12.58 64.87 -37.07
C GLN F 86 -13.18 65.46 -38.34
N HIS F 87 -12.39 65.46 -39.42
CA HIS F 87 -12.80 65.97 -40.72
C HIS F 87 -13.07 64.85 -41.64
N MET F 88 -14.36 64.61 -41.86
CA MET F 88 -14.83 63.54 -42.73
C MET F 88 -14.36 63.65 -44.18
N ALA F 89 -14.05 64.87 -44.63
CA ALA F 89 -13.58 65.07 -46.00
C ALA F 89 -12.23 64.38 -46.28
N THR F 90 -11.54 63.95 -45.23
CA THR F 90 -10.23 63.29 -45.36
C THR F 90 -10.29 62.10 -46.30
N ILE F 91 -11.44 61.44 -46.35
CA ILE F 91 -11.59 60.28 -47.24
C ILE F 91 -11.34 60.70 -48.69
N GLY F 92 -11.75 61.93 -49.04
CA GLY F 92 -11.55 62.47 -50.38
C GLY F 92 -10.07 62.73 -50.61
N VAL F 93 -9.39 63.18 -49.58
CA VAL F 93 -7.97 63.39 -49.70
C VAL F 93 -7.28 62.06 -50.02
N LEU F 94 -7.56 61.05 -49.22
CA LEU F 94 -6.95 59.73 -49.40
C LEU F 94 -7.31 59.00 -50.69
N ALA F 95 -8.42 59.38 -51.33
CA ALA F 95 -8.81 58.73 -52.59
C ALA F 95 -8.24 59.43 -53.83
N THR F 96 -7.41 60.46 -53.62
CA THR F 96 -6.78 61.24 -54.70
C THR F 96 -5.63 60.43 -55.28
N PRO F 97 -5.75 60.00 -56.54
CA PRO F 97 -4.71 59.20 -57.20
C PRO F 97 -3.36 59.85 -57.34
N GLU F 98 -3.26 61.12 -57.03
CA GLU F 98 -1.98 61.79 -57.15
C GLU F 98 -1.10 61.64 -55.94
N ILE F 99 -1.66 61.24 -54.80
CA ILE F 99 -0.84 61.03 -53.61
C ILE F 99 -0.25 59.63 -53.76
N PRO F 100 1.07 59.53 -53.85
CA PRO F 100 1.67 58.20 -54.03
C PRO F 100 1.81 57.41 -52.70
N PHE F 101 1.86 56.10 -52.80
CA PHE F 101 2.07 55.25 -51.62
C PHE F 101 3.36 54.47 -51.88
N THR F 102 4.07 54.12 -50.82
CA THR F 102 5.32 53.39 -50.97
C THR F 102 5.15 51.87 -51.20
N THR F 103 6.20 51.26 -51.73
CA THR F 103 6.25 49.82 -51.94
C THR F 103 5.97 49.08 -50.60
N GLU F 104 6.56 49.54 -49.49
CA GLU F 104 6.35 48.95 -48.16
C GLU F 104 4.88 49.00 -47.80
N ALA F 105 4.28 50.16 -47.84
CA ALA F 105 2.88 50.25 -47.47
C ALA F 105 1.99 49.38 -48.36
N ALA F 106 2.28 49.36 -49.66
CA ALA F 106 1.47 48.63 -50.61
C ALA F 106 1.53 47.16 -50.26
N ASN F 107 2.74 46.66 -50.07
CA ASN F 107 2.96 45.26 -49.75
C ASN F 107 2.36 44.84 -48.41
N GLU F 108 2.40 45.74 -47.46
CA GLU F 108 1.80 45.47 -46.17
C GLU F 108 0.27 45.34 -46.27
N ILE F 109 -0.36 46.22 -47.03
CA ILE F 109 -1.81 46.13 -47.21
C ILE F 109 -2.19 44.88 -48.01
N ALA F 110 -1.37 44.50 -48.99
CA ALA F 110 -1.67 43.31 -49.78
C ALA F 110 -1.68 42.09 -48.86
N ARG F 111 -0.76 42.09 -47.91
CA ARG F 111 -0.71 41.03 -46.96
C ARG F 111 -1.99 41.00 -46.12
N VAL F 112 -2.33 42.13 -45.50
CA VAL F 112 -3.53 42.17 -44.68
C VAL F 112 -4.71 41.65 -45.49
N THR F 113 -4.84 42.13 -46.71
CA THR F 113 -5.97 41.68 -47.49
C THR F 113 -5.89 40.21 -47.89
N GLY F 114 -4.74 39.80 -48.36
CA GLY F 114 -4.59 38.43 -48.79
C GLY F 114 -4.83 37.39 -47.72
N GLU F 115 -4.20 37.51 -46.55
CA GLU F 115 -4.39 36.48 -45.54
C GLU F 115 -5.75 36.48 -44.89
N THR F 116 -6.27 37.66 -44.66
CA THR F 116 -7.54 37.89 -44.01
C THR F 116 -8.73 37.38 -44.78
N SER F 117 -8.61 37.33 -46.09
CA SER F 117 -9.74 36.93 -46.90
C SER F 117 -9.80 35.43 -47.21
N THR F 118 -8.83 34.68 -46.72
CA THR F 118 -8.80 33.25 -46.95
C THR F 118 -8.54 32.51 -45.65
N TRP F 119 -8.15 31.23 -45.74
CA TRP F 119 -7.90 30.38 -44.57
C TRP F 119 -6.67 29.57 -44.88
N GLY F 120 -5.98 29.16 -43.83
CA GLY F 120 -4.79 28.34 -44.00
C GLY F 120 -4.44 27.68 -42.68
N PRO F 121 -3.75 26.55 -42.73
CA PRO F 121 -3.36 25.81 -41.52
C PRO F 121 -2.39 26.56 -40.62
N ALA F 122 -2.61 26.49 -39.32
CA ALA F 122 -1.73 27.14 -38.36
C ALA F 122 -1.70 26.39 -37.01
N ARG F 123 -0.49 26.28 -36.40
CA ARG F 123 -0.32 25.68 -35.07
C ARG F 123 -1.13 26.53 -34.09
N GLN F 124 -2.11 25.92 -33.42
CA GLN F 124 -2.93 26.62 -32.42
C GLN F 124 -2.12 26.74 -31.12
N PRO F 125 -2.38 27.81 -30.35
CA PRO F 125 -1.71 28.15 -29.08
C PRO F 125 -1.88 27.37 -27.79
N TYR F 126 -3.09 26.88 -27.55
CA TYR F 126 -3.36 26.18 -26.31
C TYR F 126 -3.48 24.68 -26.41
N GLY F 127 -3.63 24.04 -25.25
CA GLY F 127 -3.74 22.60 -25.19
C GLY F 127 -4.98 22.12 -25.92
N PHE F 128 -4.84 20.98 -26.61
CA PHE F 128 -5.95 20.43 -27.36
C PHE F 128 -7.20 20.22 -26.50
N PHE F 129 -7.00 19.92 -25.22
CA PHE F 129 -8.12 19.69 -24.29
C PHE F 129 -8.31 20.77 -23.29
N LEU F 130 -7.95 22.00 -23.63
CA LEU F 130 -8.11 23.09 -22.71
C LEU F 130 -9.57 23.26 -22.26
N GLU F 131 -10.52 23.01 -23.15
CA GLU F 131 -11.89 23.24 -22.74
C GLU F 131 -12.65 22.02 -22.32
N THR F 132 -12.16 21.39 -21.26
CA THR F 132 -12.77 20.19 -20.69
C THR F 132 -13.25 20.52 -19.28
N GLU F 133 -14.39 19.97 -18.87
CA GLU F 133 -14.93 20.26 -17.55
C GLU F 133 -14.38 19.37 -16.46
N GLU F 134 -13.92 18.17 -16.85
CA GLU F 134 -13.42 17.19 -15.90
C GLU F 134 -12.06 16.72 -16.31
N THR F 135 -11.26 16.34 -15.33
CA THR F 135 -9.93 15.80 -15.58
C THR F 135 -9.70 14.63 -14.56
N PHE F 136 -8.86 13.66 -14.93
CA PHE F 136 -8.55 12.50 -14.10
C PHE F 136 -7.12 12.52 -13.61
N GLN F 137 -6.87 12.14 -12.35
CA GLN F 137 -5.49 12.12 -11.84
C GLN F 137 -4.57 11.37 -12.77
N PRO F 138 -3.48 12.03 -13.16
CA PRO F 138 -2.53 11.36 -14.06
C PRO F 138 -1.88 10.13 -13.47
N GLY F 139 -1.85 9.06 -14.26
CA GLY F 139 -1.20 7.84 -13.84
C GLY F 139 -1.89 6.97 -12.83
N ARG F 140 -3.20 7.17 -12.67
CA ARG F 140 -3.99 6.36 -11.76
C ARG F 140 -5.01 5.66 -12.63
N TRP F 141 -5.07 4.36 -12.44
CA TRP F 141 -5.94 3.45 -13.14
C TRP F 141 -7.41 3.84 -13.02
N PHE F 142 -8.13 3.65 -14.11
CA PHE F 142 -9.56 3.94 -14.11
C PHE F 142 -10.19 3.29 -15.32
N MET F 143 -11.11 2.37 -15.01
CA MET F 143 -11.81 1.61 -16.01
C MET F 143 -13.30 1.80 -15.82
N ARG F 144 -13.99 2.17 -16.89
CA ARG F 144 -15.43 2.39 -16.84
C ARG F 144 -16.08 1.02 -16.80
N ALA F 145 -17.10 0.88 -15.95
CA ALA F 145 -17.82 -0.38 -15.76
C ALA F 145 -18.21 -1.04 -17.09
N ALA F 146 -17.80 -2.30 -17.25
CA ALA F 146 -18.10 -3.09 -18.45
C ALA F 146 -17.14 -2.98 -19.63
N GLN F 147 -16.19 -2.06 -19.58
CA GLN F 147 -15.25 -1.92 -20.69
C GLN F 147 -13.90 -2.55 -20.34
N ALA F 148 -13.11 -2.89 -21.36
CA ALA F 148 -11.78 -3.47 -21.14
C ALA F 148 -10.67 -2.44 -21.34
N VAL F 149 -10.99 -1.36 -22.07
CA VAL F 149 -10.07 -0.25 -22.29
C VAL F 149 -10.88 1.00 -22.01
N THR F 150 -10.28 1.93 -21.25
CA THR F 150 -10.90 3.20 -20.92
C THR F 150 -9.88 4.34 -21.06
N ALA F 151 -10.21 5.27 -21.97
CA ALA F 151 -9.41 6.46 -22.28
C ALA F 151 -10.02 7.60 -21.50
N VAL F 152 -9.16 8.44 -20.95
CA VAL F 152 -9.67 9.51 -20.14
C VAL F 152 -8.69 10.73 -20.24
N VAL F 153 -9.17 11.98 -20.08
CA VAL F 153 -8.24 13.11 -20.18
C VAL F 153 -7.58 13.40 -18.84
N CYS F 154 -6.26 13.59 -18.85
CA CYS F 154 -5.53 13.88 -17.65
C CYS F 154 -4.72 15.16 -17.64
N GLY F 155 -4.93 15.99 -18.64
CA GLY F 155 -4.20 17.25 -18.71
C GLY F 155 -4.81 18.04 -19.84
N PRO F 156 -4.39 19.31 -20.03
CA PRO F 156 -4.91 20.16 -21.10
C PRO F 156 -4.46 19.67 -22.47
N ASP F 157 -3.42 18.83 -22.47
CA ASP F 157 -2.86 18.30 -23.70
C ASP F 157 -2.62 16.81 -23.62
N MET F 158 -3.33 16.14 -22.73
CA MET F 158 -3.04 14.74 -22.49
C MET F 158 -4.19 13.80 -22.17
N ILE F 159 -4.05 12.56 -22.63
CA ILE F 159 -5.02 11.52 -22.28
C ILE F 159 -4.21 10.29 -21.86
N GLN F 160 -4.83 9.42 -21.09
CA GLN F 160 -4.21 8.15 -20.65
C GLN F 160 -5.28 7.11 -20.85
N VAL F 161 -4.83 5.91 -21.22
CA VAL F 161 -5.70 4.79 -21.50
C VAL F 161 -5.30 3.64 -20.56
N SER F 162 -6.29 3.05 -19.90
CA SER F 162 -6.10 1.88 -19.01
C SER F 162 -6.51 0.67 -19.83
N LEU F 163 -5.64 -0.33 -19.91
CA LEU F 163 -5.97 -1.55 -20.66
C LEU F 163 -5.94 -2.81 -19.75
N ASN F 164 -7.01 -3.62 -19.79
CA ASN F 164 -7.04 -4.90 -19.05
C ASN F 164 -6.05 -5.84 -19.78
N ALA F 165 -5.59 -6.89 -19.09
CA ALA F 165 -4.67 -7.83 -19.73
C ALA F 165 -5.33 -8.38 -21.00
N GLY F 166 -4.54 -8.42 -22.07
CA GLY F 166 -5.03 -8.88 -23.36
C GLY F 166 -6.02 -8.02 -24.12
N ALA F 167 -6.44 -6.88 -23.56
CA ALA F 167 -7.42 -5.98 -24.20
C ALA F 167 -6.95 -5.17 -25.43
N ARG F 168 -7.91 -4.75 -26.24
CA ARG F 168 -7.67 -3.98 -27.45
C ARG F 168 -8.91 -3.14 -27.73
N GLY F 169 -8.70 -1.94 -28.27
CA GLY F 169 -9.80 -1.05 -28.58
C GLY F 169 -9.39 0.21 -29.32
N ASP F 170 -10.39 0.92 -29.81
CA ASP F 170 -10.17 2.15 -30.56
C ASP F 170 -10.33 3.30 -29.58
N VAL F 171 -9.50 4.30 -29.72
CA VAL F 171 -9.49 5.40 -28.79
C VAL F 171 -9.80 6.79 -29.38
N GLN F 172 -9.90 6.88 -30.70
CA GLN F 172 -10.15 8.16 -31.36
C GLN F 172 -11.29 9.07 -30.93
N GLN F 173 -12.44 8.52 -30.53
CA GLN F 173 -13.56 9.37 -30.17
C GLN F 173 -13.35 10.35 -29.03
N ILE F 174 -12.32 10.11 -28.21
CA ILE F 174 -12.03 11.01 -27.07
C ILE F 174 -11.53 12.35 -27.62
N PHE F 175 -10.92 12.28 -28.81
CA PHE F 175 -10.37 13.42 -29.53
C PHE F 175 -11.35 14.16 -30.43
N GLN F 176 -12.45 13.52 -30.79
CA GLN F 176 -13.43 14.08 -31.72
C GLN F 176 -14.42 15.09 -31.16
N GLY F 177 -14.98 15.90 -32.06
CA GLY F 177 -15.95 16.91 -31.65
C GLY F 177 -15.44 18.22 -31.04
N ARG F 178 -14.15 18.27 -30.73
CA ARG F 178 -13.54 19.47 -30.14
C ARG F 178 -12.57 20.03 -31.16
N ASN F 179 -12.61 21.36 -31.30
CA ASN F 179 -11.74 22.10 -32.24
C ASN F 179 -12.13 21.64 -33.64
N ASP F 180 -11.30 21.90 -34.62
CA ASP F 180 -11.67 21.47 -35.96
C ASP F 180 -10.32 21.29 -36.58
N PRO F 181 -9.55 20.35 -36.03
CA PRO F 181 -8.21 20.06 -36.49
C PRO F 181 -8.07 19.52 -37.87
N MET F 182 -6.93 19.80 -38.48
CA MET F 182 -6.58 19.33 -39.80
C MET F 182 -5.55 18.26 -39.57
N MET F 183 -4.76 18.43 -38.52
CA MET F 183 -3.76 17.44 -38.19
C MET F 183 -3.48 17.54 -36.70
N ILE F 184 -3.24 16.41 -36.04
CA ILE F 184 -2.99 16.34 -34.60
C ILE F 184 -1.68 15.61 -34.48
N TYR F 185 -0.74 16.21 -33.75
CA TYR F 185 0.57 15.61 -33.58
C TYR F 185 0.68 15.02 -32.19
N LEU F 186 0.78 13.70 -32.21
CA LEU F 186 0.82 12.84 -31.06
C LEU F 186 2.15 12.21 -30.74
N VAL F 187 2.31 11.87 -29.47
CA VAL F 187 3.44 11.03 -29.05
C VAL F 187 2.88 10.22 -27.89
N TRP F 188 3.03 8.89 -27.98
CA TRP F 188 2.51 7.99 -26.92
C TRP F 188 3.61 7.33 -26.11
N ARG F 189 3.34 7.18 -24.83
CA ARG F 189 4.32 6.57 -23.95
C ARG F 189 3.67 5.50 -23.06
N ARG F 190 4.48 4.54 -22.63
CA ARG F 190 4.02 3.51 -21.68
C ARG F 190 4.15 4.18 -20.30
N ILE F 191 3.10 4.14 -19.49
CA ILE F 191 3.21 4.69 -18.13
C ILE F 191 3.82 3.53 -17.33
N GLU F 192 5.12 3.60 -17.11
CA GLU F 192 5.91 2.56 -16.46
C GLU F 192 5.54 2.24 -15.01
N ASN F 193 5.00 3.20 -14.27
CA ASN F 193 4.63 2.98 -12.86
C ASN F 193 3.38 3.76 -12.61
N PHE F 194 2.26 3.06 -12.38
CA PHE F 194 0.99 3.73 -12.13
C PHE F 194 0.28 3.21 -10.86
N ALA F 195 -0.74 3.93 -10.43
CA ALA F 195 -1.49 3.59 -9.24
C ALA F 195 -2.71 2.79 -9.61
N MET F 196 -2.94 1.70 -8.87
CA MET F 196 -4.11 0.85 -9.07
C MET F 196 -5.24 1.53 -8.28
N ALA F 197 -6.50 1.18 -8.54
CA ALA F 197 -7.60 1.85 -7.82
C ALA F 197 -7.42 1.87 -6.29
N GLN F 198 -6.81 0.81 -5.79
CA GLN F 198 -6.54 0.67 -4.38
C GLN F 198 -5.40 1.56 -3.91
N GLY F 199 -4.46 1.88 -4.76
CA GLY F 199 -3.40 2.75 -4.31
C GLY F 199 -2.03 2.17 -4.48
N ASN F 200 -1.97 0.88 -4.81
CA ASN F 200 -0.69 0.22 -4.95
C ASN F 200 -0.13 0.38 -6.36
N SER F 201 1.19 0.45 -6.46
CA SER F 201 1.86 0.58 -7.74
C SER F 201 1.74 -0.65 -8.63
N GLN F 202 1.79 -0.43 -9.92
CA GLN F 202 1.73 -1.50 -10.90
C GLN F 202 2.62 -1.03 -12.08
N GLN F 203 3.19 -2.00 -12.81
CA GLN F 203 4.07 -1.68 -13.94
C GLN F 203 3.39 -2.02 -15.26
N THR F 204 3.81 -1.36 -16.32
CA THR F 204 3.30 -1.65 -17.64
C THR F 204 4.42 -2.45 -18.31
N GLN F 205 4.11 -3.67 -18.73
CA GLN F 205 5.11 -4.55 -19.37
C GLN F 205 5.33 -4.07 -20.80
N ALA F 206 6.52 -4.26 -21.34
CA ALA F 206 6.75 -3.88 -22.73
C ALA F 206 5.90 -4.81 -23.59
N GLY F 207 5.45 -4.34 -24.74
CA GLY F 207 4.65 -5.22 -25.58
C GLY F 207 3.37 -4.57 -26.04
N VAL F 208 2.99 -3.49 -25.34
CA VAL F 208 1.80 -2.73 -25.68
C VAL F 208 2.05 -2.05 -27.01
N THR F 209 1.01 -1.94 -27.82
CA THR F 209 1.14 -1.28 -29.12
C THR F 209 0.04 -0.27 -29.38
N VAL F 210 0.40 0.74 -30.17
CA VAL F 210 -0.51 1.79 -30.61
C VAL F 210 -0.37 1.78 -32.14
N SER F 211 -1.48 1.81 -32.84
CA SER F 211 -1.41 1.80 -34.29
C SER F 211 -2.37 2.85 -34.81
N VAL F 212 -1.98 3.50 -35.91
CA VAL F 212 -2.79 4.55 -36.51
C VAL F 212 -3.17 4.09 -37.90
N GLY F 213 -4.47 4.01 -38.16
CA GLY F 213 -4.95 3.55 -39.44
C GLY F 213 -4.39 2.18 -39.83
N GLY F 214 -4.20 1.31 -38.85
CA GLY F 214 -3.67 -0.02 -39.14
C GLY F 214 -2.16 -0.16 -39.10
N VAL F 215 -1.43 0.93 -39.19
CA VAL F 215 0.02 0.85 -39.15
C VAL F 215 0.58 1.09 -37.72
N ASP F 216 1.60 0.33 -37.38
CA ASP F 216 2.18 0.39 -36.06
C ASP F 216 3.08 1.57 -35.81
N MET F 217 2.83 2.30 -34.72
CA MET F 217 3.64 3.46 -34.38
C MET F 217 4.47 3.28 -33.11
N ARG F 218 5.76 3.61 -33.18
CA ARG F 218 6.66 3.53 -32.04
C ARG F 218 6.32 4.57 -30.99
N ALA F 219 6.72 4.30 -29.76
CA ALA F 219 6.45 5.23 -28.69
C ALA F 219 7.57 6.25 -28.72
N GLY F 220 7.29 7.44 -28.19
CA GLY F 220 8.27 8.50 -28.12
C GLY F 220 8.73 9.17 -29.40
N ARG F 221 7.91 9.13 -30.43
CA ARG F 221 8.20 9.72 -31.72
C ARG F 221 6.91 10.41 -32.11
N ILE F 222 7.04 11.60 -32.72
CA ILE F 222 5.88 12.37 -33.17
C ILE F 222 5.14 11.67 -34.29
N ILE F 223 3.82 11.66 -34.17
CA ILE F 223 2.97 11.04 -35.14
C ILE F 223 2.02 12.09 -35.70
N ALA F 224 1.94 12.14 -37.02
CA ALA F 224 1.04 13.04 -37.69
C ALA F 224 -0.26 12.28 -37.90
N TRP F 225 -1.28 12.64 -37.14
CA TRP F 225 -2.54 11.94 -37.25
C TRP F 225 -3.63 12.88 -37.75
N ASP F 226 -4.38 12.43 -38.75
CA ASP F 226 -5.47 13.23 -39.32
C ASP F 226 -6.69 13.35 -38.48
N GLY F 227 -6.74 12.65 -37.36
CA GLY F 227 -7.92 12.75 -36.50
C GLY F 227 -9.09 11.89 -36.92
N GLN F 228 -8.98 11.20 -38.06
CA GLN F 228 -10.07 10.35 -38.56
C GLN F 228 -9.69 8.87 -38.47
N ALA F 229 -8.49 8.54 -38.96
CA ALA F 229 -8.00 7.16 -38.95
C ALA F 229 -8.07 6.59 -37.54
N ALA F 230 -8.35 5.29 -37.44
CA ALA F 230 -8.46 4.63 -36.14
C ALA F 230 -7.18 4.60 -35.32
N LEU F 231 -7.35 4.98 -34.06
CA LEU F 231 -6.26 5.04 -33.09
C LEU F 231 -6.50 3.82 -32.23
N HIS F 232 -5.75 2.77 -32.52
CA HIS F 232 -5.93 1.48 -31.88
C HIS F 232 -4.87 1.05 -30.87
N VAL F 233 -5.29 0.88 -29.62
CA VAL F 233 -4.36 0.43 -28.58
C VAL F 233 -4.56 -1.07 -28.30
N HIS F 234 -3.47 -1.79 -28.15
CA HIS F 234 -3.51 -3.22 -27.90
C HIS F 234 -2.51 -3.64 -26.80
N ASN F 235 -3.04 -4.30 -25.76
CA ASN F 235 -2.25 -4.81 -24.64
C ASN F 235 -2.16 -6.34 -24.78
N PRO F 236 -1.12 -6.86 -25.44
CA PRO F 236 -1.00 -8.32 -25.60
C PRO F 236 -0.45 -8.98 -24.34
N THR F 237 -0.11 -8.12 -23.38
CA THR F 237 0.45 -8.48 -22.11
C THR F 237 -0.57 -9.15 -21.17
N GLN F 238 -0.02 -9.93 -20.22
CA GLN F 238 -0.86 -10.65 -19.26
C GLN F 238 -1.11 -9.91 -17.95
N GLN F 239 -0.93 -8.60 -17.98
CA GLN F 239 -1.11 -7.72 -16.81
C GLN F 239 -1.78 -6.45 -17.28
N ASN F 240 -2.28 -5.65 -16.33
CA ASN F 240 -2.88 -4.37 -16.69
C ASN F 240 -1.78 -3.44 -17.24
N ALA F 241 -2.19 -2.55 -18.14
CA ALA F 241 -1.28 -1.60 -18.76
C ALA F 241 -1.90 -0.22 -18.84
N MET F 242 -1.04 0.79 -18.87
CA MET F 242 -1.47 2.18 -19.04
C MET F 242 -0.60 2.90 -20.06
N VAL F 243 -1.21 3.63 -20.98
CA VAL F 243 -0.39 4.39 -21.94
C VAL F 243 -0.83 5.84 -21.89
N GLN F 244 0.12 6.77 -22.04
CA GLN F 244 -0.28 8.19 -22.14
C GLN F 244 -0.11 8.61 -23.58
N ILE F 245 -1.06 9.40 -24.05
CA ILE F 245 -1.01 9.93 -25.41
C ILE F 245 -1.08 11.43 -25.30
N GLN F 246 0.01 12.06 -25.70
CA GLN F 246 0.16 13.52 -25.65
C GLN F 246 -0.08 14.20 -26.99
N VAL F 247 -0.90 15.25 -26.99
CA VAL F 247 -1.12 16.06 -28.20
C VAL F 247 -0.07 17.18 -28.09
N VAL F 248 1.08 16.97 -28.74
CA VAL F 248 2.15 17.95 -28.67
C VAL F 248 1.78 19.31 -29.30
N PHE F 249 0.97 19.29 -30.35
CA PHE F 249 0.41 20.49 -30.98
C PHE F 249 -0.49 20.04 -32.09
N TYR F 250 -1.41 20.90 -32.48
CA TYR F 250 -2.32 20.57 -33.58
C TYR F 250 -2.48 21.80 -34.49
N ILE F 251 -2.97 21.59 -35.72
CA ILE F 251 -3.17 22.70 -36.64
C ILE F 251 -4.62 22.80 -37.12
N SER F 252 -5.14 24.01 -37.19
CA SER F 252 -6.48 24.20 -37.68
C SER F 252 -6.50 25.48 -38.51
N MET F 253 -7.67 25.84 -39.04
CA MET F 253 -7.83 27.05 -39.82
C MET F 253 -8.32 28.26 -39.01
N ASP F 254 -8.08 28.23 -37.71
CA ASP F 254 -8.46 29.37 -36.89
C ASP F 254 -7.22 30.27 -36.95
N LYS F 255 -7.43 31.57 -37.01
CA LYS F 255 -6.34 32.50 -37.10
C LYS F 255 -5.60 32.61 -35.80
N THR F 256 -4.27 32.68 -35.89
CA THR F 256 -3.45 32.85 -34.72
C THR F 256 -2.76 34.21 -34.82
N LEU F 257 -1.93 34.53 -33.85
CA LEU F 257 -1.21 35.79 -33.82
C LEU F 257 -0.05 35.83 -34.82
N ASN F 258 0.17 34.74 -35.56
CA ASN F 258 1.23 34.68 -36.55
C ASN F 258 0.63 34.80 -37.95
N GLN F 259 -0.57 35.35 -38.08
CA GLN F 259 -1.19 35.49 -39.41
C GLN F 259 -0.58 36.64 -40.21
N TYR F 260 0.00 37.59 -39.48
CA TYR F 260 0.61 38.75 -40.06
C TYR F 260 1.94 38.95 -39.33
N PRO F 261 3.04 39.25 -40.06
CA PRO F 261 4.34 39.43 -39.42
C PRO F 261 4.36 40.38 -38.24
N ALA F 262 4.83 39.85 -37.11
CA ALA F 262 4.93 40.56 -35.85
C ALA F 262 3.66 41.22 -35.34
N LEU F 263 2.51 40.59 -35.63
CA LEU F 263 1.21 41.11 -35.17
C LEU F 263 1.24 41.39 -33.65
N THR F 264 1.87 40.49 -32.90
CA THR F 264 1.95 40.64 -31.46
C THR F 264 2.65 41.94 -31.07
N ALA F 265 3.78 42.24 -31.71
CA ALA F 265 4.52 43.44 -31.39
C ALA F 265 3.68 44.69 -31.71
N GLU F 266 2.84 44.61 -32.76
CA GLU F 266 1.98 45.75 -33.13
C GLU F 266 0.90 45.94 -32.07
N ILE F 267 0.25 44.83 -31.71
CA ILE F 267 -0.76 44.84 -30.67
C ILE F 267 -0.15 45.42 -29.38
N PHE F 268 1.03 44.97 -29.03
CA PHE F 268 1.70 45.48 -27.83
C PHE F 268 1.89 47.00 -27.87
N ASN F 269 2.33 47.49 -29.02
CA ASN F 269 2.56 48.90 -29.23
C ASN F 269 1.27 49.69 -29.04
N VAL F 270 0.17 49.23 -29.62
CA VAL F 270 -1.15 49.88 -29.51
C VAL F 270 -1.65 49.96 -28.06
N TYR F 271 -1.50 48.88 -27.31
CA TYR F 271 -1.99 48.86 -25.93
C TYR F 271 -1.07 49.43 -24.88
N SER F 272 0.11 49.88 -25.28
CA SER F 272 1.01 50.51 -24.31
C SER F 272 0.36 51.81 -23.86
N PHE F 273 0.77 52.20 -22.66
CA PHE F 273 0.22 53.36 -22.01
C PHE F 273 0.63 54.69 -22.65
N ARG F 274 1.95 54.94 -22.69
CA ARG F 274 2.56 56.18 -23.20
C ARG F 274 2.29 57.32 -22.20
N ASP F 275 1.04 57.76 -22.16
CA ASP F 275 0.62 58.77 -21.21
C ASP F 275 -0.90 58.76 -21.22
N HIS F 276 -1.49 59.62 -20.40
CA HIS F 276 -2.93 59.67 -20.32
C HIS F 276 -3.68 60.03 -21.55
N THR F 277 -3.07 60.86 -22.38
CA THR F 277 -3.72 61.29 -23.61
C THR F 277 -3.75 60.13 -24.62
N TRP F 278 -2.63 59.46 -24.79
CA TRP F 278 -2.62 58.35 -25.73
C TRP F 278 -3.57 57.27 -25.23
N HIS F 279 -3.48 57.00 -23.94
CA HIS F 279 -4.31 56.01 -23.34
C HIS F 279 -5.79 56.36 -23.57
N GLY F 280 -6.16 57.63 -23.32
CA GLY F 280 -7.54 58.06 -23.56
C GLY F 280 -7.96 57.98 -25.02
N LEU F 281 -7.08 58.46 -25.91
CA LEU F 281 -7.34 58.47 -27.35
C LEU F 281 -7.49 57.05 -27.90
N ARG F 282 -6.53 56.19 -27.55
CA ARG F 282 -6.56 54.80 -28.01
C ARG F 282 -7.86 54.15 -27.55
N THR F 283 -8.17 54.29 -26.26
CA THR F 283 -9.42 53.74 -25.74
C THR F 283 -10.64 54.24 -26.54
N ALA F 284 -10.72 55.56 -26.75
CA ALA F 284 -11.83 56.15 -27.52
C ALA F 284 -11.94 55.61 -28.94
N ILE F 285 -10.81 55.44 -29.61
CA ILE F 285 -10.83 54.91 -30.97
C ILE F 285 -11.26 53.44 -30.95
N LEU F 286 -10.71 52.65 -30.03
CA LEU F 286 -11.07 51.23 -29.98
C LEU F 286 -12.55 50.97 -29.59
N ASN F 287 -13.17 51.93 -28.89
CA ASN F 287 -14.60 51.79 -28.50
C ASN F 287 -15.53 51.72 -29.68
N ARG F 288 -15.03 52.11 -30.83
CA ARG F 288 -15.82 52.13 -32.05
C ARG F 288 -15.57 50.88 -32.85
N THR F 289 -14.90 49.90 -32.24
CA THR F 289 -14.57 48.65 -32.92
C THR F 289 -14.97 47.43 -32.07
N THR F 290 -14.68 46.24 -32.59
CA THR F 290 -15.01 45.00 -31.87
C THR F 290 -13.82 44.52 -31.06
N LEU F 291 -12.80 45.36 -31.01
CA LEU F 291 -11.59 45.06 -30.27
C LEU F 291 -11.69 45.61 -28.86
N PRO F 292 -11.06 44.93 -27.90
CA PRO F 292 -11.11 45.44 -26.53
C PRO F 292 -10.40 46.80 -26.52
N ASN F 293 -10.89 47.71 -25.70
CA ASN F 293 -10.34 49.05 -25.65
C ASN F 293 -9.08 49.28 -24.82
N MET F 294 -8.74 48.39 -23.89
CA MET F 294 -7.49 48.62 -23.16
C MET F 294 -6.62 47.43 -22.81
N LEU F 295 -7.08 46.23 -23.15
CA LEU F 295 -6.28 45.04 -22.91
C LEU F 295 -6.33 44.24 -24.19
N PRO F 296 -5.18 43.66 -24.59
CA PRO F 296 -5.11 42.86 -25.81
C PRO F 296 -6.19 41.78 -25.77
N PRO F 297 -6.74 41.44 -26.93
CA PRO F 297 -7.78 40.41 -27.01
C PRO F 297 -7.26 39.02 -26.53
N ILE F 298 -8.16 38.15 -26.12
CA ILE F 298 -7.77 36.83 -25.65
C ILE F 298 -7.55 35.98 -26.87
N PHE F 299 -8.45 36.09 -27.83
CA PHE F 299 -8.33 35.32 -29.06
C PHE F 299 -7.95 36.27 -30.14
N PRO F 300 -7.06 35.84 -31.05
CA PRO F 300 -6.61 36.68 -32.15
C PRO F 300 -7.76 37.09 -33.06
N PRO F 301 -7.75 38.34 -33.53
CA PRO F 301 -8.81 38.86 -34.43
C PRO F 301 -8.67 38.10 -35.73
N ASN F 302 -9.71 38.09 -36.56
CA ASN F 302 -9.58 37.33 -37.80
C ASN F 302 -10.13 37.99 -39.05
N ASP F 303 -10.56 39.24 -38.94
CA ASP F 303 -11.11 39.96 -40.08
C ASP F 303 -10.21 41.12 -40.46
N ARG F 304 -10.33 41.52 -41.72
CA ARG F 304 -9.56 42.61 -42.29
C ARG F 304 -9.62 43.89 -41.44
N ASP F 305 -10.82 44.30 -41.05
CA ASP F 305 -10.97 45.53 -40.29
C ASP F 305 -10.17 45.61 -39.00
N SER F 306 -10.26 44.57 -38.18
CA SER F 306 -9.54 44.55 -36.92
C SER F 306 -8.06 44.60 -37.15
N ILE F 307 -7.56 43.75 -38.05
CA ILE F 307 -6.14 43.74 -38.32
C ILE F 307 -5.64 45.10 -38.81
N LEU F 308 -6.38 45.68 -39.76
CA LEU F 308 -6.02 46.98 -40.32
C LEU F 308 -5.97 48.04 -39.24
N THR F 309 -7.04 48.11 -38.47
CA THR F 309 -7.13 49.08 -37.38
C THR F 309 -5.94 48.97 -36.42
N LEU F 310 -5.53 47.75 -36.12
CA LEU F 310 -4.39 47.54 -35.23
C LEU F 310 -3.15 48.08 -35.88
N LEU F 311 -2.90 47.70 -37.15
CA LEU F 311 -1.71 48.19 -37.85
C LEU F 311 -1.68 49.71 -37.96
N LEU F 312 -2.80 50.27 -38.38
CA LEU F 312 -2.95 51.70 -38.52
C LEU F 312 -2.75 52.42 -37.16
N LEU F 313 -3.34 51.89 -36.09
CA LEU F 313 -3.18 52.49 -34.77
C LEU F 313 -1.75 52.38 -34.26
N SER F 314 -1.07 51.29 -34.55
CA SER F 314 0.32 51.10 -34.13
C SER F 314 1.21 52.17 -34.75
N THR F 315 1.02 52.40 -36.05
CA THR F 315 1.77 53.44 -36.74
C THR F 315 1.41 54.81 -36.12
N LEU F 316 0.12 55.08 -35.90
CA LEU F 316 -0.25 56.35 -35.29
C LEU F 316 0.43 56.54 -33.94
N ALA F 317 0.66 55.43 -33.22
CA ALA F 317 1.32 55.53 -31.90
C ALA F 317 2.75 55.98 -32.11
N ASP F 318 3.38 55.48 -33.17
CA ASP F 318 4.75 55.90 -33.45
C ASP F 318 4.79 57.38 -33.80
N VAL F 319 3.82 57.83 -34.60
CA VAL F 319 3.75 59.25 -34.96
C VAL F 319 3.58 60.06 -33.68
N TYR F 320 2.69 59.60 -32.80
CA TYR F 320 2.44 60.28 -31.54
C TYR F 320 3.74 60.44 -30.78
N THR F 321 4.49 59.36 -30.75
CA THR F 321 5.75 59.36 -30.08
C THR F 321 6.75 60.39 -30.64
N VAL F 322 6.84 60.53 -31.97
CA VAL F 322 7.77 61.53 -32.51
C VAL F 322 7.25 62.97 -32.49
N LEU F 323 5.96 63.19 -32.81
CA LEU F 323 5.38 64.55 -32.77
C LEU F 323 5.13 65.13 -31.37
N ARG F 324 4.98 64.26 -30.36
CA ARG F 324 4.71 64.67 -28.97
C ARG F 324 3.61 65.71 -28.86
N PRO F 325 2.42 65.45 -29.44
CA PRO F 325 1.36 66.45 -29.34
C PRO F 325 0.78 66.58 -27.94
N GLU F 326 0.09 67.68 -27.68
CA GLU F 326 -0.53 67.97 -26.38
C GLU F 326 -1.88 68.56 -26.62
N PHE F 327 -2.91 67.82 -26.26
CA PHE F 327 -4.25 68.31 -26.42
C PHE F 327 -5.12 67.64 -25.39
N ALA F 328 -6.36 68.10 -25.27
CA ALA F 328 -7.30 67.59 -24.28
C ALA F 328 -8.33 66.60 -24.80
N ILE F 329 -8.63 65.60 -23.97
CA ILE F 329 -9.62 64.58 -24.30
C ILE F 329 -10.66 64.59 -23.16
N HIS F 330 -11.93 64.57 -23.52
CA HIS F 330 -13.00 64.61 -22.50
C HIS F 330 -12.87 63.49 -21.50
N GLY F 331 -12.89 63.85 -20.22
CA GLY F 331 -12.80 62.85 -19.18
C GLY F 331 -11.42 62.40 -18.80
N VAL F 332 -10.39 62.90 -19.48
CA VAL F 332 -9.02 62.53 -19.18
C VAL F 332 -8.38 63.64 -18.36
N ASN F 333 -7.73 63.26 -17.27
CA ASN F 333 -7.09 64.22 -16.39
C ASN F 333 -5.60 63.94 -16.11
N PRO F 334 -4.69 64.60 -16.86
CA PRO F 334 -3.23 64.47 -16.77
C PRO F 334 -2.51 64.62 -15.44
N MET F 335 -1.51 63.77 -15.27
CA MET F 335 -0.68 63.78 -14.09
C MET F 335 0.72 64.01 -14.61
N PRO F 336 1.28 65.18 -14.27
CA PRO F 336 2.63 65.67 -14.64
C PRO F 336 3.75 64.59 -14.54
N GLY F 337 3.58 63.67 -13.60
CA GLY F 337 4.52 62.58 -13.45
C GLY F 337 5.72 62.69 -12.51
N PRO F 338 6.96 62.49 -13.03
CA PRO F 338 7.24 62.17 -14.43
C PRO F 338 6.74 60.84 -15.07
N LEU F 339 5.73 60.18 -14.46
CA LEU F 339 5.15 58.92 -14.98
C LEU F 339 5.94 57.68 -14.62
N THR F 340 5.25 56.76 -13.97
CA THR F 340 5.85 55.55 -13.47
C THR F 340 5.01 54.36 -13.82
N ARG F 341 5.57 53.18 -13.55
CA ARG F 341 4.83 51.96 -13.83
C ARG F 341 3.55 51.90 -13.00
N ALA F 342 3.63 52.39 -11.77
CA ALA F 342 2.48 52.39 -10.86
C ALA F 342 1.34 53.23 -11.41
N ILE F 343 1.69 54.40 -11.92
CA ILE F 343 0.72 55.30 -12.50
C ILE F 343 0.11 54.72 -13.79
N ALA F 344 0.96 54.11 -14.62
CA ALA F 344 0.52 53.48 -15.85
C ALA F 344 -0.49 52.38 -15.53
N ARG F 345 -0.09 51.48 -14.62
CA ARG F 345 -0.93 50.36 -14.21
C ARG F 345 -2.31 50.79 -13.72
N ALA F 346 -2.34 51.88 -12.95
CA ALA F 346 -3.60 52.38 -12.40
C ALA F 346 -4.57 52.89 -13.45
N ALA F 347 -4.05 53.24 -14.61
CA ALA F 347 -4.88 53.79 -15.67
C ALA F 347 -5.71 52.76 -16.39
N TYR F 348 -5.39 51.49 -16.18
CA TYR F 348 -6.11 50.40 -16.84
C TYR F 348 -7.32 49.92 -16.06
N VAL F 349 -8.04 50.91 -15.54
CA VAL F 349 -9.23 50.71 -14.72
C VAL F 349 -8.80 50.04 -13.41
#